data_7PMC
#
_entry.id   7PMC
#
_cell.length_a   1.00
_cell.length_b   1.00
_cell.length_c   1.00
_cell.angle_alpha   90.00
_cell.angle_beta   90.00
_cell.angle_gamma   90.00
#
_symmetry.space_group_name_H-M   'P 1'
#
loop_
_entity.id
_entity.type
_entity.pdbx_description
1 polymer Phalloidin
2 polymer 'Myosin light chain 6B'
3 polymer 'Unconventional myosin-Va'
4 polymer 'Actin, alpha skeletal muscle'
5 non-polymer 'MAGNESIUM ION'
6 non-polymer "ADENOSINE-5'-DIPHOSPHATE"
#
loop_
_entity_poly.entity_id
_entity_poly.type
_entity_poly.pdbx_seq_one_letter_code
_entity_poly.pdbx_strand_id
1 'polypeptide(L)' W(EEP)A(DTH)C(HYP)A H
2 'polypeptide(L)'
;MIEFNKDQLEEFKEAFELFDRVGDGKILYSQCGDVMRALGQNPTNAEVLKVLGNPKSDELKSRRVDFETFLPMLQAVAKN
RGQGTYEDYLEGFRVFDKEGNGKVMGAELRHVLTTLGEKMTEEEVETVLAGHEDSNGCINYEAFLKHILSV
;
B
3 'polypeptide(L)'
;MAASELYTKYARVWIPDPEEVWKSAELLKDYKPGDKVLQLRLEEGKDLEYCLDPKTKELPPLRNPDILVGENDLTALSYL
HEPAVLHNLKVRFIDSKLIYTYCGIVLVAINPYEQLPIYGEDIINAYSGQNMGDMDPHIFAVAEEAYKQMARDERNQSII
VSGESGAGKTVSAKYAMRYFATVSGSASEANVEEKVLASNPIMESIGNAKTTRNDNSSRFGKYIEIGFDKRYRIIGANMR
TYLLEKSRVVFQAEEERNYHIFYQLCASAALPEFKTLRLGNANYFHYTKQGGSPVIDGIDDAKEMVNTRQACTLLGISDS
YQMGIFRILAGILHLGNVEFASRDSDSCAIPPKHDPLTIFCDLMGVDYEEMAHWLCHRKLATATETYIKPISKLHAINAR
DALAKHIYANLFNWIVDHVNKALHSTVKQHSFIGVLDIYGFETFEINSFEQFCINYANEKLQQQFNMHVFKLEQEEYMKE
QIPWTLIDFYDNQPCINLIEAKMGVLDLLDEECKMPKGSDDTWAQKLYNTHLNKCALFEKPRLSNKAFIIKHFADKVEYQ
CEGFLEKNKDTVYEEQIKVLKSSKKFKLLPELFQDEEKAISPTSATPSGRVPLSRTPVKPAKARPGQTSKEHKKTVGHQF
RNSLHLLMETLNATTPHYVRCIKPNDFKFPFTFDEKRAVQQLRACGVLETIRISAAGFPSRWTYQEFFSRYRVLMKQKDV
LSDRKQTCKNVLEKLILDKDKYQFGKTKIFFRAGQVAYLEKIRADKLRAACIRIQKTIRGWLMRKKYMRMRR
;
A
4 'polypeptide(L)'
;MCDEDETTALVCDNGSGLVKAGFAGDDAPRAVFPSIVGRPRHQGVMVGMGQKDSYVGDEAQSKRGILTLKYPIE(HIC)G
IITNWDDMEKIWHHTFYNELRVAPEEHPTLLTEAPLNPKANREKMTQIMFETFNVPAMYVAIQAVLSLYASGRTTGIVLD
SGDGVTHNVPIYEGYALPHAIMRLDLAGRDLTDYLMKILTERGYSFVTTAEREIVRDIKEKLCYVALDFENEMATAASSS
SLEKSYELPDGQVITIGNERFRCPETLFQPSFIGMESAGIHETTYNSIMKCDIDIRKDLYANNVMSGGTTMYPGIADRMQ
KEITALAPSTMKIKIIAPPERKYSVWIGGSILASLSTFQQMWITKQEYDEAGPSIVHRKCF
;
C
#
loop_
_chem_comp.id
_chem_comp.type
_chem_comp.name
_chem_comp.formula
ADP non-polymer ADENOSINE-5'-DIPHOSPHATE 'C10 H15 N5 O10 P2'
MG non-polymer 'MAGNESIUM ION' 'Mg 2'
#
# COMPACT_ATOMS: atom_id res chain seq x y z
N TRP A 1 -21.65 -20.24 -49.48
CA TRP A 1 -21.26 -18.94 -49.94
C TRP A 1 -22.20 -18.20 -50.76
CG EEP A 2 -23.83 -15.20 -52.30
CB EEP A 2 -22.51 -15.79 -52.66
CA EEP A 2 -22.75 -17.24 -52.87
N EEP A 2 -21.88 -17.97 -52.02
C EEP A 2 -22.28 -17.60 -54.19
O EEP A 2 -22.91 -17.29 -55.16
O1 EEP A 2 -24.80 -16.22 -52.17
CD1 EEP A 2 -23.71 -14.42 -51.02
CD2 EEP A 2 -24.25 -14.28 -53.41
O2 EEP A 2 -24.48 -13.23 -51.13
N ALA A 3 -21.16 -18.28 -54.30
CA ALA A 3 -20.74 -18.62 -55.64
C ALA A 3 -20.02 -19.91 -55.61
N DTH A 4 -18.70 -19.91 -55.67
CA DTH A 4 -17.84 -21.07 -55.68
CB DTH A 4 -17.92 -21.62 -57.07
CG2 DTH A 4 -17.73 -20.45 -58.05
OG1 DTH A 4 -19.20 -22.20 -57.26
C DTH A 4 -18.17 -22.17 -54.71
O DTH A 4 -17.46 -23.15 -54.71
N CYS A 5 -19.19 -22.11 -53.85
CA CYS A 5 -19.50 -23.19 -52.92
C CYS A 5 -20.96 -23.09 -52.53
N HYP A 6 -21.58 -24.14 -52.00
CA HYP A 6 -22.98 -24.21 -51.59
C HYP A 6 -23.31 -23.29 -50.44
O HYP A 6 -24.44 -22.89 -50.35
CB HYP A 6 -23.26 -25.63 -51.12
CG HYP A 6 -21.88 -26.14 -50.77
CD HYP A 6 -20.95 -25.43 -51.73
OD1 HYP A 6 -21.80 -27.52 -50.93
N ALA A 7 -22.35 -22.94 -49.54
CA ALA A 7 -22.93 -22.04 -48.52
C ALA A 7 -22.77 -20.63 -48.90
N PHE B 4 18.62 75.33 39.70
CA PHE B 4 19.19 75.24 41.04
C PHE B 4 19.99 76.49 41.35
N ASN B 5 19.78 77.04 42.54
CA ASN B 5 20.54 78.20 43.01
C ASN B 5 21.85 77.84 43.69
N LYS B 6 22.62 78.89 43.96
CA LYS B 6 23.95 78.79 44.58
C LYS B 6 23.90 78.06 45.91
N ASP B 7 22.87 78.34 46.72
CA ASP B 7 22.73 77.70 48.02
C ASP B 7 22.59 76.19 47.88
N GLN B 8 21.73 75.76 46.96
CA GLN B 8 21.61 74.32 46.72
C GLN B 8 22.95 73.74 46.30
N LEU B 9 23.65 74.43 45.39
CA LEU B 9 24.95 73.96 44.95
C LEU B 9 25.94 73.87 46.10
N GLU B 10 25.85 74.77 47.08
CA GLU B 10 26.74 74.74 48.23
C GLU B 10 26.41 73.54 49.12
N GLU B 11 25.11 73.31 49.33
CA GLU B 11 24.66 72.18 50.14
C GLU B 11 25.07 70.88 49.46
N PHE B 12 24.94 70.84 48.13
CA PHE B 12 25.28 69.66 47.38
C PHE B 12 26.78 69.42 47.44
N LYS B 13 27.57 70.49 47.39
CA LYS B 13 29.02 70.32 47.44
C LYS B 13 29.42 69.78 48.81
N GLU B 14 28.79 70.30 49.87
CA GLU B 14 29.10 69.83 51.23
C GLU B 14 28.78 68.34 51.35
N ALA B 15 27.59 67.95 50.90
CA ALA B 15 27.20 66.55 50.91
C ALA B 15 28.21 65.73 50.12
N PHE B 16 28.54 66.19 48.91
CA PHE B 16 29.51 65.54 48.07
C PHE B 16 30.83 65.31 48.81
N GLU B 17 31.27 66.31 49.56
CA GLU B 17 32.54 66.18 50.27
C GLU B 17 32.44 65.16 51.39
N LEU B 18 31.24 65.04 51.99
CA LEU B 18 31.01 64.00 53.00
C LEU B 18 31.17 62.58 52.45
N PHE B 19 30.89 62.37 51.16
CA PHE B 19 31.01 61.06 50.52
C PHE B 19 32.40 60.74 50.01
N ASP B 20 33.33 61.68 50.10
CA ASP B 20 34.70 61.46 49.67
C ASP B 20 35.47 60.61 50.68
N ARG B 21 35.73 59.36 50.31
CA ARG B 21 36.41 58.37 51.13
C ARG B 21 37.90 58.29 50.80
N VAL B 22 38.41 59.23 50.01
CA VAL B 22 39.80 59.23 49.59
C VAL B 22 40.49 60.53 49.98
N GLY B 23 39.74 61.56 50.39
CA GLY B 23 40.27 62.84 50.83
C GLY B 23 40.60 63.89 49.79
N ASP B 24 40.43 63.64 48.49
CA ASP B 24 40.77 64.68 47.54
C ASP B 24 39.61 65.64 47.25
N GLY B 25 38.53 65.57 48.02
CA GLY B 25 37.38 66.42 47.78
C GLY B 25 36.58 65.99 46.57
N LYS B 26 36.74 64.75 46.15
CA LYS B 26 36.17 64.20 44.93
C LYS B 26 35.45 62.90 45.24
N ILE B 27 34.57 62.50 44.33
CA ILE B 27 34.01 61.15 44.37
C ILE B 27 34.43 60.43 43.10
N LEU B 28 34.19 59.12 43.10
CA LEU B 28 34.41 58.33 41.90
C LEU B 28 33.23 58.49 40.94
N TYR B 29 33.49 58.26 39.65
CA TYR B 29 32.41 58.14 38.68
C TYR B 29 31.38 57.13 39.14
N SER B 30 31.84 56.03 39.76
CA SER B 30 30.92 54.99 40.20
C SER B 30 30.08 55.45 41.38
N GLN B 31 30.54 56.48 42.07
CA GLN B 31 29.79 57.11 43.15
C GLN B 31 28.85 58.20 42.67
N CYS B 32 29.01 58.65 41.42
CA CYS B 32 28.21 59.76 40.92
C CYS B 32 26.71 59.47 41.03
N GLY B 33 26.31 58.27 40.59
CA GLY B 33 24.90 57.89 40.71
C GLY B 33 24.42 57.89 42.15
N ASP B 34 25.25 57.38 43.06
CA ASP B 34 24.87 57.35 44.47
C ASP B 34 24.66 58.75 45.00
N VAL B 35 25.56 59.68 44.63
CA VAL B 35 25.42 61.05 45.10
C VAL B 35 24.19 61.72 44.48
N MET B 36 23.94 61.50 43.19
CA MET B 36 22.76 62.11 42.57
C MET B 36 21.49 61.62 43.24
N ARG B 37 21.40 60.33 43.51
CA ARG B 37 20.21 59.79 44.15
C ARG B 37 20.09 60.27 45.60
N ALA B 38 21.22 60.31 46.31
CA ALA B 38 21.27 60.84 47.67
C ALA B 38 20.85 62.31 47.75
N LEU B 39 21.01 63.06 46.66
CA LEU B 39 20.68 64.47 46.62
C LEU B 39 19.29 64.74 46.07
N GLY B 40 18.46 63.72 45.91
CA GLY B 40 17.08 63.86 45.51
C GLY B 40 16.77 63.54 44.06
N GLN B 41 17.79 63.24 43.25
CA GLN B 41 17.52 62.85 41.88
C GLN B 41 17.17 61.36 41.85
N ASN B 42 16.41 60.96 40.85
CA ASN B 42 16.07 59.55 40.65
C ASN B 42 16.40 59.09 39.24
N PRO B 43 17.68 59.13 38.85
CA PRO B 43 18.05 58.72 37.50
C PRO B 43 18.14 57.21 37.36
N THR B 44 17.81 56.73 36.17
CA THR B 44 18.09 55.34 35.84
C THR B 44 19.60 55.11 35.85
N ASN B 45 20.00 53.85 36.06
CA ASN B 45 21.41 53.53 35.88
C ASN B 45 21.85 53.87 34.47
N ALA B 46 20.95 53.71 33.49
CA ALA B 46 21.25 54.04 32.11
C ALA B 46 21.52 55.53 31.97
N GLU B 47 20.65 56.36 32.58
CA GLU B 47 20.84 57.80 32.54
C GLU B 47 22.15 58.20 33.20
N VAL B 48 22.50 57.53 34.31
CA VAL B 48 23.76 57.86 34.98
C VAL B 48 24.94 57.53 34.08
N LEU B 49 24.93 56.36 33.45
CA LEU B 49 26.05 56.03 32.57
C LEU B 49 26.10 56.95 31.36
N LYS B 50 24.92 57.35 30.86
CA LYS B 50 24.87 58.28 29.73
C LYS B 50 25.45 59.64 30.07
N VAL B 51 25.04 60.22 31.19
CA VAL B 51 25.60 61.50 31.61
C VAL B 51 27.06 61.37 31.99
N LEU B 52 27.50 60.19 32.40
CA LEU B 52 28.93 60.02 32.64
C LEU B 52 29.72 59.82 31.36
N GLY B 53 29.04 59.57 30.23
CA GLY B 53 29.74 59.39 28.98
C GLY B 53 30.10 57.95 28.71
N ASN B 54 29.30 57.00 29.24
CA ASN B 54 29.59 55.57 29.18
C ASN B 54 31.06 55.40 29.56
N PRO B 55 31.43 55.70 30.80
CA PRO B 55 32.84 55.62 31.18
C PRO B 55 33.32 54.19 31.17
N LYS B 56 34.63 54.03 30.98
CA LYS B 56 35.17 52.70 31.09
C LYS B 56 35.35 52.34 32.56
N SER B 57 35.42 51.04 32.84
CA SER B 57 35.58 50.51 34.18
C SER B 57 36.65 51.26 34.97
N ASP B 58 37.78 51.54 34.32
CA ASP B 58 38.93 52.11 35.03
C ASP B 58 38.63 53.51 35.54
N GLU B 59 38.08 54.36 34.68
CA GLU B 59 37.79 55.70 35.15
C GLU B 59 36.55 55.72 36.02
N LEU B 60 35.62 54.78 35.80
CA LEU B 60 34.47 54.71 36.68
C LEU B 60 34.91 54.38 38.10
N LYS B 61 35.95 53.56 38.24
CA LYS B 61 36.37 53.09 39.56
C LYS B 61 37.46 53.95 40.16
N SER B 62 38.16 54.76 39.37
CA SER B 62 39.32 55.47 39.90
C SER B 62 39.43 56.93 39.50
N ARG B 63 38.79 57.38 38.43
CA ARG B 63 38.84 58.79 38.10
C ARG B 63 37.97 59.57 39.08
N ARG B 64 38.53 60.65 39.64
CA ARG B 64 37.83 61.40 40.66
C ARG B 64 37.52 62.80 40.14
N VAL B 65 36.32 63.28 40.43
CA VAL B 65 35.87 64.59 39.98
C VAL B 65 35.39 65.40 41.18
N ASP B 66 35.70 66.70 41.17
CA ASP B 66 35.19 67.61 42.17
C ASP B 66 33.77 68.04 41.81
N PHE B 67 33.15 68.79 42.72
CA PHE B 67 31.76 69.21 42.54
C PHE B 67 31.59 69.98 41.22
N GLU B 68 32.59 70.77 40.84
CA GLU B 68 32.45 71.68 39.71
C GLU B 68 32.31 70.91 38.40
N THR B 69 32.96 69.76 38.29
CA THR B 69 32.86 68.94 37.08
C THR B 69 31.58 68.12 37.12
N PHE B 70 31.18 67.71 38.32
CA PHE B 70 29.93 66.99 38.54
C PHE B 70 28.72 67.82 38.14
N LEU B 71 28.77 69.12 38.40
CA LEU B 71 27.58 69.98 38.28
C LEU B 71 26.87 69.94 36.92
N PRO B 72 27.52 70.16 35.77
CA PRO B 72 26.78 70.02 34.50
C PRO B 72 26.05 68.68 34.38
N MET B 73 26.65 67.61 34.90
CA MET B 73 26.03 66.29 34.85
C MET B 73 24.80 66.23 35.75
N LEU B 74 24.91 66.76 36.97
CA LEU B 74 23.76 66.86 37.86
C LEU B 74 22.61 67.63 37.21
N GLN B 75 22.92 68.79 36.63
CA GLN B 75 21.88 69.55 35.92
C GLN B 75 21.23 68.69 34.84
N ALA B 76 22.04 68.03 34.02
CA ALA B 76 21.52 67.26 32.90
C ALA B 76 20.62 66.14 33.38
N VAL B 77 21.03 65.46 34.46
CA VAL B 77 20.20 64.42 35.07
C VAL B 77 18.90 65.00 35.62
N ALA B 78 18.96 66.15 36.28
CA ALA B 78 17.75 66.75 36.85
C ALA B 78 16.74 67.12 35.78
N LYS B 79 17.21 67.56 34.62
CA LYS B 79 16.31 67.94 33.54
C LYS B 79 16.03 66.77 32.60
N TYR B 86 3.37 60.59 38.82
CA TYR B 86 2.92 59.70 39.88
C TYR B 86 1.96 58.64 39.32
N GLU B 87 1.17 59.03 38.33
CA GLU B 87 0.16 58.11 37.80
C GLU B 87 0.79 56.92 37.07
N ASP B 88 1.91 57.14 36.38
CA ASP B 88 2.59 56.00 35.78
C ASP B 88 3.18 55.08 36.85
N TYR B 89 3.76 55.66 37.91
CA TYR B 89 4.31 54.83 38.97
C TYR B 89 3.20 54.03 39.65
N LEU B 90 2.02 54.63 39.77
CA LEU B 90 0.92 53.91 40.40
C LEU B 90 0.50 52.74 39.51
N GLU B 91 0.36 52.97 38.21
CA GLU B 91 -0.02 51.87 37.34
C GLU B 91 1.08 50.80 37.37
N GLY B 92 2.33 51.25 37.41
CA GLY B 92 3.45 50.34 37.58
C GLY B 92 3.34 49.46 38.81
N PHE B 93 2.85 50.02 39.92
CA PHE B 93 2.61 49.18 41.07
C PHE B 93 1.40 48.28 40.89
N ARG B 94 0.39 48.75 40.15
CA ARG B 94 -0.78 47.90 39.92
C ARG B 94 -0.44 46.74 39.01
N VAL B 95 0.69 46.85 38.30
CA VAL B 95 1.22 45.74 37.52
C VAL B 95 1.48 44.52 38.41
N PHE B 96 2.02 44.75 39.60
CA PHE B 96 2.48 43.68 40.47
C PHE B 96 1.49 43.32 41.57
N ASP B 97 0.27 43.85 41.51
CA ASP B 97 -0.75 43.55 42.51
C ASP B 97 -1.15 42.08 42.43
N GLY B 100 -6.59 41.97 43.31
CA GLY B 100 -6.57 43.41 43.14
C GLY B 100 -6.99 44.16 44.38
N ASN B 101 -6.52 43.67 45.54
CA ASN B 101 -6.92 44.20 46.83
C ASN B 101 -5.96 45.27 47.35
N GLY B 102 -5.10 45.82 46.50
CA GLY B 102 -4.22 46.88 46.90
C GLY B 102 -2.98 46.39 47.63
N LYS B 103 -2.67 45.11 47.50
CA LYS B 103 -1.55 44.47 48.16
C LYS B 103 -0.62 43.87 47.10
N VAL B 104 0.56 43.45 47.54
CA VAL B 104 1.51 42.77 46.65
C VAL B 104 2.26 41.72 47.44
N MET B 105 2.32 40.50 46.90
CA MET B 105 3.12 39.45 47.53
C MET B 105 4.57 39.89 47.66
N GLY B 106 5.20 39.56 48.78
CA GLY B 106 6.62 39.83 48.94
C GLY B 106 7.50 38.96 48.07
N ALA B 107 7.13 37.68 47.94
CA ALA B 107 7.86 36.74 47.09
C ALA B 107 7.88 37.13 45.62
N GLU B 108 6.74 37.56 45.07
CA GLU B 108 6.72 37.89 43.64
C GLU B 108 7.52 39.16 43.35
N LEU B 109 7.32 40.20 44.16
CA LEU B 109 8.12 41.41 44.00
C LEU B 109 9.60 41.12 44.18
N ARG B 110 9.95 40.29 45.16
CA ARG B 110 11.35 39.92 45.37
C ARG B 110 11.92 39.23 44.14
N HIS B 111 11.18 38.28 43.59
CA HIS B 111 11.67 37.56 42.42
C HIS B 111 11.87 38.49 41.24
N VAL B 112 10.89 39.35 40.95
CA VAL B 112 11.02 40.17 39.75
C VAL B 112 12.10 41.22 39.93
N LEU B 113 12.22 41.78 41.13
CA LEU B 113 13.23 42.81 41.35
C LEU B 113 14.64 42.22 41.37
N THR B 114 14.79 40.96 41.81
CA THR B 114 16.12 40.36 41.81
C THR B 114 16.47 39.56 40.56
N THR B 115 15.52 39.33 39.66
CA THR B 115 15.82 38.53 38.48
C THR B 115 15.45 39.19 37.17
N LEU B 116 14.55 40.17 37.19
CA LEU B 116 14.15 40.95 36.03
C LEU B 116 14.58 42.40 36.20
N GLY B 117 14.51 43.14 35.09
CA GLY B 117 14.80 44.56 35.09
C GLY B 117 16.18 44.89 35.59
N GLU B 118 16.29 45.91 36.43
CA GLU B 118 17.57 46.33 36.99
C GLU B 118 17.83 45.62 38.31
N LYS B 119 18.30 44.38 38.20
CA LYS B 119 18.34 43.47 39.35
C LYS B 119 19.11 44.10 40.49
N MET B 120 18.56 44.03 41.70
CA MET B 120 19.27 44.54 42.88
C MET B 120 19.93 43.41 43.67
N THR B 121 20.79 43.82 44.60
CA THR B 121 21.43 42.90 45.54
C THR B 121 20.44 42.51 46.63
N GLU B 122 20.71 41.36 47.28
CA GLU B 122 19.86 40.94 48.38
C GLU B 122 19.89 41.93 49.53
N GLU B 123 21.01 42.65 49.72
CA GLU B 123 21.08 43.60 50.81
C GLU B 123 20.26 44.84 50.50
N GLU B 124 20.34 45.31 49.24
CA GLU B 124 19.49 46.41 48.80
C GLU B 124 18.03 46.05 48.93
N VAL B 125 17.66 44.83 48.52
CA VAL B 125 16.25 44.45 48.56
C VAL B 125 15.79 44.33 50.00
N GLU B 126 16.64 43.79 50.87
CA GLU B 126 16.27 43.67 52.26
C GLU B 126 16.10 45.04 52.92
N THR B 127 16.93 46.02 52.53
CA THR B 127 16.76 47.38 53.03
C THR B 127 15.53 48.10 52.46
N VAL B 128 15.15 47.85 51.21
CA VAL B 128 13.92 48.49 50.72
C VAL B 128 12.68 47.83 51.33
N LEU B 129 12.65 46.49 51.40
CA LEU B 129 11.46 45.78 51.83
C LEU B 129 11.33 45.67 53.34
N ALA B 130 12.34 46.10 54.10
CA ALA B 130 12.29 45.93 55.55
C ALA B 130 11.12 46.70 56.11
N GLY B 131 10.25 46.02 56.85
CA GLY B 131 9.11 46.66 57.45
C GLY B 131 7.89 46.80 56.59
N HIS B 132 7.93 46.37 55.32
CA HIS B 132 6.80 46.56 54.43
C HIS B 132 5.92 45.34 54.27
N GLU B 133 6.39 44.16 54.67
CA GLU B 133 5.54 42.98 54.56
C GLU B 133 4.91 42.68 55.91
N ASP B 134 3.69 42.17 55.88
CA ASP B 134 2.97 41.91 57.11
C ASP B 134 3.19 40.46 57.52
N SER B 135 2.39 39.93 58.44
CA SER B 135 2.62 38.58 58.92
C SER B 135 2.25 37.54 57.86
N ASN B 136 1.17 37.82 57.12
CA ASN B 136 0.83 37.01 55.95
C ASN B 136 1.84 37.15 54.83
N GLY B 137 2.68 38.19 54.85
CA GLY B 137 3.57 38.45 53.74
C GLY B 137 2.93 39.21 52.61
N CYS B 138 2.24 40.31 52.92
CA CYS B 138 1.61 41.14 51.89
C CYS B 138 2.08 42.58 52.06
N ILE B 139 2.30 43.25 50.94
CA ILE B 139 2.75 44.64 50.94
C ILE B 139 1.66 45.53 50.36
N ASN B 140 1.27 46.55 51.14
CA ASN B 140 0.46 47.66 50.67
C ASN B 140 1.27 48.51 49.71
N TYR B 141 0.98 48.46 48.41
CA TYR B 141 1.89 49.11 47.48
C TYR B 141 1.67 50.61 47.49
N GLU B 142 0.46 51.07 47.83
CA GLU B 142 0.25 52.50 47.98
C GLU B 142 1.08 53.01 49.16
N ALA B 143 1.12 52.21 50.23
CA ALA B 143 1.93 52.54 51.40
C ALA B 143 3.40 52.41 51.09
N PHE B 144 3.79 51.36 50.36
CA PHE B 144 5.20 51.23 49.97
C PHE B 144 5.59 52.41 49.10
N LEU B 145 4.66 52.91 48.29
CA LEU B 145 4.97 54.01 47.39
C LEU B 145 5.14 55.28 48.21
N LYS B 146 4.22 55.53 49.14
CA LYS B 146 4.36 56.70 50.00
C LYS B 146 5.69 56.65 50.73
N HIS B 147 6.06 55.47 51.21
CA HIS B 147 7.32 55.27 51.93
C HIS B 147 8.52 55.63 51.05
N ILE B 148 8.53 55.11 49.83
CA ILE B 148 9.65 55.34 48.92
C ILE B 148 9.62 56.74 48.32
N LEU B 149 8.53 57.48 48.52
CA LEU B 149 8.45 58.85 48.06
C LEU B 149 8.84 59.81 49.17
N SER B 150 8.85 59.32 50.41
CA SER B 150 9.15 60.12 51.59
C SER B 150 10.52 60.77 51.49
N GLU C 5 7.23 42.71 6.46
CA GLU C 5 8.61 42.30 6.69
C GLU C 5 9.23 43.15 7.79
N LEU C 6 9.60 42.53 8.90
CA LEU C 6 10.52 43.18 9.83
C LEU C 6 11.39 42.12 10.51
N TYR C 7 12.70 42.23 10.33
CA TYR C 7 13.66 41.46 11.11
C TYR C 7 14.75 42.41 11.55
N THR C 8 15.01 42.45 12.85
CA THR C 8 16.07 43.33 13.29
C THR C 8 17.42 42.65 13.10
N LYS C 9 18.46 43.48 13.04
CA LYS C 9 19.80 43.08 13.46
C LYS C 9 19.73 42.40 14.83
N TYR C 10 20.47 41.30 14.97
CA TYR C 10 20.37 40.36 16.11
C TYR C 10 18.98 39.75 16.31
N ALA C 11 18.37 39.32 15.21
CA ALA C 11 17.39 38.24 15.22
C ALA C 11 18.08 36.95 14.80
N ARG C 12 17.40 35.82 14.96
CA ARG C 12 17.99 34.57 14.54
C ARG C 12 17.16 33.83 13.50
N VAL C 13 17.88 33.17 12.61
CA VAL C 13 17.41 32.73 11.30
C VAL C 13 18.14 31.45 10.94
N TRP C 14 17.53 30.64 10.09
CA TRP C 14 17.96 29.27 9.87
C TRP C 14 18.40 29.13 8.44
N ILE C 15 19.45 28.35 8.21
CA ILE C 15 20.02 28.18 6.87
C ILE C 15 20.35 26.72 6.64
N PRO C 16 20.19 26.20 5.43
CA PRO C 16 20.46 24.78 5.18
C PRO C 16 21.96 24.51 5.24
N ASP C 17 22.34 23.60 6.10
CA ASP C 17 23.67 23.03 6.06
C ASP C 17 23.66 21.68 5.35
N PRO C 18 24.76 21.35 4.68
CA PRO C 18 24.84 20.06 3.98
C PRO C 18 24.55 18.86 4.85
N GLU C 19 25.06 18.80 6.07
CA GLU C 19 24.93 17.61 6.91
C GLU C 19 24.07 17.84 8.15
N GLU C 20 23.58 19.05 8.38
CA GLU C 20 22.48 19.29 9.28
C GLU C 20 21.41 20.07 8.53
N VAL C 21 20.20 19.49 8.45
CA VAL C 21 19.22 19.93 7.48
C VAL C 21 18.84 21.40 7.68
N TRP C 22 19.06 21.94 8.87
CA TRP C 22 19.17 23.38 9.04
C TRP C 22 20.30 23.69 10.02
N LYS C 23 20.86 24.90 9.87
CA LYS C 23 21.68 25.50 10.91
C LYS C 23 21.09 26.86 11.30
N SER C 24 21.18 27.17 12.59
CA SER C 24 20.82 28.49 13.07
C SER C 24 21.89 29.51 12.71
N ALA C 25 21.43 30.70 12.34
CA ALA C 25 22.28 31.87 12.24
C ALA C 25 21.59 33.03 12.95
N GLU C 26 22.42 33.98 13.38
CA GLU C 26 21.94 35.33 13.61
C GLU C 26 22.12 36.12 12.32
N LEU C 27 21.57 37.32 12.28
CA LEU C 27 21.80 38.20 11.13
C LEU C 27 22.50 39.46 11.61
N LEU C 28 23.63 39.75 10.97
CA LEU C 28 24.64 40.64 11.50
C LEU C 28 24.34 42.10 11.20
N LYS C 29 23.63 42.36 10.10
CA LYS C 29 23.12 43.69 9.82
C LYS C 29 21.66 43.58 9.43
N ASP C 30 20.92 44.63 9.74
CA ASP C 30 19.52 44.73 9.38
C ASP C 30 19.30 44.53 7.89
N TYR C 31 18.46 43.57 7.55
CA TYR C 31 17.92 43.44 6.21
C TYR C 31 16.98 44.60 5.89
N LYS C 32 16.93 44.95 4.60
CA LYS C 32 16.22 46.10 4.11
C LYS C 32 15.26 45.72 2.99
N PRO C 33 14.10 46.37 2.90
CA PRO C 33 13.16 46.22 1.79
C PRO C 33 13.84 46.37 0.43
N LYS C 36 18.86 42.44 -1.33
CA LYS C 36 18.66 41.03 -1.63
C LYS C 36 19.82 40.21 -1.07
N VAL C 37 20.60 40.82 -0.20
CA VAL C 37 21.88 40.28 0.23
C VAL C 37 21.97 40.41 1.74
N LEU C 38 22.66 39.47 2.38
CA LEU C 38 22.56 39.28 3.82
C LEU C 38 23.93 39.00 4.41
N GLN C 39 24.06 39.33 5.69
CA GLN C 39 25.26 39.06 6.47
C GLN C 39 24.85 38.49 7.81
N LEU C 40 25.55 37.44 8.24
CA LEU C 40 25.07 36.57 9.28
C LEU C 40 26.25 36.15 10.13
N ARG C 41 25.97 35.72 11.36
CA ARG C 41 26.97 35.21 12.26
C ARG C 41 26.55 33.86 12.82
N LEU C 42 27.53 32.98 13.03
CA LEU C 42 27.31 31.55 12.99
C LEU C 42 27.95 30.86 14.19
N LYS C 46 33.81 30.96 9.28
CA LYS C 46 32.87 30.86 10.38
C LYS C 46 31.97 32.10 10.38
N ASP C 47 32.21 32.98 9.41
CA ASP C 47 31.41 34.18 9.22
C ASP C 47 31.21 34.39 7.73
N LEU C 48 29.98 34.68 7.31
CA LEU C 48 29.62 34.54 5.92
C LEU C 48 28.59 35.58 5.54
N GLU C 49 28.67 36.02 4.28
CA GLU C 49 27.58 36.60 3.52
C GLU C 49 26.54 35.54 3.15
N TYR C 50 25.38 36.03 2.71
CA TYR C 50 24.31 35.17 2.24
C TYR C 50 23.43 35.98 1.29
N CYS C 51 22.37 35.36 0.81
CA CYS C 51 21.73 35.76 -0.43
C CYS C 51 20.27 35.37 -0.39
N LEU C 52 19.51 35.90 -1.34
CA LEU C 52 18.09 35.60 -1.44
C LEU C 52 17.72 35.30 -2.89
N ASP C 53 16.60 34.62 -3.06
CA ASP C 53 15.89 34.55 -4.34
C ASP C 53 14.70 35.49 -4.33
N PRO C 54 14.23 35.92 -5.52
CA PRO C 54 13.12 36.89 -5.55
C PRO C 54 11.81 36.28 -5.02
N LEU C 59 13.31 34.53 1.47
CA LEU C 59 13.75 34.64 2.85
C LEU C 59 14.30 33.32 3.37
N PRO C 60 15.11 33.38 4.42
CA PRO C 60 15.29 32.19 5.25
C PRO C 60 14.11 32.00 6.18
N PRO C 61 13.98 30.82 6.78
CA PRO C 61 13.12 30.67 7.96
C PRO C 61 13.64 31.46 9.15
N LEU C 62 12.77 31.56 10.14
CA LEU C 62 12.87 32.51 11.24
C LEU C 62 12.70 31.71 12.52
N ARG C 63 13.30 32.17 13.62
CA ARG C 63 13.54 31.26 14.73
C ARG C 63 12.77 31.72 15.97
N ASN C 64 12.08 30.76 16.57
CA ASN C 64 11.14 31.03 17.64
C ASN C 64 11.85 31.63 18.85
N PRO C 65 11.24 32.60 19.52
CA PRO C 65 11.81 33.08 20.79
C PRO C 65 11.84 31.95 21.80
N ASP C 66 12.98 31.81 22.48
CA ASP C 66 13.39 30.53 23.07
C ASP C 66 12.35 29.97 24.05
N ILE C 67 11.54 30.83 24.67
CA ILE C 67 10.51 30.34 25.60
C ILE C 67 9.64 29.28 24.94
N LEU C 68 9.32 29.46 23.66
CA LEU C 68 8.52 28.48 22.94
C LEU C 68 9.29 27.18 22.72
N VAL C 69 10.60 27.26 22.57
CA VAL C 69 11.41 26.05 22.43
C VAL C 69 11.29 25.20 23.69
N GLY C 70 11.11 23.90 23.48
CA GLY C 70 10.95 22.95 24.56
C GLY C 70 9.53 22.71 24.99
N GLU C 71 8.56 23.43 24.44
CA GLU C 71 7.16 23.15 24.73
C GLU C 71 6.75 21.80 24.15
N ASN C 72 5.85 21.14 24.87
CA ASN C 72 5.48 19.75 24.56
C ASN C 72 4.58 19.65 23.33
N ASP C 73 3.52 20.45 23.25
CA ASP C 73 2.77 20.60 22.02
C ASP C 73 3.53 21.42 20.98
N LEU C 74 3.81 20.80 19.84
CA LEU C 74 4.47 21.48 18.72
C LEU C 74 3.63 22.57 18.08
N THR C 75 2.30 22.46 18.09
CA THR C 75 1.52 23.53 17.46
C THR C 75 1.39 24.76 18.34
N ALA C 76 1.95 24.74 19.55
CA ALA C 76 2.07 25.96 20.34
C ALA C 76 3.02 26.98 19.73
N LEU C 77 4.03 26.51 19.01
CA LEU C 77 5.03 27.39 18.43
C LEU C 77 4.43 28.44 17.50
N SER C 78 5.10 29.60 17.46
CA SER C 78 4.61 30.75 16.73
C SER C 78 4.96 30.67 15.25
N TYR C 79 6.17 30.22 14.94
CA TYR C 79 6.61 29.98 13.57
C TYR C 79 6.77 28.49 13.39
N LEU C 80 6.25 27.96 12.28
CA LEU C 80 6.25 26.52 12.06
C LEU C 80 6.87 26.19 10.71
N HIS C 81 7.97 25.45 10.77
CA HIS C 81 8.77 25.09 9.63
C HIS C 81 9.67 23.95 10.09
N GLU C 82 10.19 23.18 9.15
CA GLU C 82 10.97 22.02 9.52
C GLU C 82 12.06 22.31 10.55
N PRO C 83 12.76 23.45 10.51
CA PRO C 83 13.67 23.76 11.62
C PRO C 83 13.04 23.79 13.00
N ALA C 84 11.87 24.43 13.14
CA ALA C 84 11.29 24.63 14.46
C ALA C 84 10.82 23.34 15.09
N VAL C 85 10.26 22.44 14.28
CA VAL C 85 9.96 21.10 14.78
C VAL C 85 11.24 20.32 15.00
N LEU C 86 12.18 20.40 14.07
CA LEU C 86 13.31 19.50 14.14
C LEU C 86 14.13 19.77 15.39
N HIS C 87 14.50 21.04 15.63
CA HIS C 87 15.26 21.25 16.85
C HIS C 87 14.38 21.11 18.08
N ASN C 88 13.10 21.50 18.04
CA ASN C 88 12.32 21.38 19.26
C ASN C 88 12.23 19.94 19.73
N LEU C 89 12.10 19.01 18.78
CA LEU C 89 12.17 17.59 19.11
C LEU C 89 13.56 17.18 19.55
N LYS C 90 14.61 17.76 18.96
CA LYS C 90 15.94 17.40 19.41
C LYS C 90 16.19 17.81 20.85
N VAL C 91 15.84 19.06 21.20
CA VAL C 91 16.06 19.52 22.56
C VAL C 91 15.22 18.72 23.55
N ARG C 92 13.95 18.45 23.21
CA ARG C 92 13.14 17.63 24.10
C ARG C 92 13.76 16.25 24.31
N PHE C 93 14.25 15.63 23.24
CA PHE C 93 14.80 14.29 23.34
C PHE C 93 16.15 14.25 24.05
N ILE C 94 17.10 15.08 23.65
CA ILE C 94 18.43 15.03 24.24
C ILE C 94 18.48 15.73 25.59
N ASP C 95 18.04 16.99 25.64
CA ASP C 95 18.26 17.78 26.83
C ASP C 95 17.28 17.44 27.94
N SER C 96 15.98 17.45 27.65
CA SER C 96 14.98 17.21 28.68
C SER C 96 14.67 15.73 28.88
N LYS C 97 15.17 14.86 27.99
CA LYS C 97 14.87 13.43 27.99
C LYS C 97 13.39 13.10 27.73
N LEU C 98 12.62 14.02 27.14
CA LEU C 98 11.19 13.80 26.93
C LEU C 98 10.94 13.24 25.53
N ILE C 99 10.70 11.93 25.44
CA ILE C 99 10.50 11.26 24.15
C ILE C 99 9.15 11.59 23.53
N TYR C 100 8.10 11.74 24.34
CA TYR C 100 6.76 11.89 23.78
C TYR C 100 6.45 13.36 23.51
N THR C 101 5.82 13.61 22.36
CA THR C 101 5.54 14.95 21.88
C THR C 101 4.23 14.92 21.11
N TYR C 102 3.53 16.06 21.07
CA TYR C 102 2.25 16.14 20.40
C TYR C 102 2.36 17.11 19.23
N CYS C 103 1.65 16.81 18.16
CA CYS C 103 1.25 17.81 17.19
C CYS C 103 -0.23 17.59 16.94
N GLY C 104 -1.02 18.65 17.10
CA GLY C 104 -2.45 18.49 16.98
C GLY C 104 -2.98 17.35 17.81
N ILE C 105 -3.63 16.39 17.14
CA ILE C 105 -4.00 15.12 17.73
C ILE C 105 -2.86 14.11 17.72
N VAL C 106 -1.91 14.25 16.81
CA VAL C 106 -0.87 13.25 16.62
C VAL C 106 0.03 13.16 17.85
N LEU C 107 0.48 11.95 18.15
CA LEU C 107 1.55 11.71 19.10
C LEU C 107 2.76 11.14 18.37
N VAL C 108 3.94 11.58 18.76
CA VAL C 108 5.19 11.28 18.05
C VAL C 108 6.17 10.72 19.06
N ALA C 109 6.81 9.62 18.73
CA ALA C 109 7.63 8.90 19.71
C ALA C 109 8.98 8.55 19.12
N ILE C 110 10.01 8.65 19.94
CA ILE C 110 11.39 8.47 19.52
C ILE C 110 12.02 7.47 20.47
N ASN C 111 12.55 6.39 19.95
CA ASN C 111 12.87 5.37 20.92
C ASN C 111 14.21 5.66 21.54
N PRO C 112 14.33 5.59 22.86
CA PRO C 112 15.62 5.87 23.49
C PRO C 112 16.65 4.78 23.29
N TYR C 113 16.24 3.52 23.19
CA TYR C 113 17.12 2.40 23.51
C TYR C 113 17.68 2.54 24.92
N GLU C 114 16.92 3.17 25.80
CA GLU C 114 17.23 3.17 27.23
C GLU C 114 15.93 3.12 28.00
N GLN C 115 15.86 2.21 28.97
CA GLN C 115 14.69 2.11 29.84
C GLN C 115 14.51 3.37 30.66
N LEU C 116 13.28 3.61 31.08
CA LEU C 116 12.93 4.83 31.78
C LEU C 116 12.06 4.51 32.99
N PRO C 117 12.03 5.39 33.98
CA PRO C 117 10.96 5.34 34.99
C PRO C 117 9.57 5.42 34.38
N ILE C 118 9.44 6.13 33.27
CA ILE C 118 8.21 6.81 32.89
C ILE C 118 7.02 5.86 32.74
N TYR C 119 7.27 4.60 32.41
CA TYR C 119 6.18 3.63 32.27
C TYR C 119 5.67 3.07 33.61
N GLY C 120 6.17 3.56 34.73
CA GLY C 120 5.84 2.95 36.01
C GLY C 120 4.37 3.05 36.36
N GLU C 121 3.97 2.20 37.32
CA GLU C 121 2.58 2.09 37.74
C GLU C 121 2.07 3.42 38.29
N ASP C 122 2.94 4.13 39.00
CA ASP C 122 2.59 5.44 39.52
C ASP C 122 2.07 6.32 38.41
N ILE C 123 2.79 6.33 37.29
CA ILE C 123 2.43 7.18 36.16
C ILE C 123 1.12 6.69 35.57
N ILE C 124 0.93 5.37 35.51
CA ILE C 124 -0.32 4.81 35.01
C ILE C 124 -1.51 5.40 35.76
N ASN C 125 -1.45 5.36 37.09
CA ASN C 125 -2.53 5.95 37.85
C ASN C 125 -2.57 7.45 37.67
N ALA C 126 -1.40 8.07 37.58
CA ALA C 126 -1.25 9.51 37.43
C ALA C 126 -1.93 10.06 36.18
N TYR C 127 -2.06 9.27 35.11
CA TYR C 127 -2.79 9.74 33.94
C TYR C 127 -4.29 9.51 33.97
N SER C 128 -4.75 8.51 34.72
CA SER C 128 -6.13 8.04 34.57
C SER C 128 -7.16 9.13 34.86
N GLY C 129 -8.09 9.31 33.92
CA GLY C 129 -9.13 10.32 34.01
C GLY C 129 -8.83 11.68 33.41
N GLN C 130 -7.60 11.94 32.98
CA GLN C 130 -7.12 13.31 32.87
C GLN C 130 -7.08 13.80 31.43
N ASN C 131 -7.65 14.99 31.23
CA ASN C 131 -7.85 15.60 29.93
C ASN C 131 -6.55 15.83 29.16
N MET C 132 -6.68 15.82 27.83
CA MET C 132 -5.55 15.55 26.94
C MET C 132 -4.47 16.62 27.05
N GLY C 133 -4.86 17.87 27.26
CA GLY C 133 -3.87 18.91 27.49
C GLY C 133 -3.16 18.83 28.82
N ASP C 134 -3.83 18.34 29.86
CA ASP C 134 -3.46 18.71 31.22
C ASP C 134 -2.17 18.03 31.68
N MET C 135 -1.96 16.77 31.35
CA MET C 135 -0.64 16.22 31.59
C MET C 135 0.36 16.70 30.54
N ASP C 136 1.62 16.40 30.79
CA ASP C 136 2.58 16.30 29.72
C ASP C 136 2.30 15.05 28.89
N PRO C 137 2.67 15.06 27.62
CA PRO C 137 2.40 13.92 26.75
C PRO C 137 3.09 12.65 27.24
N HIS C 138 2.37 11.54 27.12
CA HIS C 138 2.91 10.21 27.30
C HIS C 138 1.95 9.28 26.58
N ILE C 139 2.45 8.11 26.19
CA ILE C 139 1.64 7.17 25.41
C ILE C 139 0.34 6.83 26.12
N PHE C 140 0.36 6.74 27.44
CA PHE C 140 -0.87 6.53 28.19
C PHE C 140 -1.93 7.61 27.95
N ALA C 141 -1.52 8.84 27.66
CA ALA C 141 -2.50 9.93 27.53
C ALA C 141 -3.46 9.72 26.36
N VAL C 142 -2.96 9.20 25.24
CA VAL C 142 -3.88 8.90 24.16
C VAL C 142 -4.77 7.71 24.51
N ALA C 143 -4.21 6.65 25.09
CA ALA C 143 -5.04 5.51 25.41
C ALA C 143 -6.17 5.93 26.34
N GLU C 144 -5.86 6.79 27.31
CA GLU C 144 -6.85 7.37 28.19
C GLU C 144 -7.91 8.16 27.44
N GLU C 145 -7.50 8.92 26.42
CA GLU C 145 -8.54 9.60 25.65
C GLU C 145 -9.43 8.61 24.93
N ALA C 146 -8.83 7.59 24.32
CA ALA C 146 -9.62 6.59 23.62
C ALA C 146 -10.66 5.97 24.55
N TYR C 147 -10.20 5.58 25.74
CA TYR C 147 -11.09 5.03 26.76
C TYR C 147 -12.23 5.98 27.09
N LYS C 148 -11.93 7.23 27.40
CA LYS C 148 -13.03 8.13 27.75
C LYS C 148 -13.93 8.47 26.57
N GLN C 149 -13.45 8.38 25.33
CA GLN C 149 -14.37 8.50 24.21
C GLN C 149 -15.28 7.28 24.10
N MET C 150 -14.74 6.09 24.37
CA MET C 150 -15.59 4.91 24.46
C MET C 150 -16.60 5.02 25.59
N ALA C 151 -16.26 5.80 26.62
CA ALA C 151 -17.25 6.13 27.64
C ALA C 151 -18.32 7.08 27.11
N ARG C 152 -17.90 8.20 26.52
CA ARG C 152 -18.84 9.26 26.17
C ARG C 152 -19.79 8.82 25.06
N ASP C 153 -19.27 8.13 24.04
CA ASP C 153 -20.09 7.48 23.03
C ASP C 153 -19.77 6.01 23.04
N GLU C 154 -20.79 5.18 22.87
CA GLU C 154 -20.59 3.74 22.83
C GLU C 154 -19.65 3.34 21.69
N ARG C 155 -19.53 4.20 20.68
CA ARG C 155 -18.70 3.93 19.51
C ARG C 155 -17.30 3.48 19.89
N ASN C 156 -16.77 2.56 19.09
CA ASN C 156 -15.42 2.04 19.25
C ASN C 156 -14.36 3.08 18.95
N GLN C 157 -13.23 2.93 19.63
CA GLN C 157 -12.07 3.81 19.49
C GLN C 157 -10.88 2.91 19.22
N SER C 158 -10.13 3.21 18.17
CA SER C 158 -8.95 2.43 17.84
C SER C 158 -7.73 3.33 17.65
N ILE C 159 -6.58 2.69 17.81
CA ILE C 159 -5.30 3.35 18.03
C ILE C 159 -4.35 2.80 17.00
N ILE C 160 -3.61 3.68 16.34
CA ILE C 160 -2.91 3.37 15.10
C ILE C 160 -1.44 3.69 15.33
N VAL C 161 -0.59 2.70 15.13
CA VAL C 161 0.81 2.83 15.52
C VAL C 161 1.66 2.55 14.32
N SER C 162 2.44 3.53 13.92
CA SER C 162 2.89 3.70 12.56
C SER C 162 4.33 4.17 12.59
N GLY C 163 5.17 3.63 11.73
CA GLY C 163 6.51 4.13 11.65
C GLY C 163 7.46 3.11 11.07
N GLU C 164 8.72 3.51 11.03
CA GLU C 164 9.73 2.71 10.38
C GLU C 164 9.89 1.38 11.10
N SER C 165 10.40 0.40 10.37
CA SER C 165 10.92 -0.81 10.99
C SER C 165 12.01 -0.48 11.99
N GLY C 166 11.88 -0.98 13.20
CA GLY C 166 12.90 -0.82 14.21
C GLY C 166 12.68 0.29 15.20
N ALA C 167 11.50 0.87 15.26
CA ALA C 167 11.26 2.13 15.95
C ALA C 167 10.36 1.96 17.17
N GLY C 168 10.18 0.73 17.64
CA GLY C 168 9.38 0.46 18.83
C GLY C 168 7.88 0.52 18.67
N LYS C 169 7.36 0.02 17.56
CA LYS C 169 5.91 -0.10 17.42
C LYS C 169 5.39 -1.14 18.41
N THR C 170 6.02 -2.31 18.46
CA THR C 170 5.57 -3.36 19.35
C THR C 170 5.62 -2.89 20.80
N VAL C 171 6.69 -2.19 21.17
CA VAL C 171 6.82 -1.71 22.53
C VAL C 171 5.70 -0.72 22.84
N SER C 172 5.43 0.20 21.92
CA SER C 172 4.34 1.12 22.17
C SER C 172 3.03 0.37 22.35
N ALA C 173 2.86 -0.74 21.65
CA ALA C 173 1.68 -1.57 21.91
C ALA C 173 1.71 -2.15 23.33
N LYS C 174 2.88 -2.59 23.78
CA LYS C 174 2.99 -3.14 25.13
C LYS C 174 2.43 -2.16 26.15
N TYR C 175 2.88 -0.91 26.05
CA TYR C 175 2.40 0.13 26.96
C TYR C 175 0.92 0.45 26.76
N ALA C 176 0.46 0.54 25.52
CA ALA C 176 -0.94 0.84 25.28
C ALA C 176 -1.85 -0.21 25.90
N MET C 177 -1.45 -1.48 25.84
CA MET C 177 -2.23 -2.54 26.50
C MET C 177 -2.10 -2.47 28.00
N ARG C 178 -0.87 -2.38 28.51
CA ARG C 178 -0.63 -2.37 29.95
C ARG C 178 -1.41 -1.26 30.65
N TYR C 179 -1.63 -0.13 29.99
CA TYR C 179 -2.49 0.88 30.58
C TYR C 179 -3.89 0.35 30.83
N PHE C 180 -4.51 -0.30 29.84
CA PHE C 180 -5.86 -0.82 30.07
C PHE C 180 -5.83 -1.95 31.08
N ALA C 181 -4.78 -2.76 31.05
CA ALA C 181 -4.69 -3.89 31.98
C ALA C 181 -4.73 -3.40 33.42
N THR C 182 -4.02 -2.32 33.72
CA THR C 182 -4.12 -1.75 35.06
C THR C 182 -5.41 -0.97 35.31
N VAL C 183 -5.79 -0.08 34.40
CA VAL C 183 -6.87 0.85 34.71
C VAL C 183 -8.25 0.19 34.67
N SER C 184 -8.42 -0.88 33.90
CA SER C 184 -9.67 -1.63 33.95
C SER C 184 -9.92 -2.23 35.33
N GLU C 189 -11.24 -10.19 37.38
CA GLU C 189 -9.92 -10.08 36.78
C GLU C 189 -9.67 -11.25 35.82
N ALA C 190 -8.89 -11.01 34.77
CA ALA C 190 -8.47 -12.08 33.89
C ALA C 190 -7.04 -11.85 33.42
N ASN C 191 -6.46 -12.91 32.87
CA ASN C 191 -5.04 -13.07 32.58
C ASN C 191 -4.57 -12.21 31.42
N VAL C 192 -5.49 -11.65 30.63
CA VAL C 192 -5.28 -11.33 29.21
C VAL C 192 -4.00 -10.55 28.93
N GLU C 193 -3.58 -9.69 29.85
CA GLU C 193 -2.33 -8.99 29.61
C GLU C 193 -1.17 -9.98 29.54
N GLU C 194 -1.12 -10.93 30.46
CA GLU C 194 -0.08 -11.94 30.41
C GLU C 194 -0.18 -12.75 29.13
N LYS C 195 -1.39 -13.15 28.74
CA LYS C 195 -1.57 -13.98 27.57
C LYS C 195 -1.05 -13.29 26.31
N VAL C 196 -1.47 -12.04 26.10
CA VAL C 196 -1.04 -11.33 24.90
C VAL C 196 0.46 -11.06 24.93
N LEU C 197 0.97 -10.62 26.08
CA LEU C 197 2.42 -10.43 26.19
C LEU C 197 3.19 -11.71 25.91
N ALA C 198 2.63 -12.85 26.31
CA ALA C 198 3.23 -14.14 25.99
C ALA C 198 3.05 -14.53 24.53
N SER C 199 2.10 -13.91 23.83
CA SER C 199 1.87 -14.28 22.44
C SER C 199 3.01 -13.84 21.53
N ASN C 200 3.68 -12.72 21.85
CA ASN C 200 4.58 -12.09 20.90
C ASN C 200 5.59 -13.01 20.23
N PRO C 201 6.36 -13.83 20.94
CA PRO C 201 7.33 -14.68 20.24
C PRO C 201 6.74 -15.62 19.21
N ILE C 202 5.44 -15.90 19.27
CA ILE C 202 4.80 -16.71 18.23
C ILE C 202 4.67 -15.92 16.94
N MET C 203 4.05 -14.76 17.03
CA MET C 203 3.82 -13.96 15.85
C MET C 203 5.13 -13.41 15.32
N GLU C 204 6.01 -12.95 16.21
CA GLU C 204 7.34 -12.54 15.77
C GLU C 204 8.17 -13.67 15.18
N SER C 205 7.92 -14.93 15.57
CA SER C 205 8.61 -16.03 14.91
C SER C 205 8.08 -16.30 13.51
N ILE C 206 6.76 -16.37 13.34
CA ILE C 206 6.19 -16.61 12.01
C ILE C 206 6.18 -15.39 11.10
N GLY C 207 6.04 -14.19 11.63
CA GLY C 207 5.72 -13.01 10.86
C GLY C 207 6.79 -11.96 10.70
N ASN C 208 7.95 -12.12 11.34
CA ASN C 208 9.02 -11.13 11.29
C ASN C 208 10.28 -11.71 10.67
N ALA C 209 11.07 -10.82 10.10
CA ALA C 209 12.00 -11.12 9.02
C ALA C 209 13.19 -10.21 9.14
N LYS C 210 14.25 -10.50 8.40
CA LYS C 210 15.43 -9.66 8.41
C LYS C 210 15.63 -9.04 7.04
N THR C 211 15.77 -7.72 7.02
CA THR C 211 15.80 -6.91 5.83
C THR C 211 17.01 -5.98 5.91
N THR C 212 17.30 -5.34 4.78
CA THR C 212 18.55 -4.60 4.65
C THR C 212 18.73 -3.53 5.71
N ARG C 213 17.66 -2.90 6.18
CA ARG C 213 17.86 -1.83 7.15
C ARG C 213 17.72 -2.29 8.60
N ASN C 214 17.03 -3.40 8.86
CA ASN C 214 17.25 -4.06 10.15
C ASN C 214 16.68 -5.45 10.08
N ASP C 215 17.18 -6.29 10.98
CA ASP C 215 16.54 -7.52 11.41
C ASP C 215 15.34 -7.24 12.31
N ASN C 216 14.50 -8.27 12.45
CA ASN C 216 13.28 -8.20 13.23
C ASN C 216 12.34 -7.08 12.78
N SER C 217 12.28 -6.87 11.47
CA SER C 217 11.21 -6.07 10.90
C SER C 217 9.93 -6.88 10.91
N SER C 218 8.80 -6.19 10.94
CA SER C 218 7.51 -6.85 10.73
C SER C 218 7.11 -6.76 9.27
N ARG C 219 6.71 -7.90 8.70
CA ARG C 219 6.29 -7.93 7.32
C ARG C 219 4.79 -7.94 7.16
N PHE C 220 4.06 -8.47 8.13
CA PHE C 220 2.62 -8.34 8.19
C PHE C 220 2.22 -7.17 9.06
N GLY C 221 0.93 -6.93 9.13
CA GLY C 221 0.40 -5.87 9.96
C GLY C 221 -0.67 -6.46 10.86
N LYS C 222 -0.68 -6.02 12.10
CA LYS C 222 -1.28 -6.78 13.17
C LYS C 222 -2.20 -5.89 13.97
N TYR C 223 -3.37 -6.40 14.29
CA TYR C 223 -4.40 -5.61 14.93
C TYR C 223 -5.06 -6.40 16.04
N ILE C 224 -5.05 -5.82 17.24
CA ILE C 224 -5.55 -6.46 18.45
C ILE C 224 -6.73 -5.63 18.92
N GLU C 225 -7.84 -6.28 19.20
CA GLU C 225 -8.96 -5.63 19.85
C GLU C 225 -8.98 -6.00 21.32
N ILE C 226 -9.01 -4.98 22.17
CA ILE C 226 -9.28 -5.17 23.58
C ILE C 226 -10.77 -5.02 23.77
N GLY C 227 -11.40 -6.02 24.38
CA GLY C 227 -12.83 -6.06 24.50
C GLY C 227 -13.33 -5.72 25.90
N PHE C 228 -14.49 -5.08 25.93
CA PHE C 228 -15.04 -4.52 27.16
C PHE C 228 -16.50 -4.92 27.31
N ASP C 229 -16.92 -5.06 28.56
CA ASP C 229 -18.32 -5.28 28.89
C ASP C 229 -19.11 -3.98 28.95
N LYS C 230 -20.39 -4.10 29.29
CA LYS C 230 -21.29 -2.96 29.35
C LYS C 230 -20.86 -1.94 30.39
N ARG C 231 -19.99 -2.29 31.33
CA ARG C 231 -19.46 -1.34 32.30
C ARG C 231 -17.98 -1.07 32.08
N TYR C 232 -17.44 -1.56 30.96
CA TYR C 232 -16.05 -1.36 30.55
C TYR C 232 -15.02 -2.00 31.48
N ARG C 233 -15.35 -3.13 32.09
CA ARG C 233 -14.29 -4.03 32.52
C ARG C 233 -13.73 -4.73 31.28
N ILE C 234 -12.42 -4.93 31.24
CA ILE C 234 -11.86 -5.81 30.22
C ILE C 234 -12.39 -7.22 30.37
N ILE C 235 -12.86 -7.78 29.26
CA ILE C 235 -13.21 -9.19 29.21
C ILE C 235 -12.08 -10.02 28.62
N GLY C 236 -11.43 -9.52 27.59
CA GLY C 236 -10.62 -10.36 26.73
C GLY C 236 -10.26 -9.63 25.44
N ALA C 237 -9.63 -10.36 24.53
CA ALA C 237 -9.07 -9.73 23.36
C ALA C 237 -9.16 -10.65 22.15
N ASN C 238 -9.04 -10.04 20.97
CA ASN C 238 -9.13 -10.70 19.68
C ASN C 238 -7.95 -10.29 18.82
N MET C 239 -7.28 -11.25 18.19
CA MET C 239 -6.14 -10.98 17.33
C MET C 239 -6.49 -11.16 15.85
N ARG C 240 -6.20 -10.14 15.04
CA ARG C 240 -6.36 -10.21 13.60
C ARG C 240 -5.04 -9.90 12.92
N THR C 241 -4.83 -10.51 11.76
CA THR C 241 -3.65 -10.27 10.93
C THR C 241 -4.09 -9.87 9.53
N TYR C 242 -3.29 -9.03 8.89
CA TYR C 242 -3.57 -8.57 7.54
C TYR C 242 -2.27 -8.46 6.78
N LEU C 243 -2.39 -8.24 5.46
CA LEU C 243 -1.28 -7.79 4.63
C LEU C 243 -0.04 -8.66 4.74
N LEU C 244 -0.23 -9.96 4.95
CA LEU C 244 0.94 -10.85 5.07
C LEU C 244 1.74 -10.86 3.76
N GLU C 245 3.06 -10.80 3.88
CA GLU C 245 3.98 -10.77 2.74
C GLU C 245 4.37 -12.16 2.25
N LYS C 246 3.38 -12.89 1.73
CA LYS C 246 3.61 -14.28 1.31
C LYS C 246 4.79 -14.40 0.36
N SER C 247 4.98 -13.41 -0.50
CA SER C 247 6.00 -13.45 -1.55
C SER C 247 7.42 -13.62 -1.04
N ARG C 248 7.72 -13.15 0.17
CA ARG C 248 9.06 -13.35 0.73
C ARG C 248 9.44 -14.81 0.82
N VAL C 249 8.48 -15.70 1.06
CA VAL C 249 8.81 -17.09 1.42
C VAL C 249 9.62 -17.76 0.32
N VAL C 250 9.27 -17.54 -0.94
CA VAL C 250 10.03 -18.09 -2.06
C VAL C 250 11.27 -17.26 -2.43
N PHE C 251 11.20 -15.93 -2.45
CA PHE C 251 12.26 -15.20 -3.15
C PHE C 251 12.59 -13.85 -2.53
N GLN C 252 13.88 -13.52 -2.58
CA GLN C 252 14.58 -12.66 -1.63
C GLN C 252 15.70 -11.93 -2.36
N ALA C 253 16.16 -10.84 -1.75
CA ALA C 253 17.29 -10.07 -2.27
C ALA C 253 18.39 -10.10 -1.24
N GLU C 254 19.63 -9.90 -1.70
CA GLU C 254 20.81 -10.48 -1.08
C GLU C 254 20.88 -10.42 0.45
N GLU C 255 20.65 -9.25 1.04
CA GLU C 255 20.83 -9.16 2.48
C GLU C 255 19.82 -9.94 3.32
N GLU C 256 18.78 -10.51 2.73
CA GLU C 256 17.54 -10.74 3.47
C GLU C 256 17.40 -12.20 3.86
N ARG C 257 16.58 -12.43 4.87
CA ARG C 257 16.17 -13.77 5.26
C ARG C 257 14.66 -13.89 5.04
N ASN C 258 14.19 -15.11 4.79
CA ASN C 258 12.79 -15.39 5.07
C ASN C 258 12.56 -15.54 6.57
N TYR C 259 11.28 -15.68 6.92
CA TYR C 259 10.80 -15.46 8.28
C TYR C 259 11.59 -16.29 9.29
N HIS C 260 11.74 -15.74 10.50
CA HIS C 260 12.69 -16.29 11.48
C HIS C 260 12.45 -17.77 11.78
N ILE C 261 11.20 -18.19 11.85
CA ILE C 261 10.87 -19.55 12.26
C ILE C 261 11.56 -20.61 11.42
N PHE C 262 11.82 -20.34 10.15
CA PHE C 262 12.59 -21.30 9.37
C PHE C 262 13.99 -21.42 9.93
N TYR C 263 14.65 -20.29 10.17
CA TYR C 263 16.04 -20.36 10.58
C TYR C 263 16.17 -20.95 11.98
N GLN C 264 15.27 -20.58 12.89
CA GLN C 264 15.28 -21.20 14.21
C GLN C 264 15.15 -22.70 14.10
N LEU C 265 14.23 -23.18 13.27
CA LEU C 265 14.07 -24.61 13.09
C LEU C 265 15.32 -25.25 12.50
N CYS C 266 15.87 -24.63 11.46
CA CYS C 266 17.07 -25.15 10.82
C CYS C 266 18.25 -25.24 11.79
N ALA C 267 18.40 -24.24 12.65
CA ALA C 267 19.49 -24.24 13.62
C ALA C 267 19.44 -25.38 14.62
N SER C 268 18.36 -26.14 14.70
CA SER C 268 18.22 -27.19 15.72
C SER C 268 18.31 -28.58 15.12
N ALA C 269 19.03 -28.70 14.01
CA ALA C 269 19.12 -29.97 13.30
C ALA C 269 19.57 -31.12 14.21
N ALA C 270 20.44 -30.82 15.17
CA ALA C 270 20.93 -31.84 16.08
C ALA C 270 19.87 -32.38 17.03
N LEU C 271 18.87 -31.58 17.40
CA LEU C 271 18.05 -31.93 18.55
C LEU C 271 17.17 -33.15 18.27
N PRO C 272 16.93 -33.99 19.29
CA PRO C 272 16.32 -35.30 19.02
C PRO C 272 14.88 -35.25 18.55
N GLU C 273 14.04 -34.36 19.09
CA GLU C 273 12.64 -34.34 18.66
C GLU C 273 12.54 -34.03 17.18
N PHE C 274 13.33 -33.08 16.71
CA PHE C 274 13.36 -32.70 15.31
C PHE C 274 14.01 -33.74 14.42
N LYS C 275 14.84 -34.61 14.99
CA LYS C 275 15.82 -35.38 14.24
C LYS C 275 15.20 -36.10 13.04
N THR C 276 13.95 -36.56 13.18
CA THR C 276 13.30 -37.22 12.06
C THR C 276 12.96 -36.27 10.91
N LEU C 277 12.82 -34.97 11.17
CA LEU C 277 12.62 -34.03 10.09
C LEU C 277 13.84 -33.89 9.18
N ARG C 278 14.96 -34.50 9.52
CA ARG C 278 16.05 -34.74 8.56
C ARG C 278 16.59 -33.43 8.00
N LEU C 279 16.72 -32.43 8.85
CA LEU C 279 17.04 -31.05 8.49
C LEU C 279 18.52 -30.88 8.17
N GLY C 280 18.85 -29.66 7.77
CA GLY C 280 20.16 -29.34 7.22
C GLY C 280 20.51 -27.93 7.59
N ASN C 281 21.81 -27.64 7.67
CA ASN C 281 22.27 -26.27 7.84
C ASN C 281 21.67 -25.37 6.77
N ALA C 282 21.27 -24.17 7.19
CA ALA C 282 20.31 -23.38 6.42
C ALA C 282 20.77 -23.14 4.99
N ASN C 283 22.07 -23.08 4.75
CA ASN C 283 22.58 -23.00 3.39
C ASN C 283 22.08 -24.12 2.49
N TYR C 284 21.69 -25.26 3.06
CA TYR C 284 21.28 -26.42 2.28
C TYR C 284 19.96 -26.25 1.54
N PHE C 285 19.09 -25.31 1.94
CA PHE C 285 17.73 -25.23 1.40
C PHE C 285 17.50 -23.96 0.61
N HIS C 286 16.92 -24.11 -0.58
CA HIS C 286 16.75 -23.03 -1.55
C HIS C 286 16.07 -21.80 -0.99
N TYR C 287 15.09 -21.97 -0.11
CA TYR C 287 14.42 -20.79 0.43
C TYR C 287 15.29 -20.02 1.42
N THR C 288 15.98 -20.72 2.31
CA THR C 288 16.93 -20.06 3.20
C THR C 288 18.22 -19.63 2.49
N LYS C 289 18.72 -20.47 1.58
CA LYS C 289 20.02 -20.26 0.97
C LYS C 289 20.16 -18.91 0.28
N GLN C 290 19.09 -18.42 -0.34
CA GLN C 290 19.20 -17.36 -1.33
C GLN C 290 20.00 -16.15 -0.86
N GLY C 291 19.72 -15.64 0.33
CA GLY C 291 20.43 -14.44 0.75
C GLY C 291 21.88 -14.64 1.11
N GLY C 292 22.35 -15.87 1.24
CA GLY C 292 23.69 -16.13 1.73
C GLY C 292 23.99 -15.56 3.10
N SER C 293 22.98 -15.10 3.82
CA SER C 293 23.15 -14.25 5.00
C SER C 293 22.41 -14.84 6.19
N PRO C 294 22.74 -16.08 6.57
CA PRO C 294 21.85 -16.79 7.50
C PRO C 294 21.84 -16.21 8.89
N VAL C 295 22.99 -15.73 9.36
CA VAL C 295 23.16 -15.32 10.76
C VAL C 295 22.59 -13.92 10.98
N ILE C 296 21.67 -13.79 11.93
CA ILE C 296 21.41 -12.49 12.52
C ILE C 296 22.62 -12.07 13.33
N ASP C 297 23.12 -10.87 13.06
CA ASP C 297 24.17 -10.30 13.89
C ASP C 297 23.65 -9.95 15.28
N GLY C 298 24.43 -10.31 16.30
CA GLY C 298 24.13 -10.04 17.69
C GLY C 298 23.12 -10.94 18.37
N ILE C 299 22.34 -11.73 17.63
CA ILE C 299 21.42 -12.69 18.25
C ILE C 299 21.46 -13.99 17.47
N ASP C 300 21.81 -15.08 18.14
CA ASP C 300 21.58 -16.40 17.58
C ASP C 300 20.11 -16.76 17.71
N ASP C 301 19.53 -17.23 16.61
CA ASP C 301 18.16 -17.74 16.65
C ASP C 301 18.06 -19.11 17.31
N ALA C 302 19.15 -19.86 17.37
CA ALA C 302 19.09 -21.30 17.67
C ALA C 302 18.22 -21.61 18.88
N LYS C 303 18.40 -20.88 19.97
CA LYS C 303 17.63 -21.16 21.16
C LYS C 303 16.31 -20.40 21.23
N GLU C 304 16.08 -19.46 20.32
CA GLU C 304 14.82 -18.71 20.33
C GLU C 304 13.62 -19.60 20.06
N MET C 305 13.80 -20.72 19.36
CA MET C 305 12.71 -21.68 19.26
C MET C 305 12.21 -22.10 20.64
N VAL C 306 13.11 -22.20 21.62
CA VAL C 306 12.67 -22.67 22.92
C VAL C 306 11.78 -21.64 23.59
N ASN C 307 12.07 -20.36 23.37
CA ASN C 307 11.17 -19.30 23.81
C ASN C 307 9.86 -19.28 23.03
N THR C 308 9.90 -19.63 21.75
CA THR C 308 8.65 -19.75 21.00
C THR C 308 7.81 -20.92 21.51
N ARG C 309 8.45 -22.06 21.72
CA ARG C 309 7.72 -23.24 22.16
C ARG C 309 7.16 -23.06 23.57
N GLN C 310 7.90 -22.38 24.44
CA GLN C 310 7.31 -21.96 25.70
C GLN C 310 6.09 -21.09 25.48
N ALA C 311 6.19 -20.11 24.59
CA ALA C 311 5.05 -19.23 24.38
C ALA C 311 3.84 -20.00 23.87
N CYS C 312 4.05 -20.88 22.90
CA CYS C 312 2.98 -21.74 22.39
C CYS C 312 2.35 -22.57 23.49
N THR C 313 3.17 -23.23 24.30
CA THR C 313 2.64 -24.15 25.29
C THR C 313 1.85 -23.40 26.35
N LEU C 314 2.44 -22.35 26.90
CA LEU C 314 1.69 -21.44 27.75
C LEU C 314 0.41 -20.96 27.08
N LEU C 315 0.45 -20.74 25.77
CA LEU C 315 -0.75 -20.28 25.08
C LEU C 315 -1.59 -21.42 24.53
N GLY C 316 -1.23 -22.66 24.85
CA GLY C 316 -2.12 -23.79 24.72
C GLY C 316 -2.03 -24.65 23.49
N ILE C 317 -1.04 -24.47 22.63
CA ILE C 317 -0.84 -25.43 21.54
C ILE C 317 -0.21 -26.69 22.11
N SER C 318 -0.92 -27.80 22.02
CA SER C 318 -0.39 -29.06 22.54
C SER C 318 0.90 -29.43 21.81
N ASP C 319 1.75 -30.18 22.51
CA ASP C 319 3.05 -30.57 21.96
C ASP C 319 2.92 -31.37 20.68
N SER C 320 1.83 -32.12 20.52
CA SER C 320 1.56 -32.77 19.24
C SER C 320 1.42 -31.76 18.11
N TYR C 321 0.58 -30.74 18.28
CA TYR C 321 0.45 -29.73 17.24
C TYR C 321 1.71 -28.88 17.06
N GLN C 322 2.46 -28.63 18.12
CA GLN C 322 3.75 -27.98 17.93
C GLN C 322 4.70 -28.81 17.07
N MET C 323 4.74 -30.13 17.29
CA MET C 323 5.49 -30.99 16.40
C MET C 323 4.93 -30.98 14.98
N GLY C 324 3.60 -30.90 14.85
CA GLY C 324 3.04 -30.79 13.52
C GLY C 324 3.49 -29.53 12.81
N ILE C 325 3.44 -28.39 13.51
CA ILE C 325 3.79 -27.12 12.91
C ILE C 325 5.21 -27.14 12.39
N PHE C 326 6.12 -27.67 13.20
CA PHE C 326 7.50 -27.75 12.72
C PHE C 326 7.65 -28.83 11.64
N ARG C 327 6.84 -29.88 11.68
CA ARG C 327 6.92 -30.87 10.61
C ARG C 327 6.55 -30.24 9.28
N ILE C 328 5.49 -29.42 9.25
CA ILE C 328 5.09 -28.74 8.03
C ILE C 328 6.20 -27.81 7.54
N LEU C 329 6.81 -27.06 8.45
CA LEU C 329 7.86 -26.14 8.01
C LEU C 329 9.06 -26.90 7.43
N ALA C 330 9.40 -28.04 8.02
CA ALA C 330 10.38 -28.92 7.40
C ALA C 330 9.90 -29.38 6.03
N GLY C 331 8.60 -29.61 5.91
CA GLY C 331 8.04 -29.94 4.61
C GLY C 331 8.30 -28.87 3.57
N ILE C 332 8.00 -27.62 3.92
CA ILE C 332 8.15 -26.54 2.94
C ILE C 332 9.60 -26.36 2.54
N LEU C 333 10.50 -26.38 3.52
CA LEU C 333 11.92 -26.28 3.19
C LEU C 333 12.40 -27.44 2.33
N HIS C 334 11.92 -28.64 2.59
CA HIS C 334 12.28 -29.76 1.72
C HIS C 334 11.67 -29.60 0.34
N LEU C 335 10.45 -29.08 0.27
CA LEU C 335 9.80 -28.87 -1.00
C LEU C 335 10.62 -27.97 -1.89
N GLY C 336 11.17 -26.90 -1.31
CA GLY C 336 11.96 -25.97 -2.09
C GLY C 336 13.12 -26.61 -2.84
N ASN C 337 13.68 -27.69 -2.31
CA ASN C 337 14.78 -28.37 -2.99
C ASN C 337 14.33 -29.26 -4.14
N VAL C 338 13.04 -29.49 -4.31
CA VAL C 338 12.57 -30.34 -5.40
C VAL C 338 12.81 -29.63 -6.72
N GLU C 339 13.10 -30.42 -7.74
CA GLU C 339 13.91 -30.01 -8.89
C GLU C 339 13.23 -30.49 -10.17
N PHE C 340 13.32 -29.70 -11.22
CA PHE C 340 12.62 -30.01 -12.45
C PHE C 340 13.57 -29.96 -13.63
N ALA C 341 13.60 -31.04 -14.40
CA ALA C 341 14.47 -31.22 -15.55
C ALA C 341 13.61 -31.51 -16.76
N SER C 342 13.91 -30.87 -17.89
CA SER C 342 12.92 -30.61 -18.92
C SER C 342 13.16 -31.50 -20.14
N ARG C 343 12.09 -32.15 -20.61
CA ARG C 343 12.18 -33.01 -21.78
C ARG C 343 12.26 -32.14 -23.03
N ASP C 344 11.68 -30.95 -22.93
CA ASP C 344 11.22 -30.13 -24.04
C ASP C 344 11.07 -28.73 -23.50
N SER C 345 10.85 -27.77 -24.39
CA SER C 345 10.22 -26.54 -23.93
C SER C 345 8.85 -26.84 -23.32
N ASP C 346 8.12 -27.76 -23.93
CA ASP C 346 6.74 -27.99 -23.54
C ASP C 346 6.61 -28.71 -22.21
N SER C 347 7.57 -29.56 -21.86
CA SER C 347 7.31 -30.60 -20.88
C SER C 347 8.55 -30.86 -20.05
N CYS C 348 8.35 -31.14 -18.76
CA CYS C 348 9.47 -31.36 -17.87
C CYS C 348 9.07 -32.43 -16.87
N ALA C 349 10.04 -33.23 -16.46
CA ALA C 349 9.80 -34.32 -15.54
C ALA C 349 10.83 -34.29 -14.42
N ILE C 350 10.40 -34.66 -13.22
CA ILE C 350 11.33 -34.85 -12.12
C ILE C 350 12.23 -36.04 -12.43
N PRO C 351 13.53 -35.98 -12.12
CA PRO C 351 14.40 -37.11 -12.39
C PRO C 351 13.97 -38.34 -11.59
N PRO C 352 14.34 -39.53 -12.06
CA PRO C 352 13.63 -40.74 -11.64
C PRO C 352 13.79 -41.09 -10.17
N LYS C 353 14.86 -40.63 -9.54
CA LYS C 353 15.10 -40.91 -8.12
C LYS C 353 15.70 -39.67 -7.51
N HIS C 354 14.98 -39.06 -6.58
CA HIS C 354 15.28 -37.70 -6.17
C HIS C 354 14.99 -37.53 -4.69
N ASP C 355 16.01 -37.08 -3.95
CA ASP C 355 15.98 -37.17 -2.49
C ASP C 355 14.94 -36.27 -1.86
N PRO C 356 14.84 -34.97 -2.19
CA PRO C 356 13.94 -34.13 -1.41
C PRO C 356 12.49 -34.49 -1.60
N LEU C 357 12.08 -34.91 -2.79
CA LEU C 357 10.69 -35.33 -2.94
C LEU C 357 10.41 -36.61 -2.17
N THR C 358 11.40 -37.50 -2.09
CA THR C 358 11.26 -38.70 -1.28
C THR C 358 11.04 -38.32 0.18
N ILE C 359 11.84 -37.39 0.69
CA ILE C 359 11.69 -36.97 2.07
C ILE C 359 10.35 -36.28 2.27
N PHE C 360 9.98 -35.41 1.32
CA PHE C 360 8.74 -34.65 1.39
C PHE C 360 7.54 -35.57 1.54
N CYS C 361 7.56 -36.69 0.83
CA CYS C 361 6.48 -37.65 0.91
C CYS C 361 6.38 -38.26 2.30
N ASP C 362 7.51 -38.66 2.87
CA ASP C 362 7.46 -39.36 4.14
C ASP C 362 7.15 -38.41 5.29
N LEU C 363 7.54 -37.14 5.15
CA LEU C 363 7.09 -36.14 6.09
C LEU C 363 5.58 -35.98 6.06
N MET C 364 4.99 -35.94 4.87
CA MET C 364 3.61 -35.50 4.73
C MET C 364 2.68 -36.61 4.25
N GLY C 365 3.14 -37.86 4.22
CA GLY C 365 2.26 -38.98 4.00
C GLY C 365 1.41 -38.97 2.74
N VAL C 366 2.08 -38.89 1.58
CA VAL C 366 1.43 -39.00 0.29
C VAL C 366 2.31 -39.88 -0.58
N ASP C 367 1.70 -40.50 -1.58
CA ASP C 367 2.44 -41.42 -2.44
C ASP C 367 3.42 -40.64 -3.29
N TYR C 368 4.69 -41.05 -3.23
CA TYR C 368 5.74 -40.43 -4.03
C TYR C 368 5.36 -40.32 -5.50
N GLU C 369 4.80 -41.36 -6.07
CA GLU C 369 4.44 -41.28 -7.49
C GLU C 369 3.31 -40.31 -7.76
N GLU C 370 2.39 -40.13 -6.82
CA GLU C 370 1.30 -39.19 -7.10
C GLU C 370 1.74 -37.74 -7.05
N MET C 371 2.57 -37.36 -6.09
CA MET C 371 3.16 -36.02 -6.16
C MET C 371 4.09 -35.88 -7.34
N ALA C 372 4.85 -36.93 -7.67
CA ALA C 372 5.73 -36.86 -8.84
C ALA C 372 4.94 -36.66 -10.12
N HIS C 373 3.74 -37.21 -10.19
CA HIS C 373 2.86 -36.99 -11.32
C HIS C 373 2.26 -35.58 -11.31
N TRP C 374 1.61 -35.18 -10.22
CA TRP C 374 0.88 -33.90 -10.24
C TRP C 374 1.78 -32.68 -10.23
N LEU C 375 2.97 -32.75 -9.64
CA LEU C 375 3.91 -31.65 -9.84
C LEU C 375 4.16 -31.43 -11.32
N CYS C 376 4.43 -32.53 -12.04
CA CYS C 376 4.79 -32.50 -13.45
C CYS C 376 3.64 -32.10 -14.37
N HIS C 377 2.40 -32.44 -14.03
CA HIS C 377 1.29 -32.16 -14.94
C HIS C 377 0.25 -31.18 -14.39
N ARG C 378 -0.39 -30.50 -15.32
CA ARG C 378 -1.61 -29.72 -15.11
C ARG C 378 -2.75 -30.53 -15.70
N LYS C 379 -3.76 -30.82 -14.89
CA LYS C 379 -5.01 -31.30 -15.46
C LYS C 379 -5.92 -30.15 -15.89
N LEU C 380 -6.76 -30.45 -16.87
CA LEU C 380 -7.80 -29.56 -17.37
C LEU C 380 -8.99 -30.45 -17.65
N ALA C 381 -10.17 -30.07 -17.18
CA ALA C 381 -11.32 -30.94 -17.38
C ALA C 381 -12.60 -30.15 -17.58
N THR C 382 -13.42 -30.66 -18.49
CA THR C 382 -14.76 -30.14 -18.75
C THR C 382 -15.79 -31.19 -18.39
N ALA C 383 -17.06 -30.78 -18.48
CA ALA C 383 -18.18 -31.61 -18.05
C ALA C 383 -18.12 -33.01 -18.65
N THR C 384 -17.66 -33.13 -19.88
CA THR C 384 -17.56 -34.42 -20.55
C THR C 384 -16.20 -35.08 -20.43
N GLU C 385 -15.14 -34.30 -20.25
CA GLU C 385 -13.83 -34.73 -20.70
C GLU C 385 -12.77 -34.23 -19.73
N THR C 386 -11.69 -34.99 -19.63
CA THR C 386 -10.60 -34.64 -18.73
C THR C 386 -9.28 -34.87 -19.42
N TYR C 387 -8.35 -33.95 -19.20
CA TYR C 387 -7.15 -33.85 -19.99
C TYR C 387 -6.00 -33.64 -19.03
N ILE C 388 -4.84 -34.15 -19.39
CA ILE C 388 -3.64 -33.90 -18.59
C ILE C 388 -2.63 -33.24 -19.50
N LYS C 389 -2.22 -32.08 -19.12
CA LYS C 389 -1.19 -31.33 -19.82
C LYS C 389 0.13 -31.47 -19.10
N PRO C 390 1.21 -31.78 -19.81
CA PRO C 390 2.53 -31.45 -19.30
C PRO C 390 2.74 -29.95 -19.31
N ILE C 391 3.73 -29.51 -18.53
CA ILE C 391 4.02 -28.09 -18.38
C ILE C 391 5.52 -27.88 -18.29
N SER C 392 5.96 -26.68 -18.66
CA SER C 392 7.37 -26.37 -18.81
C SER C 392 8.05 -26.27 -17.45
N LYS C 393 9.38 -26.18 -17.49
CA LYS C 393 10.14 -26.06 -16.25
C LYS C 393 9.77 -24.82 -15.45
N LEU C 394 9.60 -23.69 -16.14
CA LEU C 394 9.22 -22.45 -15.46
C LEU C 394 7.85 -22.55 -14.84
N HIS C 395 6.93 -23.25 -15.48
CA HIS C 395 5.62 -23.46 -14.87
C HIS C 395 5.70 -24.45 -13.73
N ALA C 396 6.51 -25.49 -13.82
CA ALA C 396 6.65 -26.41 -12.70
C ALA C 396 7.22 -25.69 -11.48
N ILE C 397 8.15 -24.77 -11.70
CA ILE C 397 8.68 -23.95 -10.62
C ILE C 397 7.62 -23.00 -10.07
N ASN C 398 6.95 -22.24 -10.93
CA ASN C 398 5.91 -21.36 -10.41
C ASN C 398 4.81 -22.13 -9.69
N ALA C 399 4.58 -23.38 -10.07
CA ALA C 399 3.61 -24.20 -9.36
C ALA C 399 4.11 -24.53 -7.97
N ARG C 400 5.34 -25.02 -7.87
CA ARG C 400 5.88 -25.35 -6.57
C ARG C 400 5.90 -24.14 -5.65
N ASP C 401 6.29 -22.98 -6.16
CA ASP C 401 6.35 -21.80 -5.31
C ASP C 401 4.97 -21.30 -4.90
N ALA C 402 3.99 -21.36 -5.80
CA ALA C 402 2.64 -21.03 -5.38
C ALA C 402 2.16 -21.97 -4.31
N LEU C 403 2.46 -23.26 -4.44
CA LEU C 403 2.08 -24.23 -3.43
C LEU C 403 2.72 -23.92 -2.08
N ALA C 404 4.02 -23.64 -2.08
CA ALA C 404 4.69 -23.32 -0.83
C ALA C 404 4.08 -22.11 -0.15
N LYS C 405 3.75 -21.08 -0.94
CA LYS C 405 3.04 -19.94 -0.36
C LYS C 405 1.65 -20.30 0.13
N HIS C 406 0.98 -21.24 -0.52
CA HIS C 406 -0.35 -21.66 -0.09
C HIS C 406 -0.33 -22.48 1.17
N ILE C 407 0.71 -23.29 1.37
CA ILE C 407 0.87 -23.94 2.66
C ILE C 407 1.14 -22.90 3.73
N TYR C 408 2.12 -22.03 3.49
CA TYR C 408 2.58 -21.16 4.56
C TYR C 408 1.50 -20.20 5.02
N ALA C 409 0.84 -19.51 4.09
CA ALA C 409 -0.14 -18.53 4.52
C ALA C 409 -1.37 -19.14 5.19
N ASN C 410 -1.65 -20.42 4.93
CA ASN C 410 -2.68 -21.07 5.72
C ASN C 410 -2.16 -21.49 7.09
N LEU C 411 -0.93 -21.97 7.16
CA LEU C 411 -0.40 -22.32 8.48
C LEU C 411 -0.41 -21.11 9.39
N PHE C 412 0.09 -19.99 8.88
CA PHE C 412 0.00 -18.72 9.60
C PHE C 412 -1.43 -18.43 10.03
N ASN C 413 -2.37 -18.48 9.09
CA ASN C 413 -3.72 -18.07 9.43
C ASN C 413 -4.40 -19.05 10.40
N TRP C 414 -3.84 -20.23 10.59
CA TRP C 414 -4.34 -21.19 11.57
C TRP C 414 -3.73 -21.01 12.95
N ILE C 415 -2.43 -20.74 13.02
CA ILE C 415 -1.83 -20.43 14.31
C ILE C 415 -2.45 -19.18 14.89
N VAL C 416 -2.66 -18.17 14.05
CA VAL C 416 -3.38 -17.00 14.52
C VAL C 416 -4.73 -17.37 15.10
N ASP C 417 -5.34 -18.43 14.59
CA ASP C 417 -6.66 -18.78 15.08
C ASP C 417 -6.60 -19.47 16.43
N HIS C 418 -5.57 -20.26 16.70
CA HIS C 418 -5.48 -20.83 18.04
C HIS C 418 -5.12 -19.80 19.10
N VAL C 419 -4.17 -18.92 18.78
CA VAL C 419 -3.95 -17.75 19.62
C VAL C 419 -5.26 -17.00 19.86
N ASN C 420 -6.10 -16.92 18.84
CA ASN C 420 -7.40 -16.29 19.04
C ASN C 420 -8.29 -17.10 19.97
N LYS C 421 -8.23 -18.43 19.88
CA LYS C 421 -9.09 -19.23 20.74
C LYS C 421 -8.76 -18.96 22.20
N ALA C 422 -7.46 -19.01 22.52
CA ALA C 422 -7.05 -18.74 23.89
C ALA C 422 -7.40 -17.33 24.33
N LEU C 423 -7.35 -16.36 23.42
CA LEU C 423 -7.50 -14.97 23.85
C LEU C 423 -8.95 -14.53 23.96
N HIS C 424 -9.87 -15.12 23.20
CA HIS C 424 -11.27 -14.81 23.42
C HIS C 424 -11.72 -15.15 24.82
N SER C 425 -12.78 -14.46 25.23
CA SER C 425 -13.33 -14.51 26.58
C SER C 425 -14.82 -14.78 26.47
N THR C 426 -15.32 -15.69 27.30
CA THR C 426 -16.64 -16.28 27.08
C THR C 426 -17.70 -15.42 27.77
N VAL C 427 -17.85 -14.22 27.24
CA VAL C 427 -18.94 -13.33 27.61
C VAL C 427 -19.25 -12.44 26.42
N LYS C 428 -20.51 -12.06 26.28
CA LYS C 428 -20.89 -11.11 25.23
C LYS C 428 -20.07 -9.84 25.39
N GLN C 429 -19.43 -9.40 24.30
CA GLN C 429 -18.66 -8.16 24.34
C GLN C 429 -19.53 -6.97 24.00
N HIS C 430 -19.41 -5.92 24.80
CA HIS C 430 -20.20 -4.71 24.58
C HIS C 430 -19.59 -3.82 23.51
N SER C 431 -18.30 -3.53 23.64
CA SER C 431 -17.58 -2.68 22.70
C SER C 431 -16.10 -3.00 22.82
N PHE C 432 -15.30 -2.42 21.94
CA PHE C 432 -13.88 -2.75 21.94
C PHE C 432 -13.02 -1.55 21.57
N ILE C 433 -11.79 -1.57 22.08
CA ILE C 433 -10.73 -0.65 21.74
C ILE C 433 -9.63 -1.46 21.11
N GLY C 434 -9.05 -0.94 20.04
CA GLY C 434 -8.20 -1.73 19.18
C GLY C 434 -6.87 -1.08 18.92
N VAL C 435 -5.84 -1.91 18.84
CA VAL C 435 -4.46 -1.48 18.80
C VAL C 435 -3.84 -2.12 17.57
N LEU C 436 -3.23 -1.30 16.73
CA LEU C 436 -2.88 -1.69 15.38
C LEU C 436 -1.40 -1.46 15.20
N ASP C 437 -0.71 -2.48 14.74
CA ASP C 437 0.73 -2.47 14.58
C ASP C 437 0.99 -2.72 13.11
N ILE C 438 1.39 -1.66 12.43
CA ILE C 438 1.44 -1.61 10.98
C ILE C 438 2.60 -0.71 10.61
N TYR C 439 3.16 -0.91 9.43
CA TYR C 439 4.50 -0.45 9.16
C TYR C 439 4.50 0.74 8.22
N GLY C 440 5.35 1.70 8.55
CA GLY C 440 5.26 3.03 8.01
C GLY C 440 5.66 3.12 6.57
N PHE C 441 5.31 4.26 5.98
CA PHE C 441 5.74 4.58 4.63
C PHE C 441 7.26 4.53 4.58
N GLU C 442 7.80 4.19 3.42
CA GLU C 442 9.10 3.55 3.39
C GLU C 442 9.90 4.03 2.19
N THR C 443 11.21 4.17 2.37
CA THR C 443 12.13 4.38 1.27
C THR C 443 13.44 3.67 1.54
N PHE C 444 13.91 2.95 0.53
CA PHE C 444 15.14 2.18 0.47
C PHE C 444 15.79 2.55 -0.85
N GLU C 445 17.05 2.18 -1.04
CA GLU C 445 17.75 2.66 -2.22
C GLU C 445 17.82 1.56 -3.26
N ILE C 446 16.98 0.55 -3.08
CA ILE C 446 16.38 -0.29 -4.11
C ILE C 446 14.94 -0.43 -3.67
N ASN C 447 14.00 -0.40 -4.59
CA ASN C 447 12.62 -0.68 -4.20
C ASN C 447 11.96 -1.67 -5.13
N SER C 448 11.15 -2.54 -4.52
CA SER C 448 10.73 -3.81 -5.05
C SER C 448 9.30 -4.04 -4.59
N PHE C 449 8.65 -4.96 -5.28
CA PHE C 449 7.20 -5.13 -5.19
C PHE C 449 6.70 -5.19 -3.75
N GLU C 450 7.49 -5.77 -2.85
CA GLU C 450 7.15 -5.73 -1.43
C GLU C 450 7.02 -4.30 -0.92
N GLN C 451 7.99 -3.45 -1.24
CA GLN C 451 7.84 -2.03 -0.96
C GLN C 451 6.71 -1.39 -1.74
N PHE C 452 6.42 -1.85 -2.96
CA PHE C 452 5.29 -1.25 -3.64
C PHE C 452 4.00 -1.49 -2.88
N CYS C 453 3.85 -2.69 -2.33
CA CYS C 453 2.67 -3.00 -1.52
C CYS C 453 2.67 -2.20 -0.23
N ILE C 454 3.81 -2.12 0.44
CA ILE C 454 3.90 -1.37 1.69
C ILE C 454 3.48 0.08 1.47
N ASN C 455 4.00 0.70 0.41
CA ASN C 455 3.65 2.08 0.14
C ASN C 455 2.24 2.24 -0.37
N TYR C 456 1.68 1.21 -0.99
CA TYR C 456 0.26 1.27 -1.33
C TYR C 456 -0.58 1.30 -0.06
N ALA C 457 -0.25 0.43 0.91
CA ALA C 457 -1.03 0.38 2.13
C ALA C 457 -0.96 1.72 2.86
N ASN C 458 0.27 2.23 3.02
CA ASN C 458 0.45 3.51 3.68
C ASN C 458 -0.31 4.63 2.99
N GLU C 459 -0.53 4.51 1.68
CA GLU C 459 -1.34 5.52 1.01
C GLU C 459 -2.77 5.53 1.51
N LYS C 460 -3.39 4.35 1.63
CA LYS C 460 -4.75 4.26 2.17
C LYS C 460 -4.79 4.77 3.60
N LEU C 461 -3.87 4.29 4.43
CA LEU C 461 -3.85 4.71 5.84
C LEU C 461 -3.76 6.22 5.96
N GLN C 462 -2.83 6.82 5.22
CA GLN C 462 -2.70 8.26 5.34
C GLN C 462 -3.87 9.00 4.70
N GLN C 463 -4.57 8.41 3.75
CA GLN C 463 -5.82 9.04 3.35
C GLN C 463 -6.77 9.10 4.54
N GLN C 464 -6.91 7.98 5.23
CA GLN C 464 -7.85 7.91 6.34
C GLN C 464 -7.53 8.99 7.36
N PHE C 465 -6.24 9.11 7.69
CA PHE C 465 -5.76 10.20 8.55
C PHE C 465 -6.10 11.58 7.99
N ASN C 466 -5.70 11.85 6.75
CA ASN C 466 -5.89 13.19 6.19
C ASN C 466 -7.35 13.59 6.22
N MET C 467 -8.25 12.62 6.13
CA MET C 467 -9.67 12.93 6.11
C MET C 467 -10.24 13.05 7.52
N HIS C 468 -9.78 12.21 8.44
CA HIS C 468 -10.20 12.27 9.83
C HIS C 468 -9.76 13.57 10.50
N VAL C 469 -8.50 13.97 10.30
CA VAL C 469 -8.04 15.28 10.74
C VAL C 469 -8.94 16.38 10.21
N PHE C 470 -9.25 16.34 8.92
CA PHE C 470 -10.10 17.37 8.34
C PHE C 470 -11.46 17.40 9.00
N LYS C 471 -12.00 16.22 9.32
CA LYS C 471 -13.24 16.12 10.09
C LYS C 471 -13.11 16.78 11.46
N LEU C 472 -12.05 16.48 12.20
CA LEU C 472 -11.91 17.02 13.55
C LEU C 472 -11.67 18.53 13.56
N GLU C 473 -10.93 19.04 12.58
CA GLU C 473 -10.83 20.49 12.45
C GLU C 473 -12.17 21.11 12.08
N GLN C 474 -12.92 20.48 11.17
CA GLN C 474 -14.23 21.02 10.83
C GLN C 474 -15.12 21.02 12.07
N GLU C 475 -15.04 19.97 12.87
CA GLU C 475 -15.76 19.90 14.15
C GLU C 475 -15.40 21.07 15.05
N GLU C 476 -14.10 21.28 15.27
CA GLU C 476 -13.67 22.32 16.18
C GLU C 476 -14.06 23.70 15.69
N TYR C 477 -14.05 23.89 14.36
CA TYR C 477 -14.68 25.09 13.80
C TYR C 477 -16.17 25.16 14.09
N MET C 478 -16.90 24.05 13.94
CA MET C 478 -18.35 24.17 14.12
C MET C 478 -18.77 24.24 15.57
N LYS C 479 -17.82 24.04 16.49
CA LYS C 479 -17.95 24.60 17.82
C LYS C 479 -18.15 26.11 17.76
N GLU C 480 -17.66 26.74 16.70
CA GLU C 480 -17.37 28.15 16.67
C GLU C 480 -18.02 28.80 15.44
N GLN C 481 -18.20 30.12 15.54
CA GLN C 481 -18.94 30.89 14.56
C GLN C 481 -18.33 30.86 13.15
N ILE C 482 -17.01 30.71 13.02
CA ILE C 482 -16.33 30.86 11.73
C ILE C 482 -16.28 29.58 10.89
N PRO C 483 -16.38 29.70 9.56
CA PRO C 483 -16.64 28.54 8.69
C PRO C 483 -15.41 27.73 8.30
N TRP C 484 -15.71 26.50 7.81
CA TRP C 484 -14.68 25.53 7.45
C TRP C 484 -13.83 25.98 6.28
N THR C 485 -14.40 26.74 5.33
CA THR C 485 -13.82 26.88 4.00
C THR C 485 -12.38 27.35 4.05
N LEU C 486 -12.01 28.07 5.10
CA LEU C 486 -10.63 28.51 5.27
C LEU C 486 -9.65 27.34 5.18
N ILE C 487 -10.09 26.16 5.62
CA ILE C 487 -9.27 24.96 5.53
C ILE C 487 -9.22 24.43 4.11
N ASP C 488 -8.04 23.96 3.71
CA ASP C 488 -7.85 23.07 2.57
C ASP C 488 -6.83 22.02 2.96
N PHE C 489 -6.85 20.86 2.29
CA PHE C 489 -5.98 19.78 2.72
C PHE C 489 -5.46 19.01 1.52
N TYR C 490 -4.26 18.46 1.69
CA TYR C 490 -3.65 17.57 0.72
C TYR C 490 -4.55 16.38 0.41
N ASP C 491 -4.54 15.95 -0.84
CA ASP C 491 -5.45 14.90 -1.30
C ASP C 491 -4.67 13.81 -2.03
N ASN C 492 -4.81 12.58 -1.54
CA ASN C 492 -4.11 11.41 -2.03
C ASN C 492 -4.77 10.75 -3.23
N GLN C 493 -6.03 11.06 -3.50
CA GLN C 493 -6.83 10.21 -4.39
C GLN C 493 -6.24 9.99 -5.77
N PRO C 494 -5.68 10.99 -6.47
CA PRO C 494 -5.06 10.68 -7.77
C PRO C 494 -3.98 9.62 -7.72
N CYS C 495 -3.21 9.54 -6.64
CA CYS C 495 -2.23 8.46 -6.56
C CYS C 495 -2.90 7.15 -6.27
N ILE C 496 -3.92 7.17 -5.40
CA ILE C 496 -4.61 5.94 -5.08
C ILE C 496 -5.15 5.34 -6.37
N ASN C 497 -5.85 6.16 -7.17
CA ASN C 497 -6.37 5.67 -8.45
C ASN C 497 -5.23 5.15 -9.32
N LEU C 498 -4.11 5.86 -9.35
CA LEU C 498 -3.04 5.47 -10.25
C LEU C 498 -2.58 4.06 -9.99
N ILE C 499 -2.39 3.71 -8.71
CA ILE C 499 -2.02 2.34 -8.37
C ILE C 499 -3.19 1.39 -8.51
N GLU C 500 -4.31 1.74 -7.90
CA GLU C 500 -5.42 0.83 -7.67
C GLU C 500 -6.26 0.60 -8.91
N ALA C 501 -6.69 1.65 -9.58
CA ALA C 501 -7.87 1.61 -10.43
C ALA C 501 -7.54 1.11 -11.82
N LYS C 502 -8.58 0.59 -12.47
CA LYS C 502 -8.46 -0.25 -13.64
C LYS C 502 -7.60 0.37 -14.73
N MET C 503 -6.78 -0.47 -15.36
CA MET C 503 -5.64 -0.03 -16.16
C MET C 503 -4.70 0.84 -15.33
N GLY C 504 -4.28 0.30 -14.19
CA GLY C 504 -3.35 0.97 -13.31
C GLY C 504 -2.21 0.04 -12.94
N VAL C 505 -1.28 0.59 -12.16
CA VAL C 505 0.05 -0.01 -12.07
C VAL C 505 0.04 -1.38 -11.41
N LEU C 506 -1.00 -1.71 -10.65
CA LEU C 506 -1.18 -3.10 -10.28
C LEU C 506 -1.92 -3.88 -11.35
N ASP C 507 -2.91 -3.27 -11.98
CA ASP C 507 -3.76 -4.00 -12.94
C ASP C 507 -2.96 -4.53 -14.11
N LEU C 508 -2.09 -3.72 -14.68
CA LEU C 508 -1.21 -4.18 -15.76
C LEU C 508 -0.24 -5.23 -15.27
N LEU C 509 0.06 -5.25 -13.98
CA LEU C 509 0.92 -6.30 -13.48
C LEU C 509 0.18 -7.62 -13.44
N ASP C 510 -1.10 -7.60 -13.08
CA ASP C 510 -1.86 -8.83 -13.11
C ASP C 510 -2.06 -9.29 -14.54
N GLU C 511 -2.27 -8.35 -15.46
CA GLU C 511 -2.46 -8.68 -16.86
C GLU C 511 -1.23 -9.33 -17.48
N GLU C 512 -0.04 -8.79 -17.22
CA GLU C 512 1.18 -9.40 -17.72
C GLU C 512 1.41 -10.83 -17.25
N CYS C 513 0.83 -11.24 -16.13
CA CYS C 513 0.86 -12.65 -15.78
C CYS C 513 0.19 -13.51 -16.85
N LYS C 514 -0.96 -13.06 -17.35
CA LYS C 514 -1.74 -13.82 -18.33
C LYS C 514 -1.14 -13.80 -19.73
N MET C 515 -0.81 -12.61 -20.23
CA MET C 515 -0.45 -12.44 -21.64
C MET C 515 0.68 -13.39 -22.03
N PRO C 516 0.58 -14.04 -23.20
CA PRO C 516 1.21 -15.36 -23.40
C PRO C 516 2.69 -15.42 -23.10
N LYS C 517 3.47 -14.42 -23.49
CA LYS C 517 4.82 -14.27 -22.98
C LYS C 517 4.97 -12.87 -22.44
N GLY C 518 5.45 -12.78 -21.21
CA GLY C 518 5.37 -11.56 -20.45
C GLY C 518 6.55 -11.44 -19.54
N SER C 519 7.04 -10.23 -19.34
CA SER C 519 8.31 -10.02 -18.68
C SER C 519 8.27 -8.64 -18.06
N ASP C 520 9.19 -8.42 -17.13
CA ASP C 520 9.33 -7.11 -16.53
C ASP C 520 9.56 -6.02 -17.56
N ASP C 521 10.19 -6.36 -18.69
CA ASP C 521 10.37 -5.36 -19.73
C ASP C 521 9.06 -5.03 -20.43
N THR C 522 8.36 -6.04 -20.94
CA THR C 522 7.11 -5.74 -21.61
C THR C 522 6.09 -5.12 -20.67
N TRP C 523 6.13 -5.49 -19.39
CA TRP C 523 5.33 -4.77 -18.42
C TRP C 523 5.68 -3.31 -18.38
N ALA C 524 6.97 -2.99 -18.20
CA ALA C 524 7.36 -1.59 -18.13
C ALA C 524 6.89 -0.86 -19.38
N GLN C 525 7.06 -1.49 -20.53
CA GLN C 525 6.67 -0.86 -21.78
C GLN C 525 5.20 -0.50 -21.76
N LYS C 526 4.36 -1.42 -21.26
CA LYS C 526 2.94 -1.10 -21.16
C LYS C 526 2.68 0.02 -20.19
N LEU C 527 3.46 0.07 -19.10
CA LEU C 527 3.31 1.16 -18.14
C LEU C 527 3.52 2.50 -18.83
N TYR C 528 4.63 2.61 -19.57
CA TYR C 528 4.95 3.88 -20.20
C TYR C 528 3.91 4.23 -21.26
N ASN C 529 3.55 3.26 -22.10
CA ASN C 529 2.56 3.50 -23.14
C ASN C 529 1.27 4.03 -22.53
N THR C 530 0.87 3.48 -21.39
CA THR C 530 -0.41 3.86 -20.79
C THR C 530 -0.34 5.19 -20.05
N HIS C 531 0.68 5.40 -19.23
CA HIS C 531 0.66 6.47 -18.25
C HIS C 531 1.71 7.55 -18.45
N LEU C 532 2.84 7.26 -19.09
CA LEU C 532 4.06 8.03 -18.85
C LEU C 532 3.88 9.51 -19.12
N ASN C 533 3.19 9.86 -20.18
CA ASN C 533 2.95 11.26 -20.51
C ASN C 533 1.55 11.72 -20.11
N LYS C 534 0.74 10.81 -19.59
CA LYS C 534 -0.67 11.11 -19.33
C LYS C 534 -0.89 11.81 -18.00
N CYS C 535 -0.20 11.39 -16.93
CA CYS C 535 -0.58 11.82 -15.59
C CYS C 535 0.65 12.29 -14.81
N ALA C 536 0.45 13.36 -14.03
CA ALA C 536 1.51 14.05 -13.31
C ALA C 536 2.17 13.20 -12.22
N LEU C 537 1.55 12.13 -11.77
CA LEU C 537 2.11 11.39 -10.64
C LEU C 537 3.06 10.28 -11.06
N PHE C 538 3.16 9.96 -12.34
CA PHE C 538 4.03 8.90 -12.81
C PHE C 538 5.18 9.53 -13.60
N GLU C 539 6.38 9.01 -13.42
CA GLU C 539 7.53 9.48 -14.16
C GLU C 539 8.44 8.32 -14.51
N LYS C 540 9.09 8.43 -15.65
CA LYS C 540 10.20 7.54 -16.00
C LYS C 540 11.51 8.17 -15.57
N PRO C 541 12.46 7.42 -15.01
CA PRO C 541 13.81 7.97 -14.87
C PRO C 541 14.41 8.22 -16.23
N ARG C 542 15.47 9.03 -16.28
CA ARG C 542 16.18 9.21 -17.53
C ARG C 542 16.80 7.91 -18.03
N LEU C 543 17.54 7.25 -17.15
CA LEU C 543 18.61 6.35 -17.58
C LEU C 543 18.20 4.90 -17.77
N SER C 544 16.93 4.55 -17.62
CA SER C 544 16.58 3.18 -17.97
C SER C 544 15.12 3.05 -18.34
N ASN C 545 14.86 2.05 -19.18
CA ASN C 545 13.54 1.44 -19.34
C ASN C 545 13.14 0.59 -18.15
N LYS C 546 14.11 0.01 -17.45
CA LYS C 546 13.84 -0.98 -16.40
C LYS C 546 12.91 -0.48 -15.31
N ALA C 547 12.87 0.82 -15.00
CA ALA C 547 12.31 1.24 -13.74
C ALA C 547 11.37 2.42 -13.96
N PHE C 548 10.57 2.72 -12.94
CA PHE C 548 9.67 3.86 -12.97
C PHE C 548 9.62 4.51 -11.60
N ILE C 549 9.11 5.73 -11.58
CA ILE C 549 9.05 6.53 -10.36
C ILE C 549 7.60 6.88 -10.11
N ILE C 550 7.16 6.71 -8.86
CA ILE C 550 5.88 7.23 -8.40
C ILE C 550 6.16 8.37 -7.44
N LYS C 551 5.50 9.50 -7.65
CA LYS C 551 5.53 10.57 -6.67
C LYS C 551 4.44 10.30 -5.65
N HIS C 552 4.77 9.49 -4.64
CA HIS C 552 3.92 9.40 -3.47
C HIS C 552 3.89 10.72 -2.73
N PHE C 553 2.92 10.84 -1.84
CA PHE C 553 2.67 12.09 -1.13
C PHE C 553 3.93 12.61 -0.43
N ALA C 554 4.70 11.71 0.17
CA ALA C 554 5.96 12.10 0.79
C ALA C 554 7.04 12.44 -0.24
N ASP C 555 7.27 11.55 -1.20
CA ASP C 555 8.50 11.63 -1.96
C ASP C 555 8.35 10.85 -3.25
N LYS C 556 9.23 11.15 -4.19
CA LYS C 556 9.38 10.31 -5.37
C LYS C 556 10.17 9.06 -5.00
N VAL C 557 9.58 7.90 -5.29
CA VAL C 557 10.21 6.61 -5.06
C VAL C 557 10.41 5.93 -6.41
N GLU C 558 11.60 5.39 -6.64
CA GLU C 558 11.89 4.67 -7.86
C GLU C 558 11.86 3.18 -7.57
N TYR C 559 11.04 2.45 -8.30
CA TYR C 559 10.93 1.00 -8.18
C TYR C 559 11.45 0.33 -9.44
N GLN C 560 12.16 -0.77 -9.27
CA GLN C 560 12.58 -1.53 -10.43
C GLN C 560 11.40 -2.37 -10.91
N CYS C 561 11.30 -2.58 -12.22
CA CYS C 561 10.41 -3.62 -12.69
C CYS C 561 10.95 -5.01 -12.44
N GLU C 562 12.26 -5.17 -12.32
CA GLU C 562 12.84 -6.50 -12.22
C GLU C 562 12.24 -7.30 -11.07
N GLY C 563 11.73 -8.48 -11.41
CA GLY C 563 11.14 -9.38 -10.43
C GLY C 563 9.75 -9.05 -9.93
N PHE C 564 9.07 -8.03 -10.43
CA PHE C 564 7.66 -7.91 -10.09
C PHE C 564 6.83 -9.09 -10.57
N LEU C 565 7.14 -9.67 -11.72
CA LEU C 565 6.28 -10.76 -12.19
C LEU C 565 6.43 -12.03 -11.37
N GLU C 566 7.65 -12.51 -11.15
CA GLU C 566 7.76 -13.76 -10.42
C GLU C 566 7.27 -13.63 -8.99
N LYS C 567 7.41 -12.45 -8.41
CA LYS C 567 6.81 -12.21 -7.10
C LYS C 567 5.30 -12.04 -7.18
N ASN C 568 4.80 -11.47 -8.26
CA ASN C 568 3.36 -11.26 -8.40
C ASN C 568 2.54 -12.54 -8.46
N LYS C 569 3.12 -13.67 -8.82
CA LYS C 569 2.32 -14.74 -9.38
C LYS C 569 2.04 -15.80 -8.33
N ASP C 570 0.78 -16.19 -8.22
CA ASP C 570 0.35 -17.46 -7.68
C ASP C 570 -0.55 -18.09 -8.71
N THR C 571 -0.44 -19.40 -8.88
CA THR C 571 -1.57 -20.20 -9.32
C THR C 571 -1.44 -21.54 -8.64
N VAL C 572 -2.42 -21.93 -7.88
CA VAL C 572 -2.35 -23.20 -7.19
C VAL C 572 -3.00 -24.23 -8.10
N TYR C 573 -2.39 -25.40 -8.21
CA TYR C 573 -3.04 -26.50 -8.89
C TYR C 573 -3.93 -27.24 -7.91
N GLU C 574 -5.24 -27.18 -8.14
CA GLU C 574 -6.18 -27.87 -7.28
C GLU C 574 -5.77 -29.33 -7.10
N GLU C 575 -5.24 -29.93 -8.15
CA GLU C 575 -4.94 -31.34 -8.18
C GLU C 575 -3.62 -31.68 -7.50
N GLN C 576 -2.81 -30.68 -7.18
CA GLN C 576 -1.70 -30.91 -6.26
C GLN C 576 -2.15 -30.81 -4.81
N ILE C 577 -2.88 -29.74 -4.48
CA ILE C 577 -3.29 -29.56 -3.10
C ILE C 577 -4.25 -30.65 -2.64
N LYS C 578 -5.04 -31.24 -3.54
CA LYS C 578 -5.80 -32.44 -3.18
C LYS C 578 -4.91 -33.59 -2.72
N VAL C 579 -3.71 -33.71 -3.27
CA VAL C 579 -2.80 -34.78 -2.83
C VAL C 579 -2.47 -34.63 -1.36
N LEU C 580 -2.07 -33.43 -0.95
CA LEU C 580 -1.82 -33.19 0.46
C LEU C 580 -3.10 -33.32 1.27
N LYS C 581 -4.19 -32.73 0.81
CA LYS C 581 -5.43 -32.74 1.57
C LYS C 581 -5.94 -34.16 1.82
N SER C 582 -5.48 -35.14 1.06
CA SER C 582 -5.85 -36.53 1.37
C SER C 582 -5.08 -37.13 2.55
N SER C 583 -3.98 -36.51 2.98
CA SER C 583 -2.96 -37.23 3.75
C SER C 583 -3.50 -37.81 5.06
N LYS C 584 -2.92 -38.94 5.46
CA LYS C 584 -3.35 -39.69 6.63
C LYS C 584 -2.33 -39.78 7.76
N LYS C 585 -1.10 -39.30 7.58
CA LYS C 585 -0.10 -39.45 8.65
C LYS C 585 -0.39 -38.58 9.85
N PHE C 586 -0.76 -37.31 9.65
CA PHE C 586 -0.92 -36.43 10.79
C PHE C 586 -1.99 -35.39 10.53
N LYS C 587 -2.68 -35.03 11.62
CA LYS C 587 -4.01 -34.45 11.58
C LYS C 587 -4.01 -32.94 11.40
N LEU C 588 -2.86 -32.29 11.35
CA LEU C 588 -2.83 -30.86 11.05
C LEU C 588 -3.12 -30.59 9.58
N LEU C 589 -2.41 -31.30 8.70
CA LEU C 589 -2.37 -30.90 7.30
C LEU C 589 -3.75 -30.92 6.64
N PRO C 590 -4.58 -31.95 6.81
CA PRO C 590 -5.97 -31.83 6.36
C PRO C 590 -6.71 -30.65 6.96
N GLU C 591 -6.41 -30.27 8.20
CA GLU C 591 -7.10 -29.16 8.82
C GLU C 591 -6.75 -27.82 8.19
N LEU C 592 -5.51 -27.64 7.74
CA LEU C 592 -5.15 -26.35 7.14
C LEU C 592 -6.01 -26.04 5.93
N PHE C 593 -6.10 -26.98 5.01
CA PHE C 593 -6.88 -26.86 3.79
C PHE C 593 -8.38 -26.85 4.04
N GLN C 594 -8.81 -27.20 5.25
CA GLN C 594 -10.19 -27.60 5.48
C GLN C 594 -11.20 -26.61 4.94
N ASP C 595 -10.88 -25.32 4.95
CA ASP C 595 -11.67 -24.29 4.26
C ASP C 595 -13.18 -24.43 4.49
N SER C 629 -11.92 -21.87 -4.40
CA SER C 629 -12.72 -21.36 -5.50
C SER C 629 -11.90 -20.50 -6.47
N LYS C 630 -12.40 -19.31 -6.79
CA LYS C 630 -11.62 -18.35 -7.57
C LYS C 630 -10.34 -17.96 -6.84
N GLU C 631 -10.37 -17.95 -5.50
CA GLU C 631 -9.23 -17.55 -4.71
C GLU C 631 -7.94 -18.28 -5.07
N HIS C 632 -8.06 -19.53 -5.55
CA HIS C 632 -6.90 -20.22 -6.11
C HIS C 632 -6.28 -19.45 -7.28
N LYS C 633 -7.08 -18.72 -8.05
CA LYS C 633 -6.53 -17.98 -9.18
C LYS C 633 -5.68 -16.79 -8.75
N LYS C 634 -6.14 -16.02 -7.76
CA LYS C 634 -5.71 -14.64 -7.62
C LYS C 634 -4.20 -14.52 -7.51
N THR C 635 -3.68 -13.47 -8.13
CA THR C 635 -2.31 -13.04 -8.00
C THR C 635 -2.07 -12.32 -6.68
N VAL C 636 -0.81 -12.35 -6.23
CA VAL C 636 -0.46 -11.79 -4.92
C VAL C 636 -0.97 -10.37 -4.81
N GLY C 637 -0.74 -9.57 -5.84
CA GLY C 637 -1.14 -8.18 -5.78
C GLY C 637 -2.63 -8.00 -5.60
N HIS C 638 -3.43 -8.89 -6.19
CA HIS C 638 -4.88 -8.78 -6.01
C HIS C 638 -5.32 -9.27 -4.64
N GLN C 639 -4.65 -10.29 -4.11
CA GLN C 639 -4.92 -10.72 -2.73
C GLN C 639 -4.61 -9.59 -1.76
N PHE C 640 -3.50 -8.90 -1.98
CA PHE C 640 -3.16 -7.75 -1.15
C PHE C 640 -4.16 -6.63 -1.28
N ARG C 641 -4.60 -6.31 -2.50
CA ARG C 641 -5.67 -5.32 -2.63
C ARG C 641 -6.88 -5.70 -1.78
N ASN C 642 -7.35 -6.94 -1.92
CA ASN C 642 -8.52 -7.35 -1.16
C ASN C 642 -8.28 -7.20 0.34
N SER C 643 -7.14 -7.71 0.81
CA SER C 643 -6.87 -7.73 2.24
C SER C 643 -6.74 -6.32 2.80
N LEU C 644 -6.09 -5.43 2.06
CA LEU C 644 -6.09 -4.03 2.46
C LEU C 644 -7.49 -3.44 2.47
N HIS C 645 -8.39 -3.90 1.63
CA HIS C 645 -9.73 -3.34 1.77
C HIS C 645 -10.46 -3.88 2.98
N LEU C 646 -10.15 -5.13 3.37
CA LEU C 646 -10.71 -5.64 4.61
C LEU C 646 -10.23 -4.80 5.78
N LEU C 647 -8.92 -4.62 5.89
CA LEU C 647 -8.36 -3.77 6.94
C LEU C 647 -8.97 -2.38 6.93
N MET C 648 -9.05 -1.76 5.75
CA MET C 648 -9.51 -0.40 5.71
C MET C 648 -10.98 -0.26 6.05
N GLU C 649 -11.81 -1.25 5.73
CA GLU C 649 -13.16 -1.16 6.26
C GLU C 649 -13.26 -1.54 7.72
N THR C 650 -12.30 -2.29 8.25
CA THR C 650 -12.24 -2.49 9.70
C THR C 650 -11.94 -1.21 10.44
N LEU C 651 -11.06 -0.39 9.89
CA LEU C 651 -10.69 0.87 10.54
C LEU C 651 -11.57 2.05 10.15
N ASN C 652 -12.18 2.05 8.98
CA ASN C 652 -13.07 3.14 8.63
C ASN C 652 -14.30 3.19 9.53
N ALA C 653 -14.73 2.04 10.07
CA ALA C 653 -15.88 1.98 10.95
C ALA C 653 -15.60 2.49 12.35
N THR C 654 -14.38 2.93 12.63
CA THR C 654 -13.87 3.03 14.00
C THR C 654 -13.03 4.28 14.11
N THR C 655 -13.21 5.01 15.20
CA THR C 655 -12.43 6.23 15.39
C THR C 655 -10.96 5.86 15.54
N PRO C 656 -10.09 6.47 14.76
CA PRO C 656 -8.65 6.30 14.95
C PRO C 656 -8.07 7.19 16.03
N HIS C 657 -6.93 6.73 16.55
CA HIS C 657 -5.98 7.52 17.30
C HIS C 657 -4.61 7.12 16.80
N TYR C 658 -3.64 8.04 16.89
CA TYR C 658 -2.43 7.85 16.10
C TYR C 658 -1.20 7.93 16.98
N VAL C 659 -0.26 7.04 16.70
CA VAL C 659 1.05 7.03 17.33
C VAL C 659 2.07 6.84 16.21
N ARG C 660 3.03 7.73 16.13
CA ARG C 660 4.12 7.52 15.20
C ARG C 660 5.25 6.81 15.92
N CYS C 661 6.23 6.38 15.15
CA CYS C 661 7.55 6.13 15.71
C CYS C 661 8.58 6.67 14.72
N ILE C 662 9.56 7.42 15.23
CA ILE C 662 10.64 7.93 14.41
C ILE C 662 11.98 7.51 15.01
N LYS C 663 12.70 6.67 14.30
CA LYS C 663 13.88 6.00 14.85
C LYS C 663 15.10 6.92 14.83
N PRO C 664 15.60 7.34 15.99
CA PRO C 664 16.51 8.49 16.01
C PRO C 664 17.86 8.25 15.36
N ASN C 665 18.38 7.03 15.36
CA ASN C 665 19.65 6.81 14.67
C ASN C 665 19.77 5.37 14.21
N ASP C 666 20.50 5.21 13.11
CA ASP C 666 20.60 3.91 12.46
C ASP C 666 21.41 2.92 13.29
N PHE C 667 22.46 3.37 13.94
CA PHE C 667 23.38 2.45 14.60
C PHE C 667 22.86 1.95 15.94
N LYS C 668 21.71 2.44 16.37
CA LYS C 668 21.13 2.18 17.69
C LYS C 668 21.99 2.68 18.84
N PHE C 669 22.79 3.72 18.64
CA PHE C 669 23.42 4.33 19.80
C PHE C 669 22.32 4.80 20.75
N PRO C 670 22.49 4.67 22.05
CA PRO C 670 21.43 5.08 22.96
C PRO C 670 21.22 6.57 22.97
N PHE C 671 19.95 6.94 23.04
CA PHE C 671 19.50 8.24 23.51
C PHE C 671 20.18 9.39 22.75
N THR C 672 20.34 9.22 21.43
CA THR C 672 21.06 10.19 20.61
C THR C 672 20.42 10.27 19.24
N PHE C 673 20.62 11.41 18.58
CA PHE C 673 19.76 11.88 17.51
C PHE C 673 20.58 12.23 16.28
N ASP C 674 19.98 12.05 15.10
CA ASP C 674 20.55 12.51 13.83
C ASP C 674 19.53 13.38 13.12
N GLU C 675 19.96 14.53 12.62
CA GLU C 675 19.00 15.46 12.01
C GLU C 675 18.37 14.86 10.76
N LYS C 676 19.19 14.20 9.94
CA LYS C 676 18.79 13.83 8.59
C LYS C 676 17.75 12.72 8.57
N ARG C 677 18.00 11.65 9.34
CA ARG C 677 16.98 10.63 9.49
C ARG C 677 15.70 11.23 10.04
N ALA C 678 15.79 11.98 11.12
CA ALA C 678 14.58 12.48 11.77
C ALA C 678 13.75 13.32 10.79
N VAL C 679 14.40 14.13 9.97
CA VAL C 679 13.67 14.90 8.96
C VAL C 679 12.98 13.96 7.99
N GLN C 680 13.71 12.97 7.50
CA GLN C 680 13.12 12.04 6.54
C GLN C 680 11.92 11.32 7.13
N GLN C 681 12.03 10.88 8.38
CA GLN C 681 10.92 10.24 9.07
C GLN C 681 9.74 11.18 9.22
N LEU C 682 9.99 12.43 9.60
CA LEU C 682 8.90 13.37 9.81
C LEU C 682 8.21 13.74 8.51
N ARG C 683 8.95 13.71 7.41
CA ARG C 683 8.31 13.85 6.10
C ARG C 683 7.46 12.63 5.78
N ALA C 684 8.04 11.44 5.91
CA ALA C 684 7.35 10.19 5.59
C ALA C 684 6.12 9.96 6.46
N CYS C 685 6.10 10.54 7.66
CA CYS C 685 4.94 10.45 8.53
C CYS C 685 3.96 11.59 8.31
N GLY C 686 4.17 12.40 7.27
CA GLY C 686 3.24 13.46 6.97
C GLY C 686 3.23 14.59 7.98
N VAL C 687 4.17 14.59 8.92
CA VAL C 687 4.13 15.61 9.96
C VAL C 687 4.57 16.94 9.40
N LEU C 688 5.64 16.96 8.61
CA LEU C 688 6.12 18.20 8.00
C LEU C 688 5.06 18.80 7.06
N GLU C 689 4.34 17.94 6.34
CA GLU C 689 3.20 18.40 5.55
C GLU C 689 2.14 19.03 6.45
N THR C 690 1.82 18.37 7.55
CA THR C 690 0.79 18.89 8.44
C THR C 690 1.21 20.22 9.04
N ILE C 691 2.50 20.34 9.34
CA ILE C 691 3.04 21.58 9.86
C ILE C 691 2.82 22.71 8.87
N ARG C 692 3.28 22.52 7.63
CA ARG C 692 3.08 23.56 6.61
C ARG C 692 1.60 23.92 6.44
N ILE C 693 0.74 22.91 6.39
CA ILE C 693 -0.69 23.14 6.21
C ILE C 693 -1.26 23.96 7.35
N SER C 694 -0.89 23.63 8.59
CA SER C 694 -1.37 24.44 9.70
C SER C 694 -0.73 25.82 9.68
N ALA C 695 0.50 25.91 9.20
CA ALA C 695 1.28 27.12 9.32
C ALA C 695 0.65 28.21 8.46
N ALA C 696 0.20 27.84 7.27
CA ALA C 696 -0.63 28.79 6.56
C ALA C 696 -2.08 28.78 7.02
N GLY C 697 -2.39 28.05 8.10
CA GLY C 697 -3.74 28.01 8.61
C GLY C 697 -4.04 29.02 9.70
N PHE C 698 -4.74 28.59 10.75
CA PHE C 698 -4.85 29.29 12.02
C PHE C 698 -4.31 28.43 13.15
N PRO C 699 -2.99 28.30 13.26
CA PRO C 699 -2.42 27.30 14.18
C PRO C 699 -2.70 27.59 15.65
N SER C 700 -2.81 28.84 16.05
CA SER C 700 -2.83 29.21 17.46
C SER C 700 -4.23 29.24 18.03
N ARG C 701 -4.35 28.73 19.26
CA ARG C 701 -5.58 28.82 20.05
C ARG C 701 -5.24 29.39 21.41
N TRP C 702 -6.09 30.28 21.91
CA TRP C 702 -6.06 30.64 23.32
C TRP C 702 -7.50 30.68 23.83
N THR C 703 -7.64 30.39 25.12
CA THR C 703 -8.86 30.75 25.82
C THR C 703 -8.77 32.17 26.34
N TYR C 704 -9.92 32.82 26.46
CA TYR C 704 -10.00 34.16 27.04
C TYR C 704 -9.28 34.24 28.38
N GLN C 705 -9.53 33.27 29.26
CA GLN C 705 -8.88 33.27 30.56
C GLN C 705 -7.37 33.16 30.46
N GLU C 706 -6.88 32.23 29.63
CA GLU C 706 -5.44 32.00 29.55
C GLU C 706 -4.72 33.20 28.95
N PHE C 707 -5.32 33.82 27.93
CA PHE C 707 -4.74 35.03 27.37
C PHE C 707 -4.79 36.18 28.37
N PHE C 708 -5.96 36.43 28.95
CA PHE C 708 -6.09 37.64 29.74
C PHE C 708 -5.23 37.54 30.99
N SER C 709 -5.26 36.38 31.63
CA SER C 709 -4.40 36.10 32.78
C SER C 709 -2.91 36.22 32.47
N ARG C 710 -2.49 35.80 31.27
CA ARG C 710 -1.09 35.99 30.91
C ARG C 710 -0.74 37.45 30.62
N TYR C 711 -1.59 38.16 29.90
CA TYR C 711 -1.29 39.51 29.41
C TYR C 711 -1.90 40.61 30.27
N ARG C 712 -2.27 40.30 31.53
CA ARG C 712 -2.51 41.36 32.50
C ARG C 712 -1.34 42.33 32.60
N VAL C 713 -0.12 41.88 32.31
CA VAL C 713 1.02 42.79 32.24
C VAL C 713 0.76 43.96 31.30
N LEU C 714 -0.04 43.74 30.27
CA LEU C 714 -0.43 44.76 29.30
C LEU C 714 -1.54 45.67 29.76
N MET C 715 -2.20 45.37 30.89
CA MET C 715 -3.43 46.04 31.30
C MET C 715 -3.25 47.46 31.82
N LYS C 716 -4.25 48.29 31.52
CA LYS C 716 -4.56 49.54 32.20
C LYS C 716 -6.07 49.67 32.29
N GLN C 717 -6.55 50.31 33.36
CA GLN C 717 -7.87 50.02 33.91
C GLN C 717 -9.01 50.04 32.90
N LYS C 718 -8.94 50.86 31.86
CA LYS C 718 -9.91 50.70 30.76
C LYS C 718 -9.82 49.35 30.06
N ASP C 719 -8.67 48.69 30.09
CA ASP C 719 -8.54 47.28 29.75
C ASP C 719 -9.49 46.35 30.49
N VAL C 720 -9.95 46.71 31.69
CA VAL C 720 -10.75 45.78 32.48
C VAL C 720 -12.19 46.26 32.66
N LEU C 721 -13.09 45.37 32.29
CA LEU C 721 -14.54 45.47 32.20
C LEU C 721 -15.00 44.06 32.55
N SER C 722 -16.16 43.91 33.19
CA SER C 722 -16.32 42.71 33.98
C SER C 722 -16.45 41.45 33.13
N ASP C 723 -16.98 41.54 31.90
CA ASP C 723 -17.01 40.37 31.01
C ASP C 723 -15.70 40.34 30.21
N ARG C 724 -14.81 39.40 30.56
CA ARG C 724 -13.47 39.36 29.96
C ARG C 724 -13.47 39.23 28.45
N LYS C 725 -14.49 38.59 27.88
CA LYS C 725 -14.59 38.49 26.43
C LYS C 725 -14.64 39.86 25.76
N GLN C 726 -15.48 40.74 26.28
CA GLN C 726 -15.54 42.10 25.76
C GLN C 726 -14.25 42.86 26.00
N THR C 727 -13.60 42.64 27.14
CA THR C 727 -12.32 43.33 27.36
C THR C 727 -11.29 42.93 26.32
N CYS C 728 -11.11 41.64 26.09
CA CYS C 728 -10.11 41.21 25.11
C CYS C 728 -10.47 41.69 23.72
N LYS C 729 -11.73 41.51 23.33
CA LYS C 729 -12.20 41.90 22.00
C LYS C 729 -12.13 43.40 21.75
N ASN C 730 -12.35 44.22 22.77
CA ASN C 730 -12.08 45.65 22.65
C ASN C 730 -10.59 45.95 22.60
N VAL C 731 -9.84 45.46 23.58
CA VAL C 731 -8.44 45.84 23.74
C VAL C 731 -7.66 45.54 22.47
N LEU C 732 -7.82 44.35 21.92
CA LEU C 732 -7.05 43.97 20.74
C LEU C 732 -7.31 44.88 19.55
N GLU C 733 -8.50 45.47 19.43
CA GLU C 733 -8.84 46.26 18.26
C GLU C 733 -7.86 47.39 17.99
N LYS C 734 -7.39 48.07 19.03
CA LYS C 734 -6.29 49.02 18.85
C LYS C 734 -4.96 48.31 18.59
N LEU C 735 -4.74 47.18 19.24
CA LEU C 735 -3.40 46.62 19.36
C LEU C 735 -2.90 46.02 18.06
N ILE C 736 -3.76 45.39 17.27
CA ILE C 736 -3.31 44.68 16.08
C ILE C 736 -4.21 44.99 14.90
N LEU C 737 -3.60 44.95 13.71
CA LEU C 737 -4.14 45.60 12.52
C LEU C 737 -5.55 45.15 12.15
N ASP C 738 -5.89 43.88 12.34
CA ASP C 738 -7.29 43.51 12.16
C ASP C 738 -7.56 42.13 12.73
N LYS C 739 -8.86 41.85 12.91
CA LYS C 739 -9.35 40.52 13.23
C LYS C 739 -8.85 39.46 12.27
N ASP C 740 -8.55 39.83 11.02
CA ASP C 740 -7.96 38.86 10.10
C ASP C 740 -6.72 38.19 10.69
N LYS C 741 -5.94 38.90 11.51
CA LYS C 741 -4.91 38.22 12.28
C LYS C 741 -5.48 37.39 13.41
N TYR C 742 -6.58 37.81 14.02
CA TYR C 742 -7.05 37.21 15.26
C TYR C 742 -8.56 37.00 15.24
N GLN C 743 -9.00 35.76 15.13
CA GLN C 743 -10.43 35.49 15.10
C GLN C 743 -10.93 35.32 16.52
N PHE C 744 -12.21 35.57 16.73
CA PHE C 744 -12.83 35.27 18.01
C PHE C 744 -13.95 34.26 17.86
N GLY C 745 -13.87 33.18 18.64
CA GLY C 745 -14.99 32.30 18.87
C GLY C 745 -15.65 32.61 20.22
N LYS C 746 -16.63 31.79 20.54
CA LYS C 746 -17.31 31.92 21.82
C LYS C 746 -16.47 31.38 22.98
N THR C 747 -15.89 30.19 22.81
CA THR C 747 -14.94 29.68 23.79
C THR C 747 -13.56 30.31 23.70
N LYS C 748 -13.10 30.69 22.51
CA LYS C 748 -11.67 30.73 22.25
C LYS C 748 -11.30 31.91 21.38
N ILE C 749 -10.01 32.23 21.38
CA ILE C 749 -9.41 33.27 20.55
C ILE C 749 -8.39 32.63 19.63
N PHE C 750 -8.48 32.92 18.34
CA PHE C 750 -7.66 32.26 17.32
C PHE C 750 -6.80 33.28 16.58
N PHE C 751 -5.49 33.10 16.62
CA PHE C 751 -4.54 34.02 15.99
C PHE C 751 -3.92 33.34 14.79
N ARG C 752 -3.51 34.16 13.82
CA ARG C 752 -2.65 33.68 12.75
C ARG C 752 -1.28 33.31 13.29
N ALA C 753 -0.50 32.65 12.43
CA ALA C 753 0.89 32.40 12.75
C ALA C 753 1.67 33.70 12.93
N GLY C 754 2.69 33.66 13.79
CA GLY C 754 3.54 34.79 14.08
C GLY C 754 3.01 35.84 15.03
N GLN C 755 1.70 35.89 15.30
CA GLN C 755 1.17 36.95 16.14
C GLN C 755 1.54 36.78 17.60
N VAL C 756 1.83 35.55 18.02
CA VAL C 756 2.36 35.30 19.35
C VAL C 756 3.66 36.04 19.59
N ALA C 757 4.60 35.95 18.65
CA ALA C 757 5.91 36.55 18.86
C ALA C 757 5.82 38.07 19.03
N TYR C 758 4.91 38.72 18.30
CA TYR C 758 4.64 40.14 18.53
C TYR C 758 4.04 40.39 19.91
N LEU C 759 3.06 39.59 20.31
CA LEU C 759 2.47 39.85 21.62
C LEU C 759 3.47 39.61 22.74
N GLU C 760 4.34 38.62 22.59
CA GLU C 760 5.47 38.43 23.49
C GLU C 760 6.37 39.65 23.54
N LYS C 761 6.72 40.19 22.38
CA LYS C 761 7.63 41.33 22.35
C LYS C 761 7.03 42.54 23.07
N ILE C 762 5.76 42.86 22.78
CA ILE C 762 5.16 43.99 23.48
C ILE C 762 4.98 43.70 24.97
N ARG C 763 4.76 42.44 25.36
CA ARG C 763 4.76 42.08 26.76
C ARG C 763 6.10 42.40 27.43
N ALA C 764 7.21 41.98 26.83
CA ALA C 764 8.52 42.24 27.40
C ALA C 764 8.84 43.73 27.41
N ASP C 765 8.39 44.46 26.38
CA ASP C 765 8.68 45.87 26.27
C ASP C 765 7.96 46.66 27.35
N LYS C 766 6.66 46.41 27.54
CA LYS C 766 5.95 47.10 28.60
C LYS C 766 6.42 46.64 29.98
N LEU C 767 6.78 45.35 30.12
CA LEU C 767 7.34 44.87 31.37
C LEU C 767 8.58 45.66 31.79
N ARG C 768 9.56 45.80 30.90
CA ARG C 768 10.75 46.57 31.25
C ARG C 768 10.50 48.08 31.31
N ALA C 769 9.58 48.60 30.51
CA ALA C 769 9.17 50.00 30.63
C ALA C 769 8.67 50.34 32.03
N ALA C 770 7.83 49.48 32.60
CA ALA C 770 7.44 49.66 34.00
C ALA C 770 8.58 49.34 34.97
N CYS C 771 9.24 48.20 34.79
CA CYS C 771 10.18 47.69 35.79
C CYS C 771 11.44 48.53 35.94
N ILE C 772 12.06 48.96 34.84
CA ILE C 772 13.24 49.81 34.96
C ILE C 772 12.92 51.19 35.54
N ARG C 773 11.77 51.76 35.21
CA ARG C 773 11.31 52.97 35.89
C ARG C 773 11.04 52.77 37.38
N ILE C 774 10.58 51.58 37.76
CA ILE C 774 10.46 51.27 39.18
C ILE C 774 11.82 51.11 39.84
N GLN C 775 12.74 50.40 39.20
CA GLN C 775 14.10 50.29 39.74
C GLN C 775 14.81 51.64 39.80
N LYS C 776 14.51 52.52 38.86
CA LYS C 776 14.93 53.90 38.86
C LYS C 776 14.49 54.67 40.10
N THR C 777 13.21 54.58 40.44
CA THR C 777 12.78 55.16 41.72
C THR C 777 13.29 54.39 42.95
N ILE C 778 13.43 53.08 42.88
CA ILE C 778 13.81 52.34 44.08
C ILE C 778 15.27 52.58 44.44
N ARG C 779 16.16 52.60 43.46
CA ARG C 779 17.50 53.13 43.70
C ARG C 779 17.47 54.60 44.10
N GLY C 780 16.59 55.41 43.47
CA GLY C 780 16.57 56.82 43.79
C GLY C 780 16.27 57.08 45.26
N TRP C 781 15.19 56.47 45.77
CA TRP C 781 14.88 56.74 47.16
C TRP C 781 15.84 56.01 48.07
N LEU C 782 16.33 54.84 47.66
CA LEU C 782 17.12 54.06 48.61
C LEU C 782 18.41 54.77 48.92
N MET C 783 19.00 55.44 47.92
CA MET C 783 20.09 56.38 48.14
C MET C 783 19.70 57.76 48.67
N ARG C 784 18.47 58.25 48.44
CA ARG C 784 17.98 59.33 49.29
C ARG C 784 18.06 58.98 50.78
N LYS C 785 17.54 57.83 51.15
CA LYS C 785 17.65 57.37 52.53
C LYS C 785 19.09 57.10 52.95
N LYS C 786 19.94 56.61 52.05
CA LYS C 786 21.37 56.50 52.38
C LYS C 786 21.99 57.86 52.67
N TYR C 787 21.58 58.90 51.96
CA TYR C 787 22.02 60.24 52.34
C TYR C 787 21.50 60.61 53.71
N MET C 788 20.21 60.46 53.94
CA MET C 788 19.69 61.04 55.17
C MET C 788 20.25 60.34 56.41
N ARG C 789 20.46 59.02 56.30
CA ARG C 789 21.22 58.25 57.29
C ARG C 789 22.72 58.57 57.40
N MET C 790 23.42 58.81 56.28
CA MET C 790 24.83 59.20 56.35
C MET C 790 25.07 60.65 56.78
N ARG C 791 24.20 61.56 56.39
CA ARG C 791 24.33 62.97 56.75
C ARG C 791 24.02 63.19 58.24
N ARG C 792 23.09 62.41 58.79
CA ARG C 792 22.78 62.53 60.21
C ARG C 792 23.77 61.70 61.03
N THR D 7 -20.11 -8.56 -13.28
CA THR D 7 -20.07 -8.55 -14.73
C THR D 7 -18.86 -9.31 -15.26
N THR D 8 -19.10 -10.20 -16.21
CA THR D 8 -18.01 -10.90 -16.86
C THR D 8 -18.42 -11.14 -18.30
N ALA D 9 -17.44 -11.15 -19.19
CA ALA D 9 -17.74 -11.43 -20.59
C ALA D 9 -18.06 -12.90 -20.81
N LEU D 10 -19.22 -13.17 -21.37
CA LEU D 10 -19.48 -14.45 -21.95
C LEU D 10 -18.54 -14.63 -23.12
N VAL D 11 -18.01 -15.83 -23.29
CA VAL D 11 -17.14 -16.10 -24.43
C VAL D 11 -17.71 -17.29 -25.15
N CYS D 12 -17.95 -17.12 -26.44
CA CYS D 12 -18.77 -18.03 -27.20
C CYS D 12 -18.02 -18.34 -28.47
N ASP D 13 -18.15 -19.58 -28.93
CA ASP D 13 -17.64 -19.99 -30.22
C ASP D 13 -18.79 -20.65 -30.94
N ASN D 14 -19.00 -20.27 -32.19
CA ASN D 14 -19.75 -21.10 -33.09
C ASN D 14 -18.79 -21.67 -34.10
N GLY D 15 -18.50 -22.95 -33.97
CA GLY D 15 -17.94 -23.69 -35.06
C GLY D 15 -19.02 -23.95 -36.08
N SER D 16 -18.66 -24.73 -37.08
CA SER D 16 -19.69 -25.45 -37.80
C SER D 16 -20.26 -26.56 -36.93
N GLY D 17 -19.39 -27.26 -36.20
CA GLY D 17 -19.70 -28.50 -35.55
C GLY D 17 -20.27 -28.43 -34.15
N LEU D 18 -19.89 -27.42 -33.37
CA LEU D 18 -20.26 -27.38 -31.97
C LEU D 18 -20.48 -25.94 -31.55
N VAL D 19 -21.06 -25.78 -30.37
CA VAL D 19 -21.13 -24.51 -29.68
C VAL D 19 -20.39 -24.67 -28.37
N LYS D 20 -19.49 -23.74 -28.08
CA LYS D 20 -18.60 -23.84 -26.93
C LYS D 20 -18.72 -22.51 -26.21
N ALA D 21 -19.11 -22.57 -24.94
CA ALA D 21 -19.63 -21.38 -24.29
C ALA D 21 -19.31 -21.40 -22.80
N GLY D 22 -19.16 -20.21 -22.23
CA GLY D 22 -18.74 -20.11 -20.86
C GLY D 22 -18.57 -18.66 -20.47
N PHE D 23 -17.79 -18.43 -19.43
CA PHE D 23 -17.49 -17.08 -18.96
C PHE D 23 -16.00 -16.81 -19.07
N ALA D 24 -15.67 -15.57 -19.35
CA ALA D 24 -14.29 -15.16 -19.47
C ALA D 24 -13.54 -15.40 -18.17
N GLY D 25 -12.42 -16.11 -18.25
CA GLY D 25 -11.70 -16.50 -17.06
C GLY D 25 -12.10 -17.82 -16.46
N ASP D 26 -13.00 -18.57 -17.07
CA ASP D 26 -13.12 -19.98 -16.74
C ASP D 26 -11.93 -20.78 -17.27
N ASP D 27 -11.68 -21.91 -16.60
CA ASP D 27 -10.64 -22.84 -17.01
C ASP D 27 -10.98 -23.50 -18.35
N ALA D 28 -12.25 -23.72 -18.61
CA ALA D 28 -12.72 -24.53 -19.74
C ALA D 28 -14.17 -24.14 -20.02
N PRO D 29 -14.70 -24.50 -21.19
CA PRO D 29 -16.07 -24.08 -21.50
C PRO D 29 -17.09 -24.81 -20.65
N ARG D 30 -18.19 -24.12 -20.37
CA ARG D 30 -19.19 -24.58 -19.44
C ARG D 30 -20.36 -25.31 -20.10
N ALA D 31 -20.77 -24.90 -21.29
CA ALA D 31 -21.74 -25.62 -22.10
C ALA D 31 -21.08 -25.96 -23.42
N VAL D 32 -21.10 -27.25 -23.78
CA VAL D 32 -20.85 -27.67 -25.15
C VAL D 32 -22.05 -28.46 -25.63
N PHE D 33 -22.42 -28.26 -26.89
CA PHE D 33 -23.47 -29.05 -27.52
C PHE D 33 -23.40 -28.83 -29.02
N PRO D 34 -23.96 -29.75 -29.81
CA PRO D 34 -24.03 -29.57 -31.26
C PRO D 34 -24.88 -28.39 -31.69
N SER D 35 -24.43 -27.70 -32.73
CA SER D 35 -25.09 -26.51 -33.25
C SER D 35 -26.17 -26.88 -34.27
N ILE D 36 -27.13 -27.68 -33.82
CA ILE D 36 -28.00 -28.42 -34.73
C ILE D 36 -29.44 -28.17 -34.33
N VAL D 37 -30.31 -27.99 -35.32
CA VAL D 37 -31.73 -27.76 -35.09
C VAL D 37 -32.52 -28.89 -35.73
N GLY D 38 -33.41 -29.49 -34.96
CA GLY D 38 -34.23 -30.60 -35.42
C GLY D 38 -35.65 -30.16 -35.70
N ARG D 39 -36.26 -30.78 -36.70
CA ARG D 39 -37.71 -30.63 -36.86
C ARG D 39 -38.39 -31.97 -37.09
N PRO D 40 -39.59 -32.15 -36.57
CA PRO D 40 -40.30 -33.43 -36.75
C PRO D 40 -40.63 -33.67 -38.21
N ARG D 41 -40.20 -34.83 -38.71
CA ARG D 41 -40.55 -35.28 -40.05
C ARG D 41 -42.00 -35.72 -40.22
N HIS D 42 -42.84 -35.74 -39.19
CA HIS D 42 -43.98 -36.65 -39.20
C HIS D 42 -45.24 -35.95 -38.73
N GLN D 43 -46.37 -36.61 -39.03
CA GLN D 43 -47.65 -36.35 -38.37
C GLN D 43 -47.67 -36.98 -36.98
N GLY D 44 -47.66 -36.15 -35.94
CA GLY D 44 -47.68 -36.68 -34.58
C GLY D 44 -49.01 -37.36 -34.28
N VAL D 45 -48.94 -38.57 -33.76
CA VAL D 45 -50.12 -39.41 -33.68
C VAL D 45 -50.99 -39.03 -32.48
N MET D 46 -50.38 -38.94 -31.30
CA MET D 46 -51.12 -38.96 -30.04
C MET D 46 -51.54 -37.54 -29.66
N VAL D 47 -52.85 -37.28 -29.73
CA VAL D 47 -53.42 -36.11 -29.10
C VAL D 47 -53.10 -36.13 -27.62
N GLY D 48 -52.81 -34.95 -27.07
CA GLY D 48 -52.50 -34.78 -25.67
C GLY D 48 -51.08 -35.13 -25.28
N MET D 49 -50.22 -35.47 -26.24
CA MET D 49 -48.79 -35.36 -26.03
C MET D 49 -48.39 -33.89 -26.03
N GLY D 50 -47.30 -33.57 -25.33
CA GLY D 50 -46.70 -32.26 -25.49
C GLY D 50 -46.25 -32.03 -26.92
N GLN D 51 -46.31 -30.76 -27.35
CA GLN D 51 -45.90 -30.37 -28.69
C GLN D 51 -44.60 -29.58 -28.63
N LYS D 52 -43.61 -30.02 -29.40
CA LYS D 52 -42.39 -29.26 -29.60
C LYS D 52 -42.33 -28.80 -31.04
N ASP D 53 -42.26 -27.48 -31.23
CA ASP D 53 -42.26 -26.94 -32.58
C ASP D 53 -40.93 -27.18 -33.27
N SER D 54 -39.86 -27.29 -32.50
CA SER D 54 -38.53 -27.56 -33.01
C SER D 54 -37.68 -27.96 -31.82
N TYR D 55 -36.48 -28.45 -32.12
CA TYR D 55 -35.52 -28.72 -31.07
C TYR D 55 -34.21 -28.06 -31.41
N VAL D 56 -33.48 -27.68 -30.36
CA VAL D 56 -32.19 -27.02 -30.49
C VAL D 56 -31.17 -27.88 -29.80
N GLY D 57 -30.00 -28.03 -30.42
CA GLY D 57 -28.91 -28.62 -29.71
C GLY D 57 -29.22 -30.03 -29.25
N ASP D 58 -28.68 -30.38 -28.09
CA ASP D 58 -28.51 -31.78 -27.76
C ASP D 58 -29.82 -32.50 -27.46
N GLU D 59 -30.92 -31.77 -27.29
CA GLU D 59 -32.24 -32.38 -27.33
C GLU D 59 -32.44 -33.09 -28.66
N ALA D 60 -32.18 -32.38 -29.76
CA ALA D 60 -32.37 -33.00 -31.07
C ALA D 60 -31.45 -34.19 -31.23
N GLN D 61 -30.25 -34.09 -30.68
CA GLN D 61 -29.35 -35.24 -30.70
C GLN D 61 -29.94 -36.44 -29.99
N SER D 62 -30.77 -36.21 -28.97
CA SER D 62 -31.39 -37.33 -28.29
C SER D 62 -32.49 -37.98 -29.13
N LYS D 63 -33.41 -37.17 -29.63
CA LYS D 63 -34.56 -37.58 -30.43
C LYS D 63 -34.24 -37.95 -31.87
N ARG D 64 -32.96 -37.93 -32.27
CA ARG D 64 -32.60 -37.69 -33.66
C ARG D 64 -33.33 -38.61 -34.65
N GLY D 65 -33.57 -39.86 -34.27
CA GLY D 65 -34.22 -40.78 -35.21
C GLY D 65 -35.58 -40.33 -35.72
N ILE D 66 -36.21 -39.34 -35.07
CA ILE D 66 -37.51 -38.86 -35.49
C ILE D 66 -37.42 -37.61 -36.35
N LEU D 67 -36.23 -37.05 -36.53
CA LEU D 67 -36.09 -35.65 -36.90
C LEU D 67 -35.26 -35.45 -38.16
N THR D 68 -35.61 -34.40 -38.90
CA THR D 68 -34.69 -33.73 -39.79
C THR D 68 -33.71 -32.88 -38.99
N LEU D 69 -32.42 -33.09 -39.21
CA LEU D 69 -31.38 -32.32 -38.54
C LEU D 69 -30.68 -31.42 -39.55
N LYS D 70 -30.76 -30.12 -39.32
CA LYS D 70 -30.12 -29.13 -40.17
C LYS D 70 -29.06 -28.39 -39.36
N TYR D 71 -27.95 -28.05 -40.01
CA TYR D 71 -26.97 -27.19 -39.38
C TYR D 71 -27.15 -25.78 -39.90
N PRO D 72 -27.30 -24.78 -39.04
CA PRO D 72 -27.45 -23.42 -39.55
C PRO D 72 -26.15 -22.83 -40.07
N ILE D 73 -25.02 -23.45 -39.78
CA ILE D 73 -23.72 -22.97 -40.21
C ILE D 73 -23.06 -24.08 -41.01
N GLU D 74 -22.51 -23.75 -42.17
CA GLU D 74 -21.59 -24.63 -42.85
C GLU D 74 -20.53 -23.85 -43.59
N HIC D 75 -19.35 -24.44 -43.73
CA HIC D 75 -18.19 -23.73 -44.22
C HIC D 75 -18.05 -22.39 -43.50
O HIC D 75 -17.81 -21.33 -44.06
CB HIC D 75 -18.22 -23.44 -45.72
CG HIC D 75 -18.06 -24.67 -46.50
ND1 HIC D 75 -16.88 -25.04 -47.16
CD2 HIC D 75 -19.04 -25.64 -46.69
CE1 HIC D 75 -17.15 -26.22 -47.75
NE2 HIC D 75 -18.46 -26.64 -47.49
CZ HIC D 75 -19.08 -27.82 -47.95
N GLY D 76 -18.20 -22.47 -42.20
CA GLY D 76 -18.06 -21.32 -41.32
C GLY D 76 -18.96 -20.13 -41.60
N ILE D 77 -19.94 -20.30 -42.47
CA ILE D 77 -20.87 -19.24 -42.84
C ILE D 77 -22.21 -19.54 -42.18
N ILE D 78 -22.86 -18.51 -41.65
CA ILE D 78 -24.25 -18.66 -41.25
C ILE D 78 -25.10 -18.59 -42.51
N THR D 79 -25.92 -19.61 -42.73
CA THR D 79 -26.64 -19.73 -43.98
C THR D 79 -28.15 -19.76 -43.86
N ASN D 80 -28.72 -20.06 -42.70
CA ASN D 80 -30.11 -19.72 -42.42
C ASN D 80 -30.21 -19.17 -41.02
N TRP D 81 -30.77 -17.96 -40.91
CA TRP D 81 -30.57 -17.13 -39.74
C TRP D 81 -31.57 -17.42 -38.63
N ASP D 82 -32.82 -17.63 -38.97
CA ASP D 82 -33.84 -17.75 -37.94
C ASP D 82 -33.68 -19.01 -37.09
N ASP D 83 -32.96 -20.01 -37.60
CA ASP D 83 -32.55 -21.10 -36.72
C ASP D 83 -31.27 -20.80 -35.93
N MET D 84 -30.31 -20.10 -36.53
CA MET D 84 -29.14 -19.73 -35.75
C MET D 84 -29.51 -18.86 -34.55
N GLU D 85 -30.41 -17.90 -34.77
CA GLU D 85 -30.92 -17.10 -33.66
C GLU D 85 -31.48 -17.99 -32.57
N LYS D 86 -32.11 -19.09 -32.97
CA LYS D 86 -32.64 -20.03 -31.99
C LYS D 86 -31.54 -20.72 -31.22
N ILE D 87 -30.44 -21.07 -31.89
CA ILE D 87 -29.32 -21.71 -31.20
C ILE D 87 -28.70 -20.77 -30.16
N TRP D 88 -28.55 -19.49 -30.51
CA TRP D 88 -28.08 -18.55 -29.49
C TRP D 88 -29.10 -18.37 -28.38
N HIS D 89 -30.37 -18.29 -28.71
CA HIS D 89 -31.38 -18.12 -27.68
C HIS D 89 -31.33 -19.27 -26.69
N HIS D 90 -31.12 -20.48 -27.22
CA HIS D 90 -30.93 -21.65 -26.38
C HIS D 90 -29.66 -21.53 -25.55
N THR D 91 -28.58 -20.99 -26.11
CA THR D 91 -27.35 -21.00 -25.34
C THR D 91 -27.43 -20.04 -24.16
N PHE D 92 -27.89 -18.82 -24.41
CA PHE D 92 -27.94 -17.86 -23.31
C PHE D 92 -28.99 -18.22 -22.28
N TYR D 93 -30.23 -18.47 -22.70
CA TYR D 93 -31.23 -18.75 -21.69
C TYR D 93 -31.14 -20.15 -21.08
N ASN D 94 -30.98 -21.21 -21.88
CA ASN D 94 -31.00 -22.55 -21.31
C ASN D 94 -29.64 -23.10 -20.89
N GLU D 95 -28.56 -22.87 -21.64
CA GLU D 95 -27.32 -23.55 -21.27
C GLU D 95 -26.59 -22.83 -20.15
N LEU D 96 -26.36 -21.52 -20.29
CA LEU D 96 -25.59 -20.80 -19.27
C LEU D 96 -26.48 -20.13 -18.23
N ARG D 97 -27.77 -20.01 -18.51
CA ARG D 97 -28.73 -19.40 -17.60
C ARG D 97 -28.29 -18.00 -17.17
N VAL D 98 -28.01 -17.15 -18.14
CA VAL D 98 -27.75 -15.75 -17.84
C VAL D 98 -28.70 -14.88 -18.65
N ALA D 99 -29.12 -13.79 -18.06
CA ALA D 99 -29.62 -12.68 -18.83
C ALA D 99 -28.47 -12.08 -19.62
N PRO D 100 -28.48 -12.11 -20.95
CA PRO D 100 -27.33 -11.60 -21.70
C PRO D 100 -27.25 -10.10 -21.70
N GLU D 101 -28.36 -9.43 -21.39
CA GLU D 101 -28.38 -7.96 -21.34
C GLU D 101 -27.38 -7.40 -20.35
N GLU D 102 -27.08 -8.14 -19.28
CA GLU D 102 -26.02 -7.76 -18.35
C GLU D 102 -24.60 -7.97 -18.88
N HIS D 103 -24.38 -8.96 -19.75
CA HIS D 103 -23.01 -9.40 -19.99
C HIS D 103 -22.53 -9.16 -21.42
N PRO D 104 -21.29 -8.72 -21.59
CA PRO D 104 -20.70 -8.62 -22.92
C PRO D 104 -20.36 -9.99 -23.47
N THR D 105 -19.92 -10.02 -24.73
CA THR D 105 -19.84 -11.27 -25.47
C THR D 105 -18.72 -11.24 -26.50
N LEU D 106 -18.18 -12.41 -26.82
CA LEU D 106 -17.24 -12.61 -27.91
C LEU D 106 -17.83 -13.60 -28.90
N LEU D 107 -17.58 -13.35 -30.17
CA LEU D 107 -18.07 -14.19 -31.25
C LEU D 107 -16.92 -14.51 -32.19
N THR D 108 -16.95 -15.69 -32.78
CA THR D 108 -15.75 -16.29 -33.29
C THR D 108 -16.02 -16.75 -34.73
N GLU D 109 -15.01 -16.61 -35.58
CA GLU D 109 -15.25 -16.59 -37.02
C GLU D 109 -13.97 -16.98 -37.76
N ALA D 110 -14.15 -17.53 -38.95
CA ALA D 110 -13.05 -17.94 -39.82
C ALA D 110 -12.54 -16.73 -40.62
N PRO D 111 -11.28 -16.77 -41.06
CA PRO D 111 -10.60 -15.50 -41.35
C PRO D 111 -11.05 -14.75 -42.59
N LEU D 112 -11.54 -15.43 -43.62
CA LEU D 112 -11.86 -14.76 -44.88
C LEU D 112 -13.34 -14.62 -45.18
N ASN D 113 -14.22 -15.11 -44.31
CA ASN D 113 -15.59 -15.40 -44.69
C ASN D 113 -16.35 -14.14 -45.07
N PRO D 114 -17.50 -14.27 -45.71
CA PRO D 114 -18.20 -13.10 -46.26
C PRO D 114 -18.46 -12.02 -45.24
N LYS D 115 -18.18 -10.79 -45.64
CA LYS D 115 -18.16 -9.66 -44.72
C LYS D 115 -19.56 -9.29 -44.21
N ALA D 116 -20.61 -9.61 -44.96
CA ALA D 116 -21.97 -9.49 -44.43
C ALA D 116 -22.20 -10.36 -43.20
N ASN D 117 -21.49 -11.49 -43.10
CA ASN D 117 -21.65 -12.37 -41.95
C ASN D 117 -21.40 -11.64 -40.64
N ARG D 118 -20.33 -10.83 -40.58
CA ARG D 118 -20.09 -10.01 -39.41
C ARG D 118 -21.21 -9.02 -39.15
N GLU D 119 -21.74 -8.42 -40.20
CA GLU D 119 -22.76 -7.39 -39.99
C GLU D 119 -24.01 -7.98 -39.38
N LYS D 120 -24.54 -9.06 -39.96
CA LYS D 120 -25.71 -9.67 -39.36
C LYS D 120 -25.42 -10.23 -37.98
N MET D 121 -24.26 -10.87 -37.81
CA MET D 121 -23.90 -11.39 -36.48
C MET D 121 -23.85 -10.28 -35.44
N THR D 122 -23.50 -9.07 -35.85
CA THR D 122 -23.60 -7.94 -34.94
C THR D 122 -25.05 -7.59 -34.68
N GLN D 123 -25.83 -7.44 -35.76
CA GLN D 123 -27.13 -6.83 -35.64
C GLN D 123 -28.02 -7.66 -34.74
N ILE D 124 -27.89 -8.98 -34.83
CA ILE D 124 -28.68 -9.84 -33.95
C ILE D 124 -28.36 -9.52 -32.50
N MET D 125 -27.08 -9.36 -32.18
CA MET D 125 -26.72 -9.20 -30.79
C MET D 125 -27.28 -7.90 -30.24
N PHE D 126 -27.05 -6.80 -30.94
CA PHE D 126 -27.48 -5.51 -30.41
C PHE D 126 -28.99 -5.29 -30.45
N GLU D 127 -29.64 -5.55 -31.58
CA GLU D 127 -31.10 -5.39 -31.60
C GLU D 127 -31.83 -6.44 -30.77
N THR D 128 -31.53 -7.73 -30.97
CA THR D 128 -32.38 -8.75 -30.38
C THR D 128 -32.25 -8.80 -28.87
N PHE D 129 -31.03 -8.76 -28.35
CA PHE D 129 -30.78 -9.03 -26.94
C PHE D 129 -30.38 -7.80 -26.14
N ASN D 130 -29.94 -6.73 -26.80
CA ASN D 130 -29.35 -5.56 -26.13
C ASN D 130 -28.16 -5.97 -25.28
N VAL D 131 -27.28 -6.78 -25.86
CA VAL D 131 -25.95 -7.04 -25.32
C VAL D 131 -25.26 -5.71 -25.05
N PRO D 132 -24.54 -5.56 -23.92
CA PRO D 132 -23.87 -4.28 -23.67
C PRO D 132 -22.78 -3.98 -24.67
N ALA D 133 -21.95 -4.96 -25.02
CA ALA D 133 -20.89 -4.75 -25.98
C ALA D 133 -20.41 -6.10 -26.48
N MET D 134 -19.65 -6.08 -27.57
CA MET D 134 -19.44 -7.27 -28.36
C MET D 134 -18.05 -7.19 -28.98
N TYR D 135 -17.53 -8.33 -29.44
CA TYR D 135 -16.36 -8.34 -30.29
C TYR D 135 -16.32 -9.64 -31.09
N VAL D 136 -15.55 -9.64 -32.19
CA VAL D 136 -15.46 -10.78 -33.08
C VAL D 136 -14.00 -11.05 -33.43
N ALA D 137 -13.54 -12.28 -33.22
CA ALA D 137 -12.11 -12.54 -33.14
C ALA D 137 -11.72 -13.72 -34.00
N ILE D 138 -10.60 -13.61 -34.71
CA ILE D 138 -10.14 -14.66 -35.61
C ILE D 138 -9.69 -15.88 -34.81
N GLN D 139 -10.17 -17.05 -35.19
CA GLN D 139 -9.87 -18.30 -34.48
C GLN D 139 -8.36 -18.55 -34.34
N ALA D 140 -7.66 -18.57 -35.47
CA ALA D 140 -6.23 -18.89 -35.40
C ALA D 140 -5.42 -17.82 -34.68
N VAL D 141 -6.02 -16.68 -34.34
CA VAL D 141 -5.36 -15.79 -33.40
C VAL D 141 -5.46 -16.36 -32.00
N LEU D 142 -6.68 -16.73 -31.60
CA LEU D 142 -6.93 -17.15 -30.24
C LEU D 142 -6.21 -18.44 -29.90
N SER D 143 -5.90 -19.26 -30.91
CA SER D 143 -5.09 -20.44 -30.62
C SER D 143 -3.70 -20.07 -30.12
N LEU D 144 -3.16 -18.93 -30.55
CA LEU D 144 -1.85 -18.55 -30.04
C LEU D 144 -1.92 -18.14 -28.58
N TYR D 145 -2.92 -17.36 -28.18
CA TYR D 145 -3.10 -17.07 -26.77
C TYR D 145 -3.21 -18.34 -25.96
N ALA D 146 -4.03 -19.29 -26.42
CA ALA D 146 -4.18 -20.52 -25.66
C ALA D 146 -2.88 -21.29 -25.56
N SER D 147 -2.15 -21.41 -26.65
CA SER D 147 -0.91 -22.17 -26.65
C SER D 147 0.27 -21.37 -26.13
N GLY D 148 0.07 -20.15 -25.65
CA GLY D 148 1.11 -19.44 -24.95
C GLY D 148 2.26 -18.92 -25.79
N ARG D 149 1.97 -18.38 -26.97
CA ARG D 149 2.99 -18.03 -27.93
C ARG D 149 2.60 -16.75 -28.65
N THR D 150 3.61 -16.05 -29.17
CA THR D 150 3.36 -14.93 -30.06
C THR D 150 4.08 -15.04 -31.39
N THR D 151 4.72 -16.17 -31.68
CA THR D 151 5.17 -16.47 -33.03
C THR D 151 4.73 -17.89 -33.37
N GLY D 152 4.10 -18.05 -34.51
CA GLY D 152 3.89 -19.37 -35.06
C GLY D 152 3.03 -19.31 -36.28
N ILE D 153 2.96 -20.44 -36.96
CA ILE D 153 1.96 -20.69 -37.98
C ILE D 153 0.88 -21.57 -37.35
N VAL D 154 -0.29 -21.02 -37.16
CA VAL D 154 -1.40 -21.84 -36.72
C VAL D 154 -1.95 -22.60 -37.92
N LEU D 155 -2.25 -23.87 -37.71
CA LEU D 155 -3.18 -24.59 -38.57
C LEU D 155 -4.40 -24.89 -37.73
N ASP D 156 -5.55 -24.42 -38.19
CA ASP D 156 -6.79 -24.58 -37.46
C ASP D 156 -7.84 -25.14 -38.38
N SER D 157 -8.51 -26.20 -37.93
CA SER D 157 -9.41 -26.94 -38.80
C SER D 157 -10.63 -27.28 -37.97
N GLY D 158 -11.79 -26.84 -38.44
CA GLY D 158 -13.03 -27.02 -37.74
C GLY D 158 -13.80 -28.22 -38.22
N ASP D 159 -15.08 -28.22 -37.91
CA ASP D 159 -16.03 -29.04 -38.67
C ASP D 159 -16.16 -28.53 -40.08
N GLY D 160 -16.11 -27.21 -40.27
CA GLY D 160 -16.52 -26.60 -41.51
C GLY D 160 -15.48 -25.85 -42.31
N VAL D 161 -14.39 -25.38 -41.69
CA VAL D 161 -13.36 -24.62 -42.38
C VAL D 161 -11.99 -24.98 -41.83
N THR D 162 -10.99 -24.87 -42.69
CA THR D 162 -9.60 -25.05 -42.30
C THR D 162 -8.85 -23.82 -42.76
N HIS D 163 -7.90 -23.35 -41.95
CA HIS D 163 -7.10 -22.23 -42.38
C HIS D 163 -5.77 -22.21 -41.67
N ASN D 164 -4.71 -21.89 -42.41
CA ASN D 164 -3.46 -21.42 -41.84
C ASN D 164 -3.59 -19.94 -41.49
N VAL D 165 -2.93 -19.54 -40.41
CA VAL D 165 -2.55 -18.14 -40.24
C VAL D 165 -1.14 -18.07 -39.69
N PRO D 166 -0.21 -17.40 -40.38
CA PRO D 166 1.05 -17.02 -39.74
C PRO D 166 0.86 -15.76 -38.92
N ILE D 167 1.40 -15.79 -37.70
CA ILE D 167 1.52 -14.60 -36.87
C ILE D 167 2.94 -14.53 -36.36
N TYR D 168 3.53 -13.33 -36.39
CA TYR D 168 4.88 -13.12 -35.90
C TYR D 168 4.91 -11.93 -34.94
N GLU D 169 5.22 -12.22 -33.68
CA GLU D 169 5.30 -11.22 -32.63
C GLU D 169 4.08 -10.30 -32.61
N GLY D 170 2.91 -10.88 -32.82
CA GLY D 170 1.70 -10.12 -32.69
C GLY D 170 1.29 -9.31 -33.90
N TYR D 171 2.03 -9.34 -34.99
CA TYR D 171 1.54 -8.78 -36.23
C TYR D 171 0.98 -9.92 -37.06
N ALA D 172 -0.33 -9.94 -37.23
CA ALA D 172 -0.97 -10.78 -38.24
C ALA D 172 -0.68 -10.23 -39.62
N LEU D 173 -0.64 -11.13 -40.60
CA LEU D 173 0.15 -10.95 -41.81
C LEU D 173 -0.73 -11.27 -43.00
N PRO D 174 -1.67 -10.39 -43.32
CA PRO D 174 -2.87 -10.82 -44.06
C PRO D 174 -2.62 -11.62 -45.33
N HIS D 175 -1.73 -11.15 -46.20
CA HIS D 175 -1.46 -11.84 -47.46
C HIS D 175 -1.02 -13.28 -47.24
N ALA D 176 -0.36 -13.56 -46.12
CA ALA D 176 0.05 -14.92 -45.79
C ALA D 176 -1.10 -15.91 -45.67
N ILE D 177 -2.35 -15.46 -45.57
CA ILE D 177 -3.38 -16.24 -44.88
C ILE D 177 -4.23 -16.94 -45.92
N MET D 178 -4.34 -18.26 -45.79
CA MET D 178 -4.88 -19.11 -46.84
C MET D 178 -5.92 -20.03 -46.22
N ARG D 179 -7.09 -20.07 -46.83
CA ARG D 179 -8.23 -20.82 -46.33
C ARG D 179 -8.52 -22.00 -47.24
N LEU D 180 -8.61 -23.20 -46.66
CA LEU D 180 -9.25 -24.32 -47.31
C LEU D 180 -10.65 -24.54 -46.77
N ASP D 181 -11.48 -25.18 -47.58
CA ASP D 181 -12.80 -25.62 -47.16
C ASP D 181 -12.91 -27.12 -46.92
N LEU D 182 -11.81 -27.88 -47.00
CA LEU D 182 -11.85 -29.19 -46.38
C LEU D 182 -12.07 -29.06 -44.89
N ALA D 183 -12.84 -29.99 -44.33
CA ALA D 183 -13.05 -30.05 -42.90
C ALA D 183 -13.70 -31.37 -42.57
N GLY D 184 -13.82 -31.62 -41.27
CA GLY D 184 -14.34 -32.90 -40.79
C GLY D 184 -15.67 -33.31 -41.39
N ARG D 185 -16.49 -32.33 -41.81
CA ARG D 185 -17.73 -32.66 -42.48
C ARG D 185 -17.47 -33.38 -43.81
N ASP D 186 -16.52 -32.90 -44.60
CA ASP D 186 -16.33 -33.53 -45.89
C ASP D 186 -15.53 -34.80 -45.76
N LEU D 187 -14.76 -34.94 -44.70
CA LEU D 187 -14.27 -36.26 -44.32
C LEU D 187 -15.44 -37.19 -44.05
N THR D 188 -16.52 -36.65 -43.48
CA THR D 188 -17.59 -37.54 -43.04
C THR D 188 -18.36 -38.05 -44.24
N ASP D 189 -18.78 -37.13 -45.10
CA ASP D 189 -19.45 -37.53 -46.34
C ASP D 189 -18.62 -38.51 -47.14
N TYR D 190 -17.33 -38.23 -47.30
CA TYR D 190 -16.49 -39.20 -47.98
C TYR D 190 -16.46 -40.54 -47.25
N LEU D 191 -16.46 -40.53 -45.92
CA LEU D 191 -16.52 -41.79 -45.21
C LEU D 191 -17.79 -42.57 -45.49
N MET D 192 -18.91 -41.88 -45.67
CA MET D 192 -20.12 -42.62 -46.03
C MET D 192 -19.98 -43.25 -47.41
N LYS D 193 -19.36 -42.51 -48.34
CA LYS D 193 -19.24 -43.02 -49.69
C LYS D 193 -18.28 -44.20 -49.76
N ILE D 194 -17.22 -44.18 -48.96
CA ILE D 194 -16.38 -45.37 -48.94
C ILE D 194 -17.06 -46.51 -48.21
N LEU D 195 -17.90 -46.22 -47.21
CA LEU D 195 -18.51 -47.30 -46.46
C LEU D 195 -19.46 -48.10 -47.33
N THR D 196 -20.15 -47.41 -48.24
CA THR D 196 -20.91 -48.15 -49.25
C THR D 196 -20.08 -49.21 -49.96
N GLU D 197 -18.77 -48.98 -50.13
CA GLU D 197 -17.95 -49.99 -50.80
C GLU D 197 -17.89 -51.31 -50.04
N ARG D 198 -17.94 -51.27 -48.72
CA ARG D 198 -18.01 -52.49 -47.92
C ARG D 198 -19.44 -52.89 -47.60
N GLY D 199 -20.41 -52.16 -48.13
CA GLY D 199 -21.76 -52.64 -48.24
C GLY D 199 -22.71 -52.17 -47.17
N TYR D 200 -22.46 -51.00 -46.59
CA TYR D 200 -23.27 -50.40 -45.55
C TYR D 200 -23.67 -49.06 -46.12
N SER D 201 -24.93 -48.70 -46.04
CA SER D 201 -25.30 -47.41 -46.61
C SER D 201 -25.94 -46.61 -45.51
N PHE D 202 -25.30 -45.51 -45.17
CA PHE D 202 -25.72 -44.61 -44.12
C PHE D 202 -26.27 -43.34 -44.75
N VAL D 203 -27.58 -43.26 -44.88
CA VAL D 203 -28.20 -42.37 -45.83
C VAL D 203 -28.69 -41.09 -45.17
N THR D 204 -29.41 -41.20 -44.07
CA THR D 204 -30.14 -40.07 -43.53
C THR D 204 -29.26 -39.22 -42.63
N THR D 205 -29.83 -38.09 -42.19
CA THR D 205 -29.07 -37.11 -41.43
C THR D 205 -28.58 -37.68 -40.11
N ALA D 206 -29.48 -38.25 -39.31
CA ALA D 206 -29.02 -38.88 -38.09
C ALA D 206 -28.11 -40.04 -38.39
N GLU D 207 -28.37 -40.74 -39.49
CA GLU D 207 -27.48 -41.81 -39.86
C GLU D 207 -26.11 -41.25 -40.23
N ARG D 208 -26.07 -40.04 -40.77
CA ARG D 208 -24.80 -39.35 -40.98
C ARG D 208 -24.09 -39.11 -39.67
N GLU D 209 -24.83 -38.71 -38.64
CA GLU D 209 -24.17 -38.49 -37.35
C GLU D 209 -23.68 -39.79 -36.72
N ILE D 210 -24.40 -40.89 -36.99
CA ILE D 210 -23.89 -42.20 -36.58
C ILE D 210 -22.55 -42.46 -37.24
N VAL D 211 -22.41 -42.10 -38.51
CA VAL D 211 -21.10 -42.24 -39.15
C VAL D 211 -20.09 -41.34 -38.46
N ARG D 212 -20.51 -40.14 -38.09
CA ARG D 212 -19.59 -39.16 -37.53
C ARG D 212 -18.97 -39.65 -36.24
N ASP D 213 -19.72 -40.42 -35.46
CA ASP D 213 -19.12 -41.05 -34.29
C ASP D 213 -18.09 -42.12 -34.66
N ILE D 214 -18.32 -42.86 -35.75
CA ILE D 214 -17.31 -43.80 -36.22
C ILE D 214 -16.03 -43.04 -36.53
N LYS D 215 -16.18 -41.93 -37.24
CA LYS D 215 -15.02 -41.13 -37.60
C LYS D 215 -14.27 -40.66 -36.37
N GLU D 216 -15.01 -40.23 -35.35
CA GLU D 216 -14.35 -39.75 -34.14
C GLU D 216 -13.61 -40.85 -33.41
N LYS D 217 -14.16 -42.06 -33.38
CA LYS D 217 -13.54 -43.13 -32.59
C LYS D 217 -12.43 -43.89 -33.32
N LEU D 218 -12.67 -44.37 -34.54
CA LEU D 218 -11.84 -45.42 -35.10
C LEU D 218 -10.76 -44.92 -36.07
N CYS D 219 -10.88 -43.72 -36.60
CA CYS D 219 -10.04 -43.30 -37.71
C CYS D 219 -8.68 -42.84 -37.22
N TYR D 220 -7.64 -43.13 -37.99
CA TYR D 220 -6.29 -42.74 -37.64
C TYR D 220 -5.53 -42.44 -38.92
N VAL D 221 -4.48 -41.64 -38.80
CA VAL D 221 -3.72 -41.17 -39.95
C VAL D 221 -2.55 -42.11 -40.22
N ALA D 222 -2.54 -42.67 -41.43
CA ALA D 222 -1.43 -43.45 -41.91
C ALA D 222 -0.17 -42.61 -42.01
N LEU D 223 0.90 -43.06 -41.36
CA LEU D 223 2.16 -42.35 -41.49
C LEU D 223 2.74 -42.53 -42.87
N ASP D 224 2.81 -43.78 -43.34
CA ASP D 224 2.95 -44.10 -44.75
C ASP D 224 1.62 -44.63 -45.25
N PHE D 225 1.06 -43.96 -46.25
CA PHE D 225 -0.19 -44.42 -46.84
C PHE D 225 0.01 -45.72 -47.60
N GLU D 226 1.02 -45.78 -48.46
CA GLU D 226 1.18 -46.93 -49.34
C GLU D 226 1.51 -48.22 -48.58
N ASN D 227 2.31 -48.12 -47.53
CA ASN D 227 2.64 -49.32 -46.78
C ASN D 227 1.41 -49.94 -46.11
N GLU D 228 0.60 -49.12 -45.44
CA GLU D 228 -0.61 -49.64 -44.81
C GLU D 228 -1.68 -50.03 -45.82
N MET D 229 -1.78 -49.32 -46.93
CA MET D 229 -2.71 -49.75 -47.98
C MET D 229 -2.31 -51.09 -48.57
N ALA D 230 -1.02 -51.41 -48.61
CA ALA D 230 -0.63 -52.80 -48.84
C ALA D 230 -0.95 -53.70 -47.65
N THR D 231 -0.68 -53.22 -46.44
CA THR D 231 -0.80 -54.05 -45.24
C THR D 231 -2.23 -54.54 -45.02
N ALA D 232 -3.21 -53.68 -45.27
CA ALA D 232 -4.60 -54.09 -45.09
C ALA D 232 -4.98 -55.21 -46.04
N ALA D 233 -4.39 -55.24 -47.22
CA ALA D 233 -4.53 -56.43 -48.05
C ALA D 233 -3.75 -57.58 -47.42
N SER D 234 -2.64 -57.27 -46.76
CA SER D 234 -1.76 -58.31 -46.25
C SER D 234 -2.30 -59.01 -45.01
N SER D 235 -3.21 -58.40 -44.24
CA SER D 235 -3.64 -59.02 -42.99
C SER D 235 -4.96 -58.43 -42.54
N SER D 236 -5.58 -59.14 -41.57
CA SER D 236 -6.67 -58.60 -40.76
C SER D 236 -6.24 -57.46 -39.84
N SER D 237 -4.95 -57.38 -39.48
CA SER D 237 -4.55 -56.79 -38.20
C SER D 237 -5.07 -55.36 -38.02
N LEU D 238 -5.09 -54.57 -39.08
CA LEU D 238 -5.61 -53.20 -38.96
C LEU D 238 -7.11 -53.20 -38.72
N GLU D 239 -7.80 -54.23 -39.21
CA GLU D 239 -9.26 -54.22 -39.24
C GLU D 239 -9.85 -54.19 -37.83
N LYS D 240 -10.90 -53.42 -37.67
CA LYS D 240 -11.49 -53.16 -36.37
C LYS D 240 -12.97 -52.87 -36.59
N SER D 241 -13.76 -53.07 -35.54
CA SER D 241 -15.21 -53.20 -35.68
C SER D 241 -15.92 -52.47 -34.55
N TYR D 242 -17.18 -52.15 -34.80
CA TYR D 242 -17.92 -51.18 -34.01
C TYR D 242 -19.38 -51.54 -34.10
N GLU D 243 -20.15 -51.09 -33.11
CA GLU D 243 -21.57 -51.42 -33.03
C GLU D 243 -22.42 -50.22 -33.42
N LEU D 244 -23.38 -50.44 -34.31
CA LEU D 244 -24.48 -49.51 -34.48
C LEU D 244 -25.31 -49.42 -33.21
N PRO D 245 -26.13 -48.38 -33.07
CA PRO D 245 -27.01 -48.28 -31.90
C PRO D 245 -27.93 -49.46 -31.70
N ASP D 246 -28.31 -50.17 -32.77
CA ASP D 246 -29.23 -51.29 -32.65
C ASP D 246 -28.54 -52.63 -32.41
N GLY D 247 -27.24 -52.63 -32.16
CA GLY D 247 -26.53 -53.87 -31.95
C GLY D 247 -26.14 -54.62 -33.20
N GLN D 248 -26.36 -54.05 -34.38
CA GLN D 248 -25.62 -54.51 -35.55
C GLN D 248 -24.14 -54.24 -35.34
N VAL D 249 -23.31 -55.18 -35.76
CA VAL D 249 -21.87 -54.99 -35.83
C VAL D 249 -21.47 -54.65 -37.26
N ILE D 250 -20.54 -53.71 -37.40
CA ILE D 250 -19.96 -53.38 -38.69
C ILE D 250 -18.45 -53.44 -38.51
N THR D 251 -17.75 -53.87 -39.56
CA THR D 251 -16.33 -54.17 -39.43
C THR D 251 -15.53 -53.48 -40.53
N ILE D 252 -14.45 -52.79 -40.15
CA ILE D 252 -13.83 -51.78 -41.01
C ILE D 252 -12.32 -51.99 -41.05
N GLY D 253 -11.75 -51.94 -42.26
CA GLY D 253 -10.35 -52.20 -42.49
C GLY D 253 -9.52 -50.96 -42.79
N ASN D 254 -8.76 -51.00 -43.88
CA ASN D 254 -8.05 -49.84 -44.39
C ASN D 254 -8.99 -48.67 -44.57
N GLU D 255 -10.26 -48.99 -44.68
CA GLU D 255 -11.34 -48.03 -44.84
C GLU D 255 -11.37 -47.01 -43.71
N ARG D 256 -10.87 -47.36 -42.52
CA ARG D 256 -10.82 -46.40 -41.43
C ARG D 256 -9.68 -45.37 -41.50
N PHE D 257 -8.47 -45.74 -41.89
CA PHE D 257 -7.45 -44.70 -42.10
C PHE D 257 -7.62 -43.90 -43.39
N ARG D 258 -8.15 -44.51 -44.44
CA ARG D 258 -8.22 -43.86 -45.74
C ARG D 258 -8.98 -42.53 -45.72
N CYS D 259 -9.92 -42.33 -44.80
CA CYS D 259 -10.57 -41.02 -44.71
C CYS D 259 -9.69 -39.89 -44.18
N PRO D 260 -8.99 -40.01 -43.06
CA PRO D 260 -8.00 -38.98 -42.71
C PRO D 260 -7.06 -38.59 -43.84
N GLU D 261 -6.67 -39.54 -44.69
CA GLU D 261 -5.77 -39.27 -45.79
C GLU D 261 -6.30 -38.23 -46.78
N THR D 262 -7.61 -38.00 -46.87
CA THR D 262 -8.11 -36.97 -47.77
C THR D 262 -7.71 -35.57 -47.38
N LEU D 263 -7.21 -35.34 -46.17
CA LEU D 263 -6.60 -34.04 -45.88
C LEU D 263 -5.24 -33.90 -46.53
N PHE D 264 -4.62 -35.01 -46.91
CA PHE D 264 -3.33 -34.99 -47.56
C PHE D 264 -3.40 -35.18 -49.07
N GLN D 265 -4.49 -35.72 -49.61
CA GLN D 265 -4.68 -35.82 -51.06
C GLN D 265 -6.10 -35.48 -51.46
N PRO D 266 -6.45 -34.20 -51.44
CA PRO D 266 -7.84 -33.75 -51.67
C PRO D 266 -8.46 -34.24 -52.97
N SER D 267 -7.64 -34.68 -53.92
CA SER D 267 -8.17 -35.33 -55.11
C SER D 267 -9.11 -36.48 -54.80
N PHE D 268 -8.90 -37.20 -53.69
CA PHE D 268 -9.89 -38.19 -53.29
C PHE D 268 -11.28 -37.58 -53.14
N ILE D 269 -11.36 -36.36 -52.61
CA ILE D 269 -12.63 -35.66 -52.55
C ILE D 269 -12.91 -34.89 -53.84
N GLY D 270 -11.88 -34.60 -54.62
CA GLY D 270 -12.03 -33.78 -55.80
C GLY D 270 -11.89 -32.31 -55.57
N MET D 271 -11.21 -31.90 -54.50
CA MET D 271 -10.65 -30.57 -54.45
C MET D 271 -9.52 -30.45 -55.46
N GLU D 272 -9.26 -29.22 -55.88
CA GLU D 272 -8.07 -28.96 -56.68
C GLU D 272 -6.85 -28.62 -55.85
N SER D 273 -7.03 -28.12 -54.63
CA SER D 273 -5.97 -27.45 -53.91
C SER D 273 -5.07 -28.41 -53.13
N ALA D 274 -4.05 -27.84 -52.50
CA ALA D 274 -2.81 -28.55 -52.22
C ALA D 274 -2.96 -29.63 -51.16
N GLY D 275 -3.81 -29.42 -50.17
CA GLY D 275 -3.73 -30.25 -49.00
C GLY D 275 -2.93 -29.58 -47.89
N ILE D 276 -3.28 -29.90 -46.64
CA ILE D 276 -2.93 -29.03 -45.53
C ILE D 276 -1.43 -28.92 -45.31
N HIS D 277 -0.67 -29.97 -45.57
CA HIS D 277 0.79 -29.86 -45.47
C HIS D 277 1.35 -28.85 -46.46
N GLU D 278 0.95 -28.98 -47.72
CA GLU D 278 1.50 -28.10 -48.74
C GLU D 278 0.95 -26.70 -48.63
N THR D 279 -0.29 -26.53 -48.17
CA THR D 279 -0.74 -25.18 -47.89
C THR D 279 0.00 -24.58 -46.71
N THR D 280 0.37 -25.38 -45.73
CA THR D 280 1.14 -24.84 -44.61
C THR D 280 2.51 -24.37 -45.07
N TYR D 281 3.22 -25.23 -45.80
CA TYR D 281 4.52 -24.84 -46.33
C TYR D 281 4.43 -23.64 -47.28
N ASN D 282 3.39 -23.56 -48.10
CA ASN D 282 3.24 -22.39 -48.96
C ASN D 282 2.88 -21.14 -48.18
N SER D 283 2.19 -21.28 -47.05
CA SER D 283 1.95 -20.12 -46.21
C SER D 283 3.25 -19.64 -45.59
N ILE D 284 4.13 -20.54 -45.22
CA ILE D 284 5.46 -20.13 -44.77
C ILE D 284 6.22 -19.43 -45.88
N MET D 285 6.27 -20.03 -47.08
CA MET D 285 7.05 -19.44 -48.17
C MET D 285 6.54 -18.07 -48.58
N LYS D 286 5.24 -17.85 -48.53
CA LYS D 286 4.73 -16.50 -48.76
C LYS D 286 5.22 -15.49 -47.73
N CYS D 287 5.63 -15.94 -46.56
CA CYS D 287 6.19 -15.03 -45.57
C CYS D 287 7.68 -14.76 -45.84
N ASP D 288 8.17 -13.67 -45.24
CA ASP D 288 9.55 -13.22 -45.36
C ASP D 288 10.56 -14.21 -44.79
N ILE D 289 11.74 -14.23 -45.42
CA ILE D 289 12.84 -15.12 -45.04
C ILE D 289 13.28 -14.95 -43.59
N ASP D 290 13.20 -13.74 -43.02
CA ASP D 290 13.61 -13.58 -41.63
C ASP D 290 12.68 -14.35 -40.71
N ILE D 291 11.38 -14.26 -40.95
CA ILE D 291 10.37 -14.88 -40.11
C ILE D 291 10.49 -16.39 -40.16
N ARG D 292 10.88 -16.92 -41.33
CA ARG D 292 10.61 -18.32 -41.65
C ARG D 292 11.26 -19.26 -40.66
N LYS D 293 12.46 -18.94 -40.18
CA LYS D 293 13.13 -19.82 -39.22
C LYS D 293 12.33 -19.97 -37.94
N ASP D 294 11.56 -18.97 -37.57
CA ASP D 294 10.74 -19.01 -36.37
C ASP D 294 9.37 -19.62 -36.61
N LEU D 295 8.82 -19.46 -37.81
CA LEU D 295 7.61 -20.20 -38.14
C LEU D 295 7.86 -21.69 -38.17
N TYR D 296 8.94 -22.12 -38.82
CA TYR D 296 9.29 -23.54 -38.76
C TYR D 296 9.44 -24.03 -37.33
N ALA D 297 9.88 -23.17 -36.43
CA ALA D 297 10.00 -23.54 -35.03
C ALA D 297 8.65 -23.79 -34.36
N ASN D 298 7.58 -23.13 -34.78
CA ASN D 298 6.30 -23.34 -34.10
C ASN D 298 5.19 -23.63 -35.10
N ASN D 299 4.59 -24.81 -34.97
CA ASN D 299 3.43 -25.22 -35.75
C ASN D 299 2.38 -25.65 -34.74
N VAL D 300 1.23 -25.00 -34.76
CA VAL D 300 0.23 -25.21 -33.74
C VAL D 300 -0.98 -25.85 -34.39
N MET D 301 -1.21 -27.12 -34.10
CA MET D 301 -2.46 -27.76 -34.48
C MET D 301 -3.59 -27.23 -33.62
N SER D 302 -4.72 -26.89 -34.23
CA SER D 302 -5.88 -26.40 -33.51
C SER D 302 -7.12 -27.07 -34.07
N GLY D 303 -8.24 -26.90 -33.37
CA GLY D 303 -9.50 -27.40 -33.86
C GLY D 303 -9.65 -28.90 -33.70
N GLY D 304 -10.89 -29.36 -33.91
CA GLY D 304 -11.20 -30.76 -33.65
C GLY D 304 -10.66 -31.71 -34.70
N THR D 305 -10.67 -31.30 -35.97
CA THR D 305 -10.20 -32.16 -37.04
C THR D 305 -8.76 -32.63 -36.84
N THR D 306 -7.93 -31.82 -36.23
CA THR D 306 -6.56 -32.23 -35.93
C THR D 306 -6.45 -33.33 -34.88
N MET D 307 -7.53 -33.75 -34.24
CA MET D 307 -7.38 -34.68 -33.13
C MET D 307 -6.94 -36.07 -33.56
N TYR D 308 -7.04 -36.38 -34.85
CA TYR D 308 -6.79 -37.75 -35.31
C TYR D 308 -5.45 -38.26 -34.81
N PRO D 309 -5.39 -39.50 -34.34
CA PRO D 309 -4.12 -40.09 -33.90
C PRO D 309 -3.04 -40.02 -34.97
N GLY D 310 -1.85 -39.59 -34.57
CA GLY D 310 -0.72 -39.52 -35.48
C GLY D 310 -0.68 -38.38 -36.45
N ILE D 311 -1.72 -37.55 -36.54
CA ILE D 311 -1.72 -36.50 -37.55
C ILE D 311 -0.52 -35.56 -37.37
N ALA D 312 -0.15 -35.27 -36.13
CA ALA D 312 1.04 -34.46 -35.91
C ALA D 312 2.30 -35.11 -36.47
N ASP D 313 2.45 -36.42 -36.28
CA ASP D 313 3.63 -37.10 -36.80
C ASP D 313 3.62 -37.18 -38.32
N ARG D 314 2.44 -37.28 -38.92
CA ARG D 314 2.35 -37.15 -40.37
C ARG D 314 2.73 -35.76 -40.83
N MET D 315 2.21 -34.73 -40.15
CA MET D 315 2.50 -33.38 -40.59
C MET D 315 3.99 -33.10 -40.55
N GLN D 316 4.65 -33.50 -39.46
CA GLN D 316 6.10 -33.34 -39.39
C GLN D 316 6.82 -34.13 -40.48
N LYS D 317 6.48 -35.41 -40.67
CA LYS D 317 7.18 -36.19 -41.68
C LYS D 317 7.01 -35.61 -43.07
N GLU D 318 5.80 -35.22 -43.45
CA GLU D 318 5.64 -34.72 -44.81
C GLU D 318 6.24 -33.34 -44.97
N ILE D 319 6.06 -32.43 -44.00
CA ILE D 319 6.62 -31.10 -44.15
C ILE D 319 8.14 -31.14 -44.18
N THR D 320 8.76 -32.11 -43.51
CA THR D 320 10.21 -32.22 -43.52
C THR D 320 10.77 -32.28 -44.94
N ALA D 321 10.13 -33.05 -45.82
CA ALA D 321 10.66 -33.21 -47.16
C ALA D 321 10.59 -31.93 -47.99
N LEU D 322 9.74 -30.98 -47.61
CA LEU D 322 9.73 -29.70 -48.31
C LEU D 322 10.71 -28.68 -47.74
N ALA D 323 10.87 -28.61 -46.43
CA ALA D 323 11.70 -27.56 -45.88
C ALA D 323 13.18 -27.85 -46.10
N PRO D 324 14.02 -26.82 -46.16
CA PRO D 324 15.47 -27.04 -46.15
C PRO D 324 15.93 -27.93 -45.01
N SER D 325 16.94 -28.74 -45.31
CA SER D 325 17.36 -29.82 -44.43
C SER D 325 17.79 -29.31 -43.06
N THR D 326 18.46 -28.15 -43.01
CA THR D 326 18.94 -27.65 -41.73
C THR D 326 17.81 -27.23 -40.80
N MET D 327 16.69 -26.72 -41.31
CA MET D 327 15.74 -26.03 -40.46
C MET D 327 15.23 -26.98 -39.38
N LYS D 328 15.08 -26.46 -38.17
CA LYS D 328 14.32 -27.15 -37.14
C LYS D 328 12.84 -26.94 -37.41
N ILE D 329 12.11 -28.04 -37.53
CA ILE D 329 10.66 -27.99 -37.69
C ILE D 329 10.04 -28.88 -36.62
N LYS D 330 9.06 -28.34 -35.94
CA LYS D 330 8.60 -28.78 -34.65
C LYS D 330 7.10 -28.58 -34.65
N ILE D 331 6.38 -29.50 -34.04
CA ILE D 331 4.93 -29.48 -34.08
C ILE D 331 4.45 -29.45 -32.65
N ILE D 332 3.37 -28.73 -32.43
CA ILE D 332 2.86 -28.47 -31.10
C ILE D 332 1.40 -28.88 -31.08
N ALA D 333 1.06 -29.74 -30.13
CA ALA D 333 -0.19 -30.50 -30.21
C ALA D 333 -0.61 -30.84 -28.81
N PRO D 334 -1.21 -29.88 -28.11
CA PRO D 334 -1.73 -30.14 -26.79
C PRO D 334 -3.06 -30.87 -26.88
N PRO D 335 -3.35 -31.80 -25.98
CA PRO D 335 -4.63 -32.50 -26.05
C PRO D 335 -5.81 -31.58 -25.77
N GLU D 336 -5.55 -30.44 -25.15
CA GLU D 336 -6.52 -29.37 -25.06
C GLU D 336 -7.10 -28.98 -26.41
N ARG D 337 -6.32 -29.15 -27.48
CA ARG D 337 -6.44 -28.29 -28.66
C ARG D 337 -7.87 -28.12 -29.17
N LYS D 338 -8.70 -29.13 -29.06
CA LYS D 338 -10.09 -28.97 -29.47
C LYS D 338 -10.77 -27.80 -28.78
N TYR D 339 -10.51 -27.60 -27.49
CA TYR D 339 -10.96 -26.42 -26.74
C TYR D 339 -10.17 -25.15 -27.03
N SER D 340 -8.92 -25.29 -27.49
CA SER D 340 -7.98 -24.18 -27.42
C SER D 340 -8.49 -22.90 -28.03
N VAL D 341 -9.35 -22.98 -29.05
CA VAL D 341 -9.95 -21.77 -29.58
C VAL D 341 -10.96 -21.13 -28.63
N TRP D 342 -11.63 -21.90 -27.79
CA TRP D 342 -12.42 -21.23 -26.75
C TRP D 342 -11.50 -20.64 -25.69
N ILE D 343 -10.56 -21.43 -25.22
CA ILE D 343 -9.69 -21.02 -24.13
C ILE D 343 -8.99 -19.70 -24.45
N GLY D 344 -8.44 -19.59 -25.66
CA GLY D 344 -7.84 -18.32 -26.03
C GLY D 344 -8.78 -17.15 -25.88
N GLY D 345 -10.06 -17.36 -26.17
CA GLY D 345 -11.03 -16.29 -25.97
C GLY D 345 -11.28 -16.02 -24.51
N SER D 346 -11.28 -17.06 -23.70
CA SER D 346 -11.35 -16.91 -22.25
C SER D 346 -10.24 -16.02 -21.75
N ILE D 347 -9.02 -16.26 -22.20
CA ILE D 347 -7.92 -15.37 -21.83
C ILE D 347 -8.20 -13.96 -22.33
N LEU D 348 -8.49 -13.83 -23.62
CA LEU D 348 -8.47 -12.52 -24.25
C LEU D 348 -9.49 -11.60 -23.62
N ALA D 349 -10.67 -12.12 -23.31
CA ALA D 349 -11.71 -11.26 -22.77
C ALA D 349 -11.42 -10.79 -21.35
N SER D 350 -10.47 -11.43 -20.68
CA SER D 350 -10.13 -11.03 -19.32
C SER D 350 -9.04 -9.96 -19.25
N LEU D 351 -8.22 -9.81 -20.27
CA LEU D 351 -7.13 -8.84 -20.23
C LEU D 351 -7.68 -7.42 -20.14
N SER D 352 -7.11 -6.64 -19.22
CA SER D 352 -7.65 -5.31 -18.97
C SER D 352 -7.41 -4.36 -20.12
N THR D 353 -6.36 -4.58 -20.91
CA THR D 353 -6.17 -3.81 -22.13
C THR D 353 -7.36 -3.94 -23.05
N PHE D 354 -7.92 -5.15 -23.16
CA PHE D 354 -9.05 -5.42 -24.05
C PHE D 354 -10.25 -4.52 -23.82
N GLN D 355 -10.45 -4.01 -22.60
CA GLN D 355 -11.64 -3.21 -22.33
C GLN D 355 -11.78 -2.02 -23.27
N GLN D 356 -10.68 -1.51 -23.81
CA GLN D 356 -10.78 -0.52 -24.88
C GLN D 356 -11.52 -1.05 -26.09
N MET D 357 -11.45 -2.37 -26.33
CA MET D 357 -11.83 -2.93 -27.62
C MET D 357 -13.33 -3.14 -27.82
N TRP D 358 -14.09 -3.40 -26.76
CA TRP D 358 -15.50 -3.76 -26.94
C TRP D 358 -16.24 -2.70 -27.73
N ILE D 359 -16.96 -3.16 -28.75
CA ILE D 359 -17.83 -2.31 -29.55
C ILE D 359 -19.09 -2.09 -28.73
N THR D 360 -19.33 -0.87 -28.29
CA THR D 360 -20.37 -0.73 -27.29
C THR D 360 -21.72 -0.43 -27.92
N LYS D 361 -22.76 -0.77 -27.16
CA LYS D 361 -24.15 -0.59 -27.59
C LYS D 361 -24.43 0.86 -27.97
N GLN D 362 -23.87 1.81 -27.23
CA GLN D 362 -23.92 3.20 -27.61
C GLN D 362 -23.26 3.43 -28.96
N GLU D 363 -22.04 2.94 -29.12
CA GLU D 363 -21.24 3.23 -30.30
C GLU D 363 -21.82 2.56 -31.54
N TYR D 364 -22.41 1.39 -31.39
CA TYR D 364 -23.16 0.81 -32.50
C TYR D 364 -24.43 1.59 -32.80
N ASP D 365 -25.21 1.90 -31.75
CA ASP D 365 -26.49 2.56 -31.99
C ASP D 365 -26.31 3.90 -32.67
N GLU D 366 -25.22 4.58 -32.36
CA GLU D 366 -24.83 5.75 -33.15
C GLU D 366 -24.35 5.38 -34.55
N ALA D 367 -23.43 4.41 -34.66
CA ALA D 367 -22.72 4.25 -35.92
C ALA D 367 -23.33 3.23 -36.87
N GLY D 368 -24.05 2.23 -36.38
CA GLY D 368 -24.57 1.18 -37.22
C GLY D 368 -23.58 0.10 -37.65
N PRO D 369 -24.10 -1.05 -38.04
CA PRO D 369 -23.30 -2.29 -38.02
C PRO D 369 -22.10 -2.28 -38.94
N SER D 370 -21.94 -1.28 -39.80
CA SER D 370 -20.67 -1.11 -40.50
C SER D 370 -19.51 -1.05 -39.53
N ILE D 371 -19.75 -0.54 -38.32
CA ILE D 371 -18.73 -0.34 -37.30
C ILE D 371 -17.92 -1.60 -37.03
N VAL D 372 -18.54 -2.76 -37.16
CA VAL D 372 -17.86 -4.02 -36.88
C VAL D 372 -16.70 -4.23 -37.82
N HIS D 373 -16.81 -3.77 -39.06
CA HIS D 373 -15.65 -3.92 -39.93
C HIS D 373 -14.51 -3.06 -39.44
N ARG D 374 -14.82 -1.82 -39.08
CA ARG D 374 -13.76 -0.83 -38.87
C ARG D 374 -13.02 -1.12 -37.58
N LYS D 375 -13.77 -1.22 -36.48
CA LYS D 375 -13.15 -1.31 -35.16
C LYS D 375 -12.57 -2.69 -34.89
N CYS D 376 -13.25 -3.75 -35.31
CA CYS D 376 -13.08 -5.04 -34.67
C CYS D 376 -11.77 -5.70 -35.08
N PHE D 377 -11.49 -5.79 -36.38
CA PHE D 377 -10.32 -6.53 -36.85
C PHE D 377 -9.08 -5.67 -36.61
MG MG E . 7.00 -5.61 16.00
PB ADP F . 9.59 -2.41 16.51
O1B ADP F . 9.05 -3.30 15.43
O2B ADP F . 9.96 -1.02 16.05
O3B ADP F . 8.79 -2.40 17.79
PA ADP F . 11.20 -3.86 18.26
O1A ADP F . 10.00 -4.74 18.46
O2A ADP F . 12.56 -4.49 18.33
O3A ADP F . 11.00 -3.08 16.87
O5' ADP F . 11.09 -2.64 19.31
C5' ADP F . 12.04 -1.59 19.41
C4' ADP F . 13.37 -1.99 20.03
O4' ADP F . 14.10 -0.84 20.47
C3' ADP F . 13.17 -2.84 21.27
O3' ADP F . 13.76 -4.12 21.06
C2' ADP F . 13.97 -2.14 22.35
O2' ADP F . 15.28 -2.70 22.38
C1' ADP F . 14.04 -0.71 21.89
N9 ADP F . 12.93 0.19 22.30
C8 ADP F . 12.08 0.79 21.47
N7 ADP F . 11.21 1.60 22.12
C5 ADP F . 11.51 1.55 23.41
C6 ADP F . 10.98 2.18 24.63
N6 ADP F . 9.93 3.02 24.58
N1 ADP F . 11.59 1.88 25.79
C2 ADP F . 12.63 1.03 25.84
N3 ADP F . 13.17 0.43 24.76
C4 ADP F . 12.67 0.65 23.52
PB ADP G . -15.63 -26.37 -34.56
O1B ADP G . -16.82 -26.57 -33.69
O2B ADP G . -14.44 -25.78 -33.86
O3B ADP G . -15.91 -25.81 -35.92
PA ADP G . -14.51 -28.76 -33.75
O1A ADP G . -15.53 -28.97 -32.67
O2A ADP G . -13.16 -28.18 -33.44
O3A ADP G . -15.18 -27.87 -34.89
O5' ADP G . -14.32 -30.11 -34.57
C5' ADP G . -15.47 -30.92 -34.75
C4' ADP G . -15.39 -31.66 -36.08
O4' ADP G . -14.32 -32.61 -36.08
C3' ADP G . -16.64 -32.47 -36.29
O3' ADP G . -16.78 -32.79 -37.66
C2' ADP G . -16.32 -33.71 -35.50
O2' ADP G . -17.05 -34.82 -36.01
C1' ADP G . -14.84 -33.90 -35.74
N9 ADP G . -14.21 -34.45 -34.53
C8 ADP G . -14.55 -34.11 -33.27
N7 ADP G . -13.79 -34.79 -32.38
C5 ADP G . -12.96 -35.57 -33.06
C6 ADP G . -11.90 -36.54 -32.73
N6 ADP G . -11.58 -36.81 -31.45
N1 ADP G . -11.26 -37.15 -33.74
C2 ADP G . -11.57 -36.88 -35.01
N3 ADP G . -12.52 -36.02 -35.39
C4 ADP G . -13.24 -35.34 -34.48
MG MG H . -13.08 -24.48 -34.36
#